data_7NJ7
#
_entry.id   7NJ7
#
_cell.length_a   1.00
_cell.length_b   1.00
_cell.length_c   1.00
_cell.angle_alpha   90.00
_cell.angle_beta   90.00
_cell.angle_gamma   90.00
#
_symmetry.space_group_name_H-M   'P 1'
#
loop_
_entity.id
_entity.type
_entity.pdbx_description
1 polymer 'Polymerase acidic protein'
2 polymer 'RNA-directed RNA polymerase catalytic subunit'
3 polymer 'Polymerase basic protein 2,Immunoglobulin G-binding protein A'
4 polymer "RNA (5'-R(P*GP*GP*CP*CP*UP*GP*CP*U)-3')"
5 polymer "RNA (5'-R(P*AP*GP*UP*AP*GP*AP*AP*AP*CP*AP*AP*GP*GP*CP*C-3')"
6 polymer 'Nb8200 core'
#
loop_
_entity_poly.entity_id
_entity_poly.type
_entity_poly.pdbx_seq_one_letter_code
_entity_poly.pdbx_strand_id
1 'polypeptide(L)'
;MEDFVRQCFNPMIVELAEKAMKEYGEDLKIETNKFAAICTHLEVCFMYSDFHFINERGESIIVESGDPNALLKHRFEIIE
GRDRTMAWTVVNSICNTTGAEKPKFLPDLYDYKENRFIEIGVTRREVHIYYLEKANKIKSEKTHIHIFSFTGEEMATKAD
YTLDEESRARIKTRLFTIRQEMASRGLWDSFRQSERGEETIEERFEITGTMRRLADQSLPPNFSSLENFRAYVDGFEPNG
YIEGKLSQMSKEVNARIEPFLKTTPRPLRLPDGPPCSQRSKFLLMDALKLSIEDPSHEGEGIPLYDAIKCMRTFFGWKEP
NVVKPHEKGINPNYLLAWKQVLAELQDIENEEKIPKTKNMKKTSQLKWALGENMAPEKVDFDDCKDVSDLKQYDSDEPEL
RSLASWIQSEFNKACELTDSSWIELDEIGEDVAPIEHIASMRRNYFTAEVSHCRATEYIMKGVYINTALLNASCAAMDDF
QLIPMISKCRTKEGRRKTNLYGFIIKGRSHLRNDTDVVNFVSMEFSLTDPRLEPHKWEKYCVLEIGDMLLRSAIGQVSRP
MFLYVRTNGTSKIKMKWGMEMRRCLLQSLQQIESMIEAESSVKEKDMTKEFFENKSETWPIGESPKGVEEGSIGKVCRTL
LAKSVFNSLYASPQLEGFSAESRKLLLIVQALRDNLEPGTFDLGGLYEAIEECLINDPWVLLNASWFNSFLTHALR
;
A
2 'polypeptide(L)'
;MDVNPTLLFLKVPAQNAISTTFPYTGDPPYSHGTGTGYTMDTVNRTHQYSEKGRWTTNTETGAPQLNPIDGPLPEDNEPS
GYAQTDCVLEAMAFLEESHPGIFENSCLETMEVVQQTRVDKLTQGRQTYDWTLNRNQPAATALANTIEVFRSNGLTANES
GRLIDFLKDVMESMDKEEMEITTHFQRKRRVRDNMTKKMVTQRTIGKKKQRLNKRSYLIRALTLNTMTKDAERGKLKRRA
IATPGMQIRGFVYFVETLARSICEKLEQSGLPVGGNEKKAKLANVVRKMMTNSQDTELSFTITGDNTKWNENQNPRMFLA
MITYITRNQPEWFRNVLSIAPIMFSNKMARLGKGYMFESKSMKLRTQIPAEMLASIDLKYFNDSTRKKIEKIRPLLIDGT
ASLSPGMMMGMFNMLSTVLGVSILNLGQKRYTKTTYWWDGLQSSDDFALIVNAPNHEGIQAGVDRFYRTCKLLGINMSKK
KSYINRTGTFEFTSFFYRYGFVANFSMELPSFGVSGINESADMSIGVTVIKNNMINNDLGPATAQMALQLFIKDYRYTYR
CHRGDTQIQTRRSFEIKKLWEQTRSKAGLLVSDGGPNLYNIRNLHIPEVCLKWELMDEDYQGRLCNPLNPFVSHKEIESV
NNAVMMPAHGPAKNMEYDAVATTHSWIPKRNRSILNTSQRGILEDEQMYQKCCNLFEKFFPSSSYRRPVGISSMVEAMVS
RARIDARIDFESGRIKKEEFAEIMKICSTIEELRRQK
;
B
3 'polypeptide(L)'
;MERIKELRDLMSQSRTREILTKTTVDHMAIIKKYTSGRQEKNPALRMKWMMAMKYPITADKRIMEMIPERNEQGQTLWSK
TNDAGSDRVMVSPLAVTWWNRNGPTTSAVHYPKIYKTYFEKVERLKHGTFGPVHFRNQVKIRRRVDINPGHADLSAKEAQ
DVIMEVVFPNEVGARILTSESQLTITKEKKEELQDCKISPLMVAYMLERELVRKTRFLPVAGGTSSVYIEVLHLTQGTCW
EQMYTPGGEVRNDDVDQSLIIAARNIVRRATVSADPLASLLEMCHSTQIGGIRMVDILRQNPTEEQAVDICKAAMGLRIS
SSFSFGGFTFKRTSGSSVKREEEVLTGNLQTLKIRVHEGYEEFTMVGRRATAILRKATRRLIQLIVSGRDEQSIAEAIIV
AMVFSQEDCMIKAVRGDLNFVNRANQRLNPMHQLLRHFQKDAKVLFQNWGIEPIDNVMGMIGILPDMTPSTEMSMRGVRV
SKMGVDEYSSTERVVVSIDRFLRVRDQRGNVLLSPEEVSETQGTEKLTITYSSSMMWEVNGPESVLVNTYQWIIRNWETV
KIQWSQNPTMLYNKMEFEPFQSLVPKAARGQYSGFVRTLFQQMRDVLGTFDTVQIIKLLPFAAAPPKQSRMQFSSLTVNV
RGSGMRILVRGNSPVFNYNKATKRLTVLGKDAGALTEDPDEGTAGVESAVLRGFLILGKEDRRYGPALSINELSNLAKGE
KANVLIGQGDVVLVMKRKRDSSILTDSQTATKRIRMAINENLYFQGELKTAALAQHDEAVDNKFNKEQQNAFYEILHLPN
LNEEQRNAFIQSLKDDPSQSANLLAEAKKLNDAQAPKVDNKFNKEQQNAFYEILHLPNLNEEQRNAFIQSLKADPSQSAN
LLAEAKKLNGAQAPKVDANSAGKST
;
C
4 'polyribonucleotide' GGCCUGCUUUUGCUAUU E
5 'polyribonucleotide' AGUAGAAACAAGGCC D
6 'polypeptide(L)'
;QVQLQESGGGLVQAGDSLRLSCAASGRTFSGYIMAWFRQTPGKERELVARLGPSSSIQYYRDSVKGRFTLSRDNAKNTLY
LQMNSLKPEDTAVYYCAFTLKWSSDYRSHNAYDYWGQGTQVTVSSHHHHHHEPEA
;
F
#
loop_
_chem_comp.id
_chem_comp.type
_chem_comp.name
_chem_comp.formula
A RNA linking ADENOSINE-5'-MONOPHOSPHATE 'C10 H14 N5 O7 P'
C RNA linking CYTIDINE-5'-MONOPHOSPHATE 'C9 H14 N3 O8 P'
G RNA linking GUANOSINE-5'-MONOPHOSPHATE 'C10 H14 N5 O8 P'
U RNA linking URIDINE-5'-MONOPHOSPHATE 'C9 H13 N2 O9 P'
#
# COMPACT_ATOMS: atom_id res chain seq x y z
N MET A 1 43.38 33.50 2.60
CA MET A 1 42.38 34.52 3.05
C MET A 1 41.55 33.97 4.21
N GLU A 2 41.30 32.66 4.18
CA GLU A 2 40.54 32.01 5.25
C GLU A 2 41.19 32.16 6.62
N ASP A 3 42.49 32.44 6.67
CA ASP A 3 43.14 32.65 7.95
C ASP A 3 42.50 33.81 8.71
N PHE A 4 42.00 34.81 7.98
CA PHE A 4 41.33 35.94 8.61
C PHE A 4 40.10 35.49 9.39
N VAL A 5 39.27 34.63 8.80
CA VAL A 5 38.08 34.14 9.49
C VAL A 5 38.43 33.09 10.54
N ARG A 6 39.58 32.44 10.41
CA ARG A 6 40.12 31.66 11.53
C ARG A 6 40.41 32.57 12.73
N GLN A 7 41.03 33.72 12.46
CA GLN A 7 41.54 34.55 13.55
C GLN A 7 40.43 35.36 14.21
N CYS A 8 39.78 36.24 13.46
CA CYS A 8 39.02 37.32 14.10
C CYS A 8 37.66 36.85 14.61
N PHE A 9 36.79 36.40 13.72
CA PHE A 9 35.39 36.23 14.06
C PHE A 9 35.16 35.08 15.04
N ASN A 10 34.10 35.22 15.82
CA ASN A 10 33.76 34.24 16.85
C ASN A 10 33.28 32.94 16.22
N PRO A 11 33.30 31.84 16.98
CA PRO A 11 32.82 30.57 16.41
C PRO A 11 31.39 30.65 15.88
N MET A 12 30.45 31.09 16.73
CA MET A 12 29.04 31.14 16.34
C MET A 12 28.87 31.61 14.89
N ILE A 13 29.47 32.75 14.54
CA ILE A 13 29.27 33.28 13.20
C ILE A 13 29.95 32.40 12.15
N VAL A 14 31.12 31.82 12.46
CA VAL A 14 31.82 31.07 11.42
C VAL A 14 31.07 29.80 11.08
N GLU A 15 30.52 29.10 12.09
CA GLU A 15 29.71 27.93 11.72
C GLU A 15 28.36 28.31 11.14
N LEU A 16 27.78 29.44 11.53
CA LEU A 16 26.57 29.89 10.83
C LEU A 16 26.86 30.12 9.35
N ALA A 17 27.99 30.77 9.06
CA ALA A 17 28.36 31.02 7.67
C ALA A 17 28.73 29.73 6.96
N GLU A 18 29.29 28.75 7.67
CA GLU A 18 29.60 27.47 7.05
C GLU A 18 28.34 26.71 6.68
N LYS A 19 27.32 26.75 7.52
CA LYS A 19 26.05 26.13 7.15
C LYS A 19 25.37 26.88 6.02
N ALA A 20 25.45 28.21 6.01
CA ALA A 20 24.95 28.96 4.86
C ALA A 20 25.73 28.60 3.60
N MET A 21 27.01 28.26 3.77
CA MET A 21 27.83 27.82 2.65
C MET A 21 27.32 26.50 2.10
N LYS A 22 27.06 25.54 3.00
CA LYS A 22 26.48 24.26 2.60
C LYS A 22 25.08 24.42 2.00
N GLU A 23 24.36 25.49 2.37
CA GLU A 23 22.98 25.68 1.92
C GLU A 23 22.85 25.53 0.41
N TYR A 24 23.55 26.37 -0.36
CA TYR A 24 23.41 26.39 -1.80
C TYR A 24 24.39 25.47 -2.52
N GLY A 25 25.18 24.70 -1.78
CA GLY A 25 25.88 23.57 -2.36
C GLY A 25 27.18 23.86 -3.09
N GLU A 26 27.77 25.04 -2.91
CA GLU A 26 29.07 25.32 -3.51
C GLU A 26 30.17 25.15 -2.48
N ASP A 27 31.37 24.83 -2.96
CA ASP A 27 32.48 24.48 -2.10
C ASP A 27 33.31 25.71 -1.72
N LEU A 28 33.80 25.71 -0.48
CA LEU A 28 34.49 26.86 0.07
C LEU A 28 35.93 26.99 -0.40
N LYS A 29 36.54 25.91 -0.90
CA LYS A 29 37.94 25.97 -1.28
C LYS A 29 38.17 26.73 -2.58
N ILE A 30 37.16 26.80 -3.45
CA ILE A 30 37.34 27.46 -4.73
C ILE A 30 37.23 28.99 -4.61
N GLU A 31 36.27 29.49 -3.85
CA GLU A 31 36.08 30.93 -3.70
C GLU A 31 35.66 31.21 -2.28
N THR A 32 36.55 31.83 -1.50
CA THR A 32 36.30 32.11 -0.08
C THR A 32 35.93 33.55 0.21
N ASN A 33 36.23 34.49 -0.70
CA ASN A 33 35.89 35.88 -0.44
C ASN A 33 34.40 36.06 -0.20
N LYS A 34 33.56 35.25 -0.85
CA LYS A 34 32.13 35.29 -0.57
C LYS A 34 31.86 34.94 0.88
N PHE A 35 32.57 33.93 1.39
CA PHE A 35 32.40 33.54 2.79
C PHE A 35 32.67 34.71 3.71
N ALA A 36 33.80 35.39 3.51
CA ALA A 36 34.15 36.53 4.35
C ALA A 36 33.14 37.66 4.21
N ALA A 37 32.74 37.97 2.98
CA ALA A 37 31.82 39.09 2.77
C ALA A 37 30.49 38.84 3.45
N ILE A 38 29.90 37.65 3.23
CA ILE A 38 28.60 37.37 3.82
C ILE A 38 28.70 37.13 5.33
N CYS A 39 29.84 36.67 5.84
CA CYS A 39 29.98 36.56 7.29
C CYS A 39 30.10 37.93 7.93
N THR A 40 30.74 38.89 7.25
CA THR A 40 30.71 40.26 7.75
C THR A 40 29.32 40.86 7.68
N HIS A 41 28.57 40.55 6.61
CA HIS A 41 27.16 40.96 6.56
C HIS A 41 26.39 40.41 7.76
N LEU A 42 26.59 39.12 8.05
CA LEU A 42 25.92 38.49 9.18
C LEU A 42 26.36 39.10 10.49
N GLU A 43 27.64 39.44 10.61
CA GLU A 43 28.15 40.07 11.82
C GLU A 43 27.52 41.43 12.05
N VAL A 44 27.43 42.24 10.99
CA VAL A 44 26.79 43.55 11.15
C VAL A 44 25.32 43.35 11.51
N CYS A 45 24.68 42.31 10.94
CA CYS A 45 23.31 42.00 11.31
C CYS A 45 23.19 41.76 12.82
N PHE A 46 24.03 40.87 13.36
CA PHE A 46 24.00 40.66 14.81
C PHE A 46 24.24 41.96 15.55
N MET A 47 25.41 42.56 15.32
CA MET A 47 25.85 43.68 16.13
C MET A 47 24.87 44.84 16.05
N TYR A 48 24.08 44.90 14.98
CA TYR A 48 23.04 45.90 14.80
C TYR A 48 21.76 45.50 15.53
N SER A 49 21.50 44.20 15.63
CA SER A 49 20.28 43.72 16.29
C SER A 49 20.46 43.60 17.79
N ASP A 50 21.53 42.95 18.23
CA ASP A 50 21.74 42.73 19.66
C ASP A 50 22.00 44.07 20.37
N PHE A 51 22.06 44.00 21.69
CA PHE A 51 22.30 45.17 22.53
C PHE A 51 21.17 46.20 22.38
N HIS A 52 20.06 45.80 21.75
CA HIS A 52 18.94 46.70 21.49
C HIS A 52 17.66 46.01 21.94
N PHE A 53 17.07 46.51 23.02
CA PHE A 53 15.88 45.93 23.61
C PHE A 53 14.78 46.97 23.67
N ILE A 54 13.54 46.50 23.89
CA ILE A 54 12.38 47.36 24.01
C ILE A 54 11.57 46.91 25.22
N ASN A 55 10.87 47.86 25.82
CA ASN A 55 9.88 47.62 26.85
C ASN A 55 8.50 48.01 26.32
N GLU A 56 7.49 47.96 27.19
CA GLU A 56 6.11 48.20 26.78
C GLU A 56 5.95 49.51 26.00
N ARG A 57 6.87 50.46 26.16
CA ARG A 57 6.85 51.68 25.36
C ARG A 57 7.47 51.40 23.99
N GLY A 58 7.73 52.47 23.25
CA GLY A 58 8.59 52.41 22.08
C GLY A 58 10.03 52.60 22.54
N GLU A 59 10.71 53.60 21.98
CA GLU A 59 11.91 54.18 22.59
C GLU A 59 12.80 53.10 23.20
N SER A 60 13.30 52.23 22.33
CA SER A 60 14.04 51.03 22.74
C SER A 60 14.96 51.29 23.92
N ILE A 61 14.95 50.38 24.87
CA ILE A 61 15.90 50.39 25.98
C ILE A 61 17.18 49.70 25.51
N ILE A 62 18.31 50.41 25.62
CA ILE A 62 19.59 49.91 25.15
C ILE A 62 20.44 49.61 26.38
N VAL A 63 20.82 48.34 26.54
CA VAL A 63 21.63 47.89 27.66
C VAL A 63 22.81 47.09 27.11
N GLU A 64 24.01 47.38 27.62
CA GLU A 64 25.20 46.65 27.18
C GLU A 64 25.14 45.18 27.53
N SER A 65 24.35 44.81 28.55
CA SER A 65 24.22 43.41 28.94
C SER A 65 22.81 43.20 29.50
N GLY A 66 22.08 42.25 28.93
CA GLY A 66 20.73 41.97 29.38
C GLY A 66 20.68 41.48 30.81
N ASP A 67 20.03 42.24 31.68
CA ASP A 67 19.92 41.88 33.08
C ASP A 67 18.86 40.80 33.27
N PRO A 68 18.96 40.02 34.35
CA PRO A 68 17.95 38.97 34.59
C PRO A 68 16.58 39.58 34.84
N ASN A 69 15.65 39.31 33.90
CA ASN A 69 14.30 39.86 34.00
C ASN A 69 13.43 39.32 32.88
N ALA A 70 12.13 39.61 32.93
CA ALA A 70 11.25 39.36 31.80
C ALA A 70 11.44 40.39 30.70
N LEU A 71 12.22 41.44 30.96
CA LEU A 71 12.42 42.54 30.01
C LEU A 71 13.67 42.29 29.17
N LEU A 72 13.60 41.23 28.36
CA LEU A 72 14.68 40.86 27.44
C LEU A 72 14.24 40.93 25.98
N LYS A 73 13.15 41.65 25.68
CA LYS A 73 12.71 41.83 24.31
C LYS A 73 13.83 42.43 23.47
N HIS A 74 13.95 41.95 22.24
CA HIS A 74 14.95 42.43 21.29
C HIS A 74 14.33 43.45 20.35
N ARG A 75 15.00 44.59 20.17
CA ARG A 75 14.48 45.63 19.29
C ARG A 75 14.34 45.11 17.86
N PHE A 76 15.41 44.57 17.31
CA PHE A 76 15.42 44.04 15.96
C PHE A 76 15.58 42.52 16.03
N GLU A 77 14.70 41.80 15.35
CA GLU A 77 14.73 40.34 15.35
C GLU A 77 15.19 39.85 13.99
N ILE A 78 16.16 38.93 13.99
CA ILE A 78 16.94 38.66 12.80
C ILE A 78 16.19 37.72 11.86
N ILE A 79 16.37 37.94 10.56
CA ILE A 79 15.79 37.08 9.53
C ILE A 79 16.84 36.09 9.06
N GLU A 80 17.98 36.59 8.59
CA GLU A 80 19.04 35.75 8.06
C GLU A 80 19.69 35.01 9.23
N GLY A 81 20.69 34.18 8.92
CA GLY A 81 21.20 33.26 9.92
C GLY A 81 20.35 32.03 10.06
N ARG A 82 19.44 31.80 9.12
CA ARG A 82 18.49 30.70 9.15
C ARG A 82 18.43 30.09 7.76
N ASP A 83 17.81 28.91 7.67
CA ASP A 83 17.63 28.28 6.37
C ASP A 83 16.56 29.00 5.57
N ARG A 84 16.56 28.78 4.26
CA ARG A 84 15.59 29.44 3.40
C ARG A 84 14.17 29.09 3.82
N THR A 85 13.92 27.82 4.17
CA THR A 85 12.59 27.42 4.60
C THR A 85 12.16 28.20 5.83
N MET A 86 13.04 28.32 6.83
CA MET A 86 12.67 29.07 8.02
C MET A 86 12.66 30.58 7.77
N ALA A 87 13.54 31.09 6.90
CA ALA A 87 13.49 32.51 6.59
C ALA A 87 12.13 32.88 5.99
N TRP A 88 11.63 32.04 5.10
CA TRP A 88 10.32 32.29 4.52
C TRP A 88 9.20 31.98 5.52
N THR A 89 9.44 31.05 6.45
CA THR A 89 8.49 30.84 7.54
C THR A 89 8.32 32.12 8.36
N VAL A 90 9.43 32.74 8.76
CA VAL A 90 9.36 33.98 9.53
C VAL A 90 8.75 35.09 8.69
N VAL A 91 9.09 35.17 7.41
CA VAL A 91 8.50 36.19 6.55
C VAL A 91 6.99 36.06 6.55
N ASN A 92 6.48 34.85 6.29
CA ASN A 92 5.04 34.66 6.20
C ASN A 92 4.37 34.89 7.55
N SER A 93 4.99 34.43 8.64
CA SER A 93 4.39 34.63 9.96
C SER A 93 4.29 36.11 10.29
N ILE A 94 5.35 36.87 10.00
CA ILE A 94 5.32 38.31 10.27
C ILE A 94 4.24 38.98 9.43
N CYS A 95 4.15 38.60 8.15
CA CYS A 95 3.13 39.20 7.29
C CYS A 95 1.73 38.90 7.79
N ASN A 96 1.49 37.66 8.24
CA ASN A 96 0.16 37.29 8.69
C ASN A 96 -0.19 37.85 10.06
N THR A 97 0.81 38.13 10.90
CA THR A 97 0.54 38.71 12.22
C THR A 97 0.61 40.23 12.21
N THR A 98 1.55 40.80 11.46
CA THR A 98 1.69 42.25 11.39
C THR A 98 0.78 42.89 10.35
N GLY A 99 0.14 42.11 9.49
CA GLY A 99 -0.71 42.66 8.45
C GLY A 99 0.06 43.48 7.43
N ALA A 100 1.37 43.26 7.35
CA ALA A 100 2.21 43.98 6.43
C ALA A 100 2.25 43.27 5.08
N GLU A 101 3.04 43.81 4.16
CA GLU A 101 3.16 43.24 2.82
C GLU A 101 4.33 42.27 2.76
N LYS A 102 4.18 41.22 1.96
CA LYS A 102 5.20 40.17 1.89
C LYS A 102 6.24 40.54 0.85
N PRO A 103 7.51 40.70 1.23
CA PRO A 103 8.55 40.93 0.22
C PRO A 103 8.86 39.66 -0.55
N LYS A 104 9.42 39.86 -1.74
CA LYS A 104 9.73 38.75 -2.64
C LYS A 104 11.14 38.20 -2.42
N PHE A 105 12.01 38.95 -1.74
CA PHE A 105 13.37 38.52 -1.43
C PHE A 105 13.56 38.47 0.08
N LEU A 106 14.76 38.07 0.49
CA LEU A 106 15.06 37.83 1.90
C LEU A 106 15.37 39.15 2.61
N PRO A 107 14.59 39.54 3.63
CA PRO A 107 15.03 40.66 4.48
C PRO A 107 16.05 40.20 5.51
N ASP A 108 16.46 41.09 6.40
CA ASP A 108 17.46 40.79 7.40
C ASP A 108 17.00 40.97 8.84
N LEU A 109 16.01 41.82 9.08
CA LEU A 109 15.61 42.15 10.45
C LEU A 109 14.17 42.65 10.43
N TYR A 110 13.51 42.57 11.58
CA TYR A 110 12.20 43.18 11.76
C TYR A 110 12.19 44.04 13.01
N ASP A 111 11.45 45.15 12.95
CA ASP A 111 11.33 46.11 14.03
C ASP A 111 9.87 46.45 14.29
N TYR A 112 9.58 46.75 15.56
CA TYR A 112 8.22 47.00 16.03
C TYR A 112 7.80 48.46 15.85
N LYS A 113 8.60 49.40 16.36
CA LYS A 113 8.26 50.83 16.31
C LYS A 113 7.65 51.17 14.96
N GLU A 114 8.39 50.88 13.91
CA GLU A 114 7.99 51.13 12.53
C GLU A 114 7.37 49.91 11.87
N ASN A 115 7.28 48.79 12.59
CA ASN A 115 6.54 47.60 12.16
C ASN A 115 6.94 47.20 10.74
N ARG A 116 8.22 46.94 10.54
CA ARG A 116 8.65 46.62 9.18
C ARG A 116 10.06 46.04 9.17
N PHE A 117 10.50 45.68 7.96
CA PHE A 117 11.72 44.93 7.71
C PHE A 117 12.91 45.85 7.47
N ILE A 118 14.10 45.28 7.65
CA ILE A 118 15.37 45.95 7.34
C ILE A 118 16.20 44.95 6.55
N GLU A 119 16.71 45.38 5.40
CA GLU A 119 17.59 44.55 4.56
C GLU A 119 18.98 45.19 4.60
N ILE A 120 19.80 44.76 5.54
CA ILE A 120 21.12 45.34 5.71
C ILE A 120 22.09 44.70 4.72
N GLY A 121 22.80 45.55 3.98
CA GLY A 121 23.87 45.07 3.13
C GLY A 121 25.01 46.07 3.09
N VAL A 122 26.21 45.62 3.46
CA VAL A 122 27.41 46.44 3.44
C VAL A 122 28.29 45.91 2.33
N THR A 123 28.38 46.65 1.23
CA THR A 123 29.15 46.24 0.08
C THR A 123 30.45 47.04 0.00
N ARG A 124 31.39 46.50 -0.78
CA ARG A 124 32.67 47.16 -0.96
C ARG A 124 32.49 48.51 -1.67
N ARG A 125 31.64 48.54 -2.69
CA ARG A 125 31.39 49.78 -3.42
C ARG A 125 30.66 50.78 -2.54
N GLU A 126 30.67 52.04 -2.97
CA GLU A 126 30.04 53.11 -2.20
C GLU A 126 28.53 52.90 -2.16
N VAL A 127 27.90 53.48 -1.13
CA VAL A 127 26.50 53.19 -0.83
C VAL A 127 25.58 53.71 -1.93
N HIS A 128 25.81 54.95 -2.38
CA HIS A 128 24.82 55.67 -3.18
C HIS A 128 24.54 55.03 -4.53
N ILE A 129 25.16 53.90 -4.84
CA ILE A 129 24.81 53.10 -6.01
C ILE A 129 24.21 51.76 -5.63
N TYR A 130 24.84 51.07 -4.67
CA TYR A 130 24.34 49.78 -4.21
C TYR A 130 22.93 49.91 -3.64
N TYR A 131 22.64 51.04 -2.98
CA TYR A 131 21.32 51.25 -2.39
C TYR A 131 20.24 51.15 -3.46
N LEU A 132 20.28 52.04 -4.44
CA LEU A 132 19.28 52.00 -5.50
C LEU A 132 19.38 50.75 -6.36
N GLU A 133 20.55 50.10 -6.43
CA GLU A 133 20.63 48.81 -7.11
C GLU A 133 19.71 47.81 -6.44
N LYS A 134 19.96 47.51 -5.17
CA LYS A 134 19.08 46.58 -4.47
C LYS A 134 17.65 47.09 -4.41
N ALA A 135 17.44 48.41 -4.46
CA ALA A 135 16.09 48.94 -4.47
C ALA A 135 15.35 48.57 -5.75
N ASN A 136 16.02 48.65 -6.90
CA ASN A 136 15.36 48.27 -8.14
C ASN A 136 15.33 46.75 -8.30
N LYS A 137 16.13 46.03 -7.53
CA LYS A 137 15.94 44.58 -7.45
C LYS A 137 14.64 44.23 -6.73
N ILE A 138 14.23 45.04 -5.75
CA ILE A 138 13.05 44.76 -4.93
C ILE A 138 11.92 45.66 -5.44
N LYS A 139 10.76 45.06 -5.69
CA LYS A 139 9.67 45.76 -6.38
C LYS A 139 8.76 46.47 -5.38
N SER A 140 8.60 47.78 -5.57
CA SER A 140 7.62 48.57 -4.82
C SER A 140 7.68 48.23 -3.34
N GLU A 141 8.82 48.50 -2.70
CA GLU A 141 9.08 48.03 -1.35
C GLU A 141 8.83 49.13 -0.34
N LYS A 142 8.09 48.79 0.72
CA LYS A 142 7.94 49.65 1.87
C LYS A 142 8.92 49.34 2.99
N THR A 143 9.47 48.13 3.01
CA THR A 143 10.59 47.83 3.89
C THR A 143 11.71 48.84 3.67
N HIS A 144 12.10 49.52 4.74
CA HIS A 144 13.18 50.48 4.67
C HIS A 144 14.51 49.75 4.48
N ILE A 145 15.38 50.34 3.67
CA ILE A 145 16.68 49.77 3.34
C ILE A 145 17.75 50.70 3.89
N HIS A 146 18.81 50.11 4.44
CA HIS A 146 19.93 50.88 4.99
C HIS A 146 21.21 50.11 4.74
N ILE A 147 22.21 50.78 4.19
CA ILE A 147 23.48 50.16 3.80
C ILE A 147 24.64 51.05 4.25
N PHE A 148 25.73 50.41 4.66
CA PHE A 148 27.00 51.07 4.87
C PHE A 148 27.99 50.68 3.78
N SER A 149 29.12 51.37 3.76
CA SER A 149 30.24 51.02 2.88
C SER A 149 31.53 51.43 3.56
N PHE A 150 32.63 50.82 3.11
CA PHE A 150 33.88 50.85 3.89
C PHE A 150 34.38 52.27 4.14
N THR A 151 34.09 53.21 3.24
CA THR A 151 34.61 54.57 3.43
C THR A 151 34.06 55.20 4.70
N GLY A 152 32.95 54.69 5.23
CA GLY A 152 32.40 55.16 6.49
C GLY A 152 31.08 55.87 6.35
N GLU A 153 30.57 55.97 5.14
CA GLU A 153 29.36 56.73 4.88
C GLU A 153 28.11 55.88 5.10
N GLU A 154 27.03 56.55 5.50
CA GLU A 154 25.72 55.93 5.65
C GLU A 154 24.70 56.68 4.81
N MET A 155 23.61 56.00 4.48
CA MET A 155 22.54 56.62 3.72
C MET A 155 21.26 55.84 3.95
N ALA A 156 20.14 56.46 3.59
CA ALA A 156 18.85 55.79 3.63
C ALA A 156 17.76 56.68 3.05
N THR A 157 16.70 56.07 2.51
CA THR A 157 15.57 56.85 2.05
C THR A 157 14.80 57.39 3.26
N LYS A 158 13.95 58.37 3.02
CA LYS A 158 13.25 59.12 4.06
C LYS A 158 14.22 59.84 5.00
N ALA A 159 15.51 59.85 4.67
CA ALA A 159 16.54 60.32 5.61
C ALA A 159 16.41 59.62 6.95
N ASP A 160 15.88 58.40 6.95
CA ASP A 160 15.53 57.69 8.16
C ASP A 160 16.69 56.83 8.64
N TYR A 161 17.04 56.98 9.92
CA TYR A 161 18.01 56.12 10.59
C TYR A 161 17.36 55.68 11.90
N THR A 162 17.16 54.38 12.06
CA THR A 162 16.12 53.87 12.95
C THR A 162 16.53 53.78 14.42
N LEU A 163 17.79 53.96 14.76
CA LEU A 163 18.18 53.84 16.18
C LEU A 163 19.36 54.75 16.45
N ASP A 164 19.97 54.57 17.63
CA ASP A 164 21.03 55.44 18.14
C ASP A 164 22.18 55.60 17.15
N GLU A 165 22.84 56.75 17.18
CA GLU A 165 23.98 57.02 16.33
C GLU A 165 25.28 56.44 16.87
N GLU A 166 25.39 56.25 18.19
CA GLU A 166 26.58 55.61 18.73
C GLU A 166 26.69 54.18 18.23
N SER A 167 25.55 53.50 18.02
CA SER A 167 25.58 52.19 17.40
C SER A 167 26.15 52.25 15.99
N ARG A 168 25.80 53.28 15.23
CA ARG A 168 26.33 53.41 13.88
C ARG A 168 27.82 53.76 13.89
N ALA A 169 28.26 54.54 14.87
CA ALA A 169 29.70 54.75 15.06
C ALA A 169 30.38 53.42 15.34
N ARG A 170 29.74 52.58 16.15
CA ARG A 170 30.19 51.22 16.36
C ARG A 170 30.34 50.47 15.03
N ILE A 171 29.31 50.56 14.19
CA ILE A 171 29.29 49.86 12.91
C ILE A 171 30.48 50.28 12.06
N LYS A 172 30.68 51.59 11.91
CA LYS A 172 31.75 52.07 11.04
C LYS A 172 33.14 51.87 11.65
N THR A 173 33.25 51.86 12.98
CA THR A 173 34.51 51.48 13.61
C THR A 173 34.84 50.03 13.31
N ARG A 174 33.85 49.16 13.40
CA ARG A 174 34.00 47.76 13.03
C ARG A 174 34.43 47.68 11.57
N LEU A 175 33.81 48.52 10.75
CA LEU A 175 34.04 48.54 9.31
C LEU A 175 35.49 48.89 8.98
N PHE A 176 35.99 49.99 9.52
CA PHE A 176 37.38 50.35 9.28
C PHE A 176 38.36 49.44 10.00
N THR A 177 37.97 48.80 11.10
CA THR A 177 38.80 47.73 11.65
C THR A 177 39.00 46.65 10.60
N ILE A 178 37.91 46.22 9.97
CA ILE A 178 38.01 45.24 8.89
C ILE A 178 38.96 45.76 7.82
N ARG A 179 38.74 47.01 7.40
CA ARG A 179 39.49 47.57 6.28
C ARG A 179 40.99 47.62 6.57
N GLN A 180 41.40 48.40 7.57
CA GLN A 180 42.82 48.47 7.87
C GLN A 180 43.32 47.26 8.66
N GLU A 181 42.57 46.16 8.72
CA GLU A 181 43.21 44.89 9.05
C GLU A 181 43.54 44.12 7.78
N MET A 182 42.65 44.10 6.79
CA MET A 182 43.10 43.59 5.50
C MET A 182 44.31 44.38 5.02
N ALA A 183 44.41 45.65 5.44
CA ALA A 183 45.60 46.42 5.10
C ALA A 183 46.86 45.67 5.52
N SER A 184 46.87 45.13 6.74
CA SER A 184 47.93 44.22 7.14
C SER A 184 47.92 42.93 6.33
N ARG A 185 46.75 42.49 5.88
CA ARG A 185 46.68 41.25 5.08
C ARG A 185 46.97 41.52 3.61
N GLY A 186 46.19 42.41 2.97
CA GLY A 186 46.46 42.80 1.60
C GLY A 186 45.61 42.12 0.53
N LEU A 187 44.28 42.20 0.66
CA LEU A 187 43.37 41.41 -0.17
C LEU A 187 42.67 42.19 -1.28
N TRP A 188 42.83 43.50 -1.37
CA TRP A 188 41.99 44.27 -2.30
C TRP A 188 42.31 44.02 -3.77
N ASP A 189 43.33 43.22 -4.08
CA ASP A 189 43.52 42.84 -5.49
C ASP A 189 42.29 42.11 -6.03
N SER A 190 41.47 41.55 -5.14
CA SER A 190 40.22 40.90 -5.52
C SER A 190 39.06 41.22 -4.59
N PHE A 191 39.29 41.88 -3.46
CA PHE A 191 38.24 42.03 -2.45
C PHE A 191 37.07 42.83 -2.99
N ARG A 192 37.34 43.92 -3.72
CA ARG A 192 36.26 44.73 -4.27
C ARG A 192 35.41 43.92 -5.23
N GLN A 193 36.05 43.15 -6.11
CA GLN A 193 35.37 42.35 -7.13
C GLN A 193 35.92 40.93 -7.07
N SER A 194 35.23 40.06 -6.33
CA SER A 194 35.58 38.65 -6.24
C SER A 194 34.44 37.71 -6.56
N GLU A 195 33.19 38.16 -6.50
CA GLU A 195 32.03 37.35 -6.82
C GLU A 195 31.30 37.98 -8.00
N ARG A 196 30.95 37.17 -8.99
CA ARG A 196 30.27 37.63 -10.19
C ARG A 196 28.97 36.88 -10.45
N GLY A 197 28.54 36.03 -9.53
CA GLY A 197 27.29 35.30 -9.70
C GLY A 197 27.42 34.08 -10.59
N GLU A 198 28.28 33.15 -10.22
CA GLU A 198 28.45 31.91 -10.97
C GLU A 198 27.54 30.83 -10.39
N GLU A 199 26.71 30.24 -11.24
CA GLU A 199 25.87 29.10 -10.85
C GLU A 199 25.87 28.10 -12.00
N THR A 200 26.62 27.01 -11.81
CA THR A 200 26.70 25.96 -12.81
C THR A 200 27.26 24.71 -12.15
N ILE A 201 26.79 23.55 -12.61
CA ILE A 201 27.24 22.27 -12.08
C ILE A 201 26.89 21.20 -13.09
N GLU A 202 27.71 20.16 -13.16
CA GLU A 202 27.50 19.02 -14.03
C GLU A 202 27.31 17.78 -13.17
N GLU A 203 26.24 17.04 -13.43
CA GLU A 203 25.96 15.83 -12.66
C GLU A 203 26.89 14.71 -13.11
N ARG A 204 27.51 14.03 -12.14
CA ARG A 204 28.52 13.01 -12.42
C ARG A 204 28.08 11.71 -11.77
N PHE A 205 27.83 10.70 -12.59
CA PHE A 205 27.47 9.36 -12.13
C PHE A 205 28.44 8.39 -12.79
N GLU A 206 29.57 8.16 -12.13
CA GLU A 206 30.69 7.42 -12.71
C GLU A 206 30.69 5.98 -12.21
N ILE A 207 30.75 5.03 -13.15
CA ILE A 207 30.92 3.62 -12.80
C ILE A 207 32.41 3.34 -12.67
N THR A 208 32.82 2.89 -11.49
CA THR A 208 34.22 2.62 -11.23
C THR A 208 34.33 1.60 -10.10
N GLY A 209 35.53 1.04 -9.95
CA GLY A 209 35.75 0.05 -8.92
C GLY A 209 35.06 -1.25 -9.24
N THR A 210 34.64 -1.95 -8.17
CA THR A 210 34.03 -3.27 -8.34
C THR A 210 32.84 -3.21 -9.28
N MET A 211 31.99 -2.18 -9.14
CA MET A 211 30.80 -2.11 -9.97
C MET A 211 31.14 -2.02 -11.44
N ARG A 212 32.32 -1.51 -11.79
CA ARG A 212 32.74 -1.52 -13.20
C ARG A 212 33.03 -2.93 -13.66
N ARG A 213 33.73 -3.72 -12.85
CA ARG A 213 34.05 -5.09 -13.24
C ARG A 213 32.79 -5.91 -13.45
N LEU A 214 31.79 -5.73 -12.58
CA LEU A 214 30.51 -6.38 -12.79
C LEU A 214 29.92 -6.00 -14.14
N ALA A 215 30.07 -4.74 -14.55
CA ALA A 215 29.59 -4.33 -15.85
C ALA A 215 30.33 -5.04 -16.97
N ASP A 216 31.60 -5.38 -16.76
CA ASP A 216 32.38 -6.11 -17.75
C ASP A 216 31.99 -7.58 -17.83
N GLN A 217 31.22 -8.09 -16.87
CA GLN A 217 30.79 -9.48 -16.86
C GLN A 217 29.29 -9.63 -17.12
N SER A 218 28.65 -8.60 -17.65
CA SER A 218 27.23 -8.61 -17.96
C SER A 218 27.00 -8.23 -19.41
N LEU A 219 27.89 -8.68 -20.29
CA LEU A 219 27.84 -8.40 -21.72
C LEU A 219 27.62 -9.68 -22.51
N PRO A 220 27.33 -9.58 -23.79
CA PRO A 220 27.24 -10.78 -24.64
C PRO A 220 28.53 -11.58 -24.57
N PRO A 221 28.52 -12.83 -25.06
CA PRO A 221 29.67 -13.71 -24.82
C PRO A 221 30.98 -13.18 -25.39
N ASN A 222 30.94 -12.51 -26.53
CA ASN A 222 32.16 -12.10 -27.24
C ASN A 222 32.46 -10.61 -27.08
N PHE A 223 32.21 -10.06 -25.89
CA PHE A 223 32.57 -8.69 -25.56
C PHE A 223 33.41 -8.66 -24.31
N SER A 224 34.33 -7.69 -24.24
CA SER A 224 35.31 -7.63 -23.17
C SER A 224 35.10 -6.48 -22.20
N SER A 225 34.44 -5.40 -22.60
CA SER A 225 34.27 -4.25 -21.72
C SER A 225 32.99 -3.52 -22.09
N LEU A 226 32.42 -2.83 -21.10
CA LEU A 226 31.22 -2.05 -21.35
C LEU A 226 31.48 -0.93 -22.35
N GLU A 227 32.69 -0.37 -22.33
CA GLU A 227 33.05 0.65 -23.31
C GLU A 227 32.92 0.11 -24.73
N ASN A 228 33.52 -1.06 -24.97
CA ASN A 228 33.48 -1.64 -26.31
C ASN A 228 32.06 -1.99 -26.73
N PHE A 229 31.27 -2.55 -25.82
CA PHE A 229 29.90 -2.91 -26.16
C PHE A 229 29.07 -1.68 -26.47
N ARG A 230 29.22 -0.61 -25.68
CA ARG A 230 28.49 0.62 -25.98
C ARG A 230 28.93 1.23 -27.30
N ALA A 231 30.23 1.18 -27.60
CA ALA A 231 30.69 1.67 -28.90
C ALA A 231 30.08 0.87 -30.03
N TYR A 232 30.04 -0.46 -29.88
CA TYR A 232 29.43 -1.30 -30.90
C TYR A 232 27.95 -0.98 -31.07
N VAL A 233 27.23 -0.78 -29.97
CA VAL A 233 25.81 -0.46 -30.05
C VAL A 233 25.62 0.87 -30.77
N ASP A 234 26.41 1.88 -30.40
CA ASP A 234 26.29 3.17 -31.06
C ASP A 234 26.60 3.07 -32.55
N GLY A 235 27.57 2.25 -32.93
CA GLY A 235 27.89 2.03 -34.31
C GLY A 235 27.01 1.03 -35.02
N PHE A 236 26.09 0.37 -34.31
CA PHE A 236 25.23 -0.63 -34.92
C PHE A 236 24.11 0.03 -35.72
N GLU A 237 23.82 -0.53 -36.89
CA GLU A 237 22.70 -0.10 -37.72
C GLU A 237 22.06 -1.34 -38.33
N PRO A 238 20.76 -1.31 -38.58
CA PRO A 238 20.10 -2.51 -39.12
C PRO A 238 20.57 -2.82 -40.53
N ASN A 239 21.01 -4.06 -40.72
CA ASN A 239 21.50 -4.52 -42.02
C ASN A 239 20.96 -5.92 -42.31
N GLY A 240 19.67 -6.13 -42.03
CA GLY A 240 19.04 -7.40 -42.32
C GLY A 240 19.69 -8.57 -41.61
N TYR A 241 19.72 -8.53 -40.28
CA TYR A 241 20.26 -9.63 -39.48
C TYR A 241 19.20 -10.60 -39.01
N ILE A 242 17.96 -10.17 -38.81
CA ILE A 242 16.90 -11.09 -38.46
C ILE A 242 16.63 -12.06 -39.60
N GLU A 243 16.67 -11.56 -40.84
CA GLU A 243 16.42 -12.42 -41.99
C GLU A 243 17.47 -13.51 -42.12
N GLY A 244 18.74 -13.17 -41.89
CA GLY A 244 19.78 -14.16 -42.02
C GLY A 244 19.62 -15.30 -41.05
N LYS A 245 19.36 -14.98 -39.78
CA LYS A 245 19.18 -16.03 -38.78
C LYS A 245 17.87 -16.79 -38.98
N LEU A 246 16.82 -16.11 -39.46
CA LEU A 246 15.58 -16.81 -39.79
C LEU A 246 15.83 -17.83 -40.88
N SER A 247 16.59 -17.46 -41.92
CA SER A 247 16.93 -18.42 -42.97
C SER A 247 17.82 -19.54 -42.44
N GLN A 248 18.78 -19.22 -41.58
CA GLN A 248 19.69 -20.24 -41.07
C GLN A 248 19.04 -21.11 -40.00
N MET A 249 18.06 -20.58 -39.27
CA MET A 249 17.42 -21.35 -38.21
C MET A 249 16.73 -22.58 -38.78
N SER A 250 16.77 -23.67 -38.04
CA SER A 250 16.17 -24.92 -38.49
C SER A 250 14.67 -24.74 -38.72
N LYS A 251 14.17 -25.39 -39.77
CA LYS A 251 12.76 -25.27 -40.12
C LYS A 251 11.85 -26.07 -39.20
N GLU A 252 12.40 -26.96 -38.37
CA GLU A 252 11.57 -27.67 -37.40
C GLU A 252 11.01 -26.74 -36.33
N VAL A 253 11.53 -25.52 -36.22
CA VAL A 253 10.99 -24.52 -35.31
C VAL A 253 9.81 -23.85 -36.03
N ASN A 254 8.61 -24.37 -35.81
CA ASN A 254 7.43 -23.88 -36.51
C ASN A 254 6.25 -23.88 -35.54
N ALA A 255 5.18 -23.21 -35.97
CA ALA A 255 3.94 -23.11 -35.21
C ALA A 255 2.77 -23.58 -36.06
N ARG A 256 2.93 -24.75 -36.68
CA ARG A 256 1.92 -25.26 -37.61
C ARG A 256 0.57 -25.36 -36.93
N ILE A 257 -0.47 -24.98 -37.65
CA ILE A 257 -1.83 -24.95 -37.12
C ILE A 257 -2.50 -26.28 -37.44
N GLU A 258 -2.95 -26.98 -36.41
CA GLU A 258 -3.69 -28.22 -36.60
C GLU A 258 -5.18 -27.91 -36.66
N PRO A 259 -5.87 -28.22 -37.77
CA PRO A 259 -7.30 -27.90 -37.83
C PRO A 259 -8.07 -28.60 -36.72
N PHE A 260 -9.09 -27.91 -36.21
CA PHE A 260 -9.96 -28.42 -35.16
C PHE A 260 -11.32 -28.69 -35.75
N LEU A 261 -11.66 -29.97 -35.90
CA LEU A 261 -12.91 -30.39 -36.51
C LEU A 261 -13.80 -31.09 -35.49
N LYS A 262 -14.98 -31.52 -35.94
CA LYS A 262 -15.91 -32.20 -35.05
C LYS A 262 -15.34 -33.51 -34.51
N THR A 263 -14.55 -34.21 -35.33
CA THR A 263 -13.99 -35.49 -34.94
C THR A 263 -12.68 -35.37 -34.18
N THR A 264 -12.16 -34.16 -34.00
CA THR A 264 -10.87 -33.97 -33.35
C THR A 264 -10.96 -34.16 -31.84
N PRO A 265 -11.84 -33.44 -31.14
CA PRO A 265 -11.83 -33.51 -29.67
C PRO A 265 -12.28 -34.88 -29.18
N ARG A 266 -11.52 -35.42 -28.23
CA ARG A 266 -11.82 -36.69 -27.60
C ARG A 266 -12.32 -36.47 -26.17
N PRO A 267 -13.12 -37.39 -25.64
CA PRO A 267 -13.62 -37.21 -24.27
C PRO A 267 -12.50 -37.19 -23.25
N LEU A 268 -12.66 -36.35 -22.23
CA LEU A 268 -11.66 -36.28 -21.17
C LEU A 268 -11.67 -37.57 -20.36
N ARG A 269 -10.49 -38.12 -20.12
CA ARG A 269 -10.37 -39.35 -19.34
C ARG A 269 -10.46 -39.03 -17.85
N LEU A 270 -11.24 -39.84 -17.14
CA LEU A 270 -11.37 -39.66 -15.71
C LEU A 270 -10.49 -40.65 -14.96
N PRO A 271 -9.94 -40.28 -13.80
CA PRO A 271 -9.10 -41.20 -13.06
C PRO A 271 -9.89 -42.40 -12.55
N ASP A 272 -9.18 -43.52 -12.39
CA ASP A 272 -9.77 -44.75 -11.91
C ASP A 272 -9.19 -45.10 -10.54
N GLY A 273 -10.03 -45.66 -9.68
CA GLY A 273 -9.63 -46.01 -8.34
C GLY A 273 -10.82 -46.23 -7.44
N PRO A 274 -10.61 -46.23 -6.13
CA PRO A 274 -11.73 -46.39 -5.21
C PRO A 274 -12.72 -45.26 -5.37
N PRO A 275 -14.00 -45.52 -5.13
CA PRO A 275 -15.01 -44.47 -5.33
C PRO A 275 -14.71 -43.23 -4.52
N CYS A 276 -15.29 -42.11 -4.95
CA CYS A 276 -15.08 -40.84 -4.28
C CYS A 276 -15.94 -40.74 -3.04
N SER A 277 -15.39 -40.12 -1.99
CA SER A 277 -16.06 -40.01 -0.71
C SER A 277 -16.64 -38.61 -0.51
N GLN A 278 -17.33 -38.43 0.61
CA GLN A 278 -17.95 -37.16 0.94
C GLN A 278 -16.95 -36.26 1.64
N ARG A 279 -16.92 -34.98 1.26
CA ARG A 279 -15.99 -34.02 1.83
C ARG A 279 -16.66 -32.85 2.53
N SER A 280 -17.98 -32.70 2.40
CA SER A 280 -18.68 -31.54 2.96
C SER A 280 -18.51 -31.51 4.48
N LYS A 281 -18.67 -30.33 5.07
CA LYS A 281 -18.61 -30.15 6.51
C LYS A 281 -19.93 -30.45 7.19
N PHE A 282 -20.98 -30.75 6.43
CA PHE A 282 -22.27 -31.10 7.00
C PHE A 282 -23.06 -31.88 5.95
N LEU A 283 -24.07 -32.61 6.43
CA LEU A 283 -24.93 -33.34 5.52
C LEU A 283 -25.76 -32.38 4.69
N LEU A 284 -25.86 -32.67 3.39
CA LEU A 284 -26.61 -31.83 2.45
C LEU A 284 -27.91 -32.50 2.01
N MET A 285 -27.82 -33.72 1.50
CA MET A 285 -29.01 -34.41 1.00
C MET A 285 -29.70 -35.27 2.05
N ASP A 286 -29.00 -35.64 3.12
CA ASP A 286 -29.51 -36.56 4.12
C ASP A 286 -29.76 -35.87 5.47
N ALA A 287 -29.98 -34.57 5.46
CA ALA A 287 -30.21 -33.84 6.69
C ALA A 287 -31.63 -34.07 7.20
N LEU A 288 -31.79 -33.95 8.52
CA LEU A 288 -33.10 -34.04 9.16
C LEU A 288 -33.27 -32.85 10.08
N LYS A 289 -34.52 -32.41 10.25
CA LYS A 289 -34.82 -31.16 10.94
C LYS A 289 -35.80 -31.43 12.08
N LEU A 290 -35.41 -31.02 13.29
CA LEU A 290 -36.30 -31.01 14.44
C LEU A 290 -36.69 -29.57 14.70
N SER A 291 -38.00 -29.32 14.86
CA SER A 291 -38.53 -27.97 14.79
C SER A 291 -39.41 -27.66 15.99
N ILE A 292 -39.64 -26.37 16.21
CA ILE A 292 -40.44 -25.89 17.32
C ILE A 292 -41.58 -24.97 16.88
N GLU A 293 -41.49 -24.33 15.72
CA GLU A 293 -42.53 -23.42 15.23
C GLU A 293 -42.59 -22.15 16.08
N ASP A 294 -41.43 -21.61 16.42
CA ASP A 294 -41.34 -20.39 17.21
C ASP A 294 -41.40 -19.17 16.30
N PRO A 295 -41.70 -18.00 16.85
CA PRO A 295 -41.78 -16.77 16.04
C PRO A 295 -40.48 -16.00 15.93
N SER A 296 -39.36 -16.53 16.42
CA SER A 296 -38.10 -15.80 16.40
C SER A 296 -37.49 -15.75 15.01
N HIS A 297 -36.66 -14.74 14.77
CA HIS A 297 -36.00 -14.56 13.50
C HIS A 297 -34.65 -15.27 13.50
N GLU A 298 -33.94 -15.22 12.37
CA GLU A 298 -32.73 -16.00 12.19
C GLU A 298 -31.75 -15.79 13.33
N GLY A 299 -31.26 -14.56 13.51
CA GLY A 299 -30.31 -14.29 14.57
C GLY A 299 -30.95 -14.18 15.94
N GLU A 300 -32.25 -13.90 15.98
CA GLU A 300 -32.94 -13.72 17.24
C GLU A 300 -33.02 -15.06 17.98
N GLY A 301 -32.72 -15.03 19.28
CA GLY A 301 -32.84 -16.18 20.14
C GLY A 301 -31.51 -16.57 20.75
N ILE A 302 -31.56 -17.62 21.55
CA ILE A 302 -30.38 -18.18 22.22
C ILE A 302 -30.19 -19.60 21.71
N PRO A 303 -28.98 -19.99 21.29
CA PRO A 303 -28.84 -21.29 20.60
C PRO A 303 -29.20 -22.49 21.46
N LEU A 304 -28.63 -22.60 22.66
CA LEU A 304 -28.75 -23.84 23.42
C LEU A 304 -30.20 -24.13 23.79
N TYR A 305 -30.94 -23.11 24.24
CA TYR A 305 -32.33 -23.33 24.62
C TYR A 305 -33.16 -23.75 23.41
N ASP A 306 -32.95 -23.12 22.26
CA ASP A 306 -33.66 -23.50 21.06
C ASP A 306 -33.35 -24.94 20.68
N ALA A 307 -32.09 -25.34 20.76
CA ALA A 307 -31.71 -26.71 20.41
C ALA A 307 -32.37 -27.70 21.35
N ILE A 308 -32.35 -27.42 22.65
CA ILE A 308 -32.95 -28.35 23.61
C ILE A 308 -34.46 -28.43 23.39
N LYS A 309 -35.11 -27.30 23.15
CA LYS A 309 -36.55 -27.30 22.92
C LYS A 309 -36.89 -28.09 21.65
N CYS A 310 -36.10 -27.91 20.59
CA CYS A 310 -36.34 -28.69 19.37
C CYS A 310 -36.16 -30.17 19.62
N MET A 311 -35.12 -30.55 20.37
CA MET A 311 -34.86 -31.97 20.59
C MET A 311 -35.92 -32.61 21.49
N ARG A 312 -36.46 -31.86 22.45
CA ARG A 312 -37.55 -32.39 23.27
C ARG A 312 -38.82 -32.60 22.47
N THR A 313 -38.94 -31.99 21.28
CA THR A 313 -40.12 -32.19 20.43
C THR A 313 -40.18 -33.58 19.82
N PHE A 314 -39.09 -34.35 19.88
CA PHE A 314 -39.03 -35.68 19.31
C PHE A 314 -39.05 -36.72 20.43
N PHE A 315 -39.86 -37.75 20.26
CA PHE A 315 -39.96 -38.85 21.21
C PHE A 315 -39.66 -40.17 20.50
N GLY A 316 -38.98 -41.07 21.20
CA GLY A 316 -38.59 -42.34 20.62
C GLY A 316 -37.11 -42.61 20.74
N TRP A 317 -36.44 -41.88 21.64
CA TRP A 317 -35.02 -42.08 21.85
C TRP A 317 -34.72 -43.50 22.28
N LYS A 318 -33.65 -44.06 21.72
CA LYS A 318 -33.16 -45.38 22.08
C LYS A 318 -31.69 -45.28 22.48
N GLU A 319 -31.23 -46.27 23.24
CA GLU A 319 -29.84 -46.32 23.60
C GLU A 319 -29.00 -46.44 22.33
N PRO A 320 -28.05 -45.54 22.08
CA PRO A 320 -27.34 -45.57 20.81
C PRO A 320 -26.43 -46.78 20.70
N ASN A 321 -26.28 -47.26 19.46
CA ASN A 321 -25.42 -48.41 19.17
C ASN A 321 -24.79 -48.21 17.81
N VAL A 322 -23.67 -48.90 17.59
CA VAL A 322 -22.93 -48.76 16.35
C VAL A 322 -23.68 -49.42 15.21
N VAL A 323 -23.77 -48.72 14.08
CA VAL A 323 -24.38 -49.26 12.88
C VAL A 323 -23.30 -49.41 11.81
N LYS A 324 -22.64 -48.30 11.48
CA LYS A 324 -21.54 -48.33 10.50
C LYS A 324 -20.30 -47.70 11.12
N PRO A 325 -19.22 -48.44 11.31
CA PRO A 325 -18.04 -47.88 11.97
C PRO A 325 -17.28 -46.92 11.07
N HIS A 326 -16.41 -46.13 11.70
CA HIS A 326 -15.56 -45.20 10.97
C HIS A 326 -14.59 -45.93 10.05
N GLU A 327 -14.23 -47.17 10.39
CA GLU A 327 -13.30 -48.04 9.68
C GLU A 327 -11.85 -47.62 9.90
N LYS A 328 -11.59 -46.49 10.55
CA LYS A 328 -10.22 -46.08 10.87
C LYS A 328 -10.08 -45.51 12.26
N GLY A 329 -11.16 -45.14 12.95
CA GLY A 329 -11.10 -44.58 14.26
C GLY A 329 -11.62 -45.51 15.34
N ILE A 330 -12.00 -44.94 16.46
CA ILE A 330 -12.51 -45.68 17.62
C ILE A 330 -13.96 -45.27 17.79
N ASN A 331 -14.86 -46.05 17.21
CA ASN A 331 -16.29 -45.71 17.26
C ASN A 331 -16.82 -45.59 18.69
N PRO A 332 -16.41 -46.43 19.64
CA PRO A 332 -16.88 -46.23 21.02
C PRO A 332 -16.65 -44.81 21.53
N ASN A 333 -15.58 -44.15 21.09
CA ASN A 333 -15.38 -42.75 21.46
C ASN A 333 -16.51 -41.88 20.93
N TYR A 334 -16.93 -42.12 19.68
CA TYR A 334 -18.05 -41.35 19.13
C TYR A 334 -19.33 -41.62 19.92
N LEU A 335 -19.58 -42.88 20.26
CA LEU A 335 -20.77 -43.22 21.04
C LEU A 335 -20.75 -42.49 22.38
N LEU A 336 -19.63 -42.55 23.08
CA LEU A 336 -19.52 -41.90 24.38
C LEU A 336 -19.64 -40.39 24.25
N ALA A 337 -19.11 -39.82 23.16
CA ALA A 337 -19.25 -38.39 22.95
C ALA A 337 -20.71 -38.00 22.75
N TRP A 338 -21.46 -38.80 21.99
CA TRP A 338 -22.88 -38.51 21.80
C TRP A 338 -23.63 -38.56 23.13
N LYS A 339 -23.38 -39.60 23.92
CA LYS A 339 -24.06 -39.69 25.23
C LYS A 339 -23.63 -38.56 26.15
N GLN A 340 -22.36 -38.15 26.09
CA GLN A 340 -21.91 -37.01 26.88
C GLN A 340 -22.62 -35.74 26.47
N VAL A 341 -22.79 -35.53 25.17
CA VAL A 341 -23.49 -34.34 24.69
C VAL A 341 -24.91 -34.33 25.22
N LEU A 342 -25.59 -35.48 25.16
CA LEU A 342 -26.96 -35.56 25.67
C LEU A 342 -26.99 -35.25 27.17
N ALA A 343 -26.07 -35.84 27.93
CA ALA A 343 -26.06 -35.65 29.37
C ALA A 343 -25.85 -34.19 29.73
N GLU A 344 -24.90 -33.53 29.06
CA GLU A 344 -24.62 -32.13 29.37
C GLU A 344 -25.74 -31.22 28.89
N LEU A 345 -26.43 -31.59 27.81
CA LEU A 345 -27.61 -30.85 27.40
C LEU A 345 -28.68 -30.89 28.49
N GLN A 346 -28.90 -32.07 29.07
CA GLN A 346 -29.83 -32.17 30.20
C GLN A 346 -29.33 -31.33 31.37
N ASP A 347 -28.02 -31.37 31.63
CA ASP A 347 -27.46 -30.59 32.73
C ASP A 347 -27.76 -29.11 32.57
N ILE A 348 -27.68 -28.60 31.33
CA ILE A 348 -28.08 -27.22 31.09
C ILE A 348 -29.57 -27.05 31.30
N GLU A 349 -30.36 -28.01 30.83
CA GLU A 349 -31.80 -27.88 30.97
C GLU A 349 -32.20 -27.72 32.44
N ASN A 350 -31.46 -28.35 33.35
CA ASN A 350 -31.86 -28.32 34.76
C ASN A 350 -31.67 -26.93 35.37
N GLU A 351 -30.54 -26.28 35.10
CA GLU A 351 -30.15 -25.09 35.85
C GLU A 351 -31.02 -23.89 35.46
N GLU A 352 -30.72 -22.75 36.08
CA GLU A 352 -31.61 -21.59 36.09
C GLU A 352 -31.85 -21.00 34.70
N LYS A 353 -30.82 -20.46 34.07
CA LYS A 353 -30.95 -19.84 32.75
C LYS A 353 -29.93 -20.47 31.79
N ILE A 354 -30.40 -20.83 30.62
CA ILE A 354 -29.58 -21.52 29.61
C ILE A 354 -28.41 -20.60 29.28
N PRO A 355 -27.15 -21.03 29.42
CA PRO A 355 -26.04 -20.16 29.03
C PRO A 355 -26.05 -19.88 27.53
N LYS A 356 -25.59 -18.69 27.16
CA LYS A 356 -25.52 -18.34 25.75
C LYS A 356 -24.55 -19.25 25.00
N THR A 357 -23.42 -19.59 25.62
CA THR A 357 -22.45 -20.49 25.04
C THR A 357 -21.95 -21.44 26.13
N LYS A 358 -21.86 -22.72 25.82
CA LYS A 358 -21.45 -23.73 26.79
C LYS A 358 -20.09 -24.31 26.42
N ASN A 359 -19.29 -24.57 27.44
CA ASN A 359 -18.05 -25.30 27.31
C ASN A 359 -18.22 -26.72 27.83
N MET A 360 -17.60 -27.67 27.13
CA MET A 360 -17.70 -29.08 27.50
C MET A 360 -16.41 -29.54 28.20
N LYS A 361 -16.54 -30.66 28.89
CA LYS A 361 -15.39 -31.25 29.57
C LYS A 361 -14.44 -31.89 28.56
N LYS A 362 -13.14 -31.83 28.87
CA LYS A 362 -12.11 -32.38 28.00
C LYS A 362 -11.78 -33.81 28.42
N THR A 363 -12.68 -34.71 28.07
CA THR A 363 -12.46 -36.13 28.34
C THR A 363 -11.58 -36.74 27.26
N SER A 364 -11.02 -37.92 27.58
CA SER A 364 -10.19 -38.61 26.61
C SER A 364 -10.94 -38.86 25.30
N GLN A 365 -12.26 -39.04 25.38
CA GLN A 365 -13.06 -39.30 24.19
C GLN A 365 -12.87 -38.19 23.17
N LEU A 366 -13.20 -36.96 23.55
CA LEU A 366 -13.04 -35.83 22.64
C LEU A 366 -11.59 -35.40 22.48
N LYS A 367 -10.72 -35.78 23.42
CA LYS A 367 -9.30 -35.56 23.21
C LYS A 367 -8.81 -36.33 21.98
N TRP A 368 -9.26 -37.57 21.83
CA TRP A 368 -8.94 -38.33 20.63
C TRP A 368 -9.73 -37.82 19.43
N ALA A 369 -11.03 -37.58 19.61
CA ALA A 369 -11.86 -37.16 18.48
C ALA A 369 -11.45 -35.82 17.92
N LEU A 370 -10.93 -34.92 18.76
CA LEU A 370 -10.52 -33.60 18.31
C LEU A 370 -9.02 -33.51 18.02
N GLY A 371 -8.29 -34.62 18.12
CA GLY A 371 -6.87 -34.61 17.83
C GLY A 371 -6.10 -33.66 18.70
N GLU A 372 -6.02 -33.96 20.00
CA GLU A 372 -5.34 -33.11 20.96
C GLU A 372 -4.02 -33.76 21.38
N ASN A 373 -2.98 -32.92 21.48
CA ASN A 373 -1.65 -33.39 21.87
C ASN A 373 -1.11 -34.42 20.89
N MET A 374 -1.44 -34.26 19.61
CA MET A 374 -0.94 -35.16 18.57
C MET A 374 0.09 -34.50 17.66
N ALA A 375 0.16 -33.18 17.65
CA ALA A 375 1.18 -32.51 16.86
C ALA A 375 2.56 -32.87 17.42
N PRO A 376 3.50 -33.33 16.59
CA PRO A 376 4.83 -33.64 17.11
C PRO A 376 5.48 -32.42 17.73
N GLU A 377 6.18 -32.63 18.84
CA GLU A 377 6.84 -31.54 19.53
C GLU A 377 7.97 -30.99 18.67
N LYS A 378 8.09 -29.67 18.62
CA LYS A 378 9.10 -29.03 17.80
C LYS A 378 10.44 -29.01 18.53
N VAL A 379 11.49 -29.47 17.86
CA VAL A 379 12.82 -29.56 18.43
C VAL A 379 13.82 -29.00 17.42
N ASP A 380 15.10 -29.05 17.77
CA ASP A 380 16.18 -28.53 16.93
C ASP A 380 16.84 -29.66 16.16
N PHE A 381 17.33 -29.33 14.97
CA PHE A 381 17.94 -30.34 14.10
C PHE A 381 19.19 -30.92 14.73
N ASP A 382 19.99 -30.09 15.41
CA ASP A 382 21.23 -30.57 15.99
C ASP A 382 21.01 -31.64 17.04
N ASP A 383 19.79 -31.79 17.56
CA ASP A 383 19.48 -32.80 18.56
C ASP A 383 18.81 -34.03 17.97
N CYS A 384 18.33 -33.97 16.73
CA CYS A 384 17.68 -35.11 16.07
C CYS A 384 18.23 -35.21 14.65
N LYS A 385 19.33 -35.95 14.51
CA LYS A 385 19.93 -36.15 13.20
C LYS A 385 20.18 -37.64 12.94
N ASP A 386 20.38 -38.41 14.01
CA ASP A 386 20.66 -39.83 13.89
C ASP A 386 19.39 -40.68 13.83
N VAL A 387 18.21 -40.06 13.89
CA VAL A 387 16.96 -40.81 13.84
C VAL A 387 16.72 -41.22 12.38
N SER A 388 16.70 -42.53 12.13
CA SER A 388 16.54 -43.01 10.76
C SER A 388 15.20 -42.60 10.18
N ASP A 389 14.14 -42.65 10.98
CA ASP A 389 12.80 -42.32 10.51
C ASP A 389 12.64 -40.85 10.16
N LEU A 390 13.59 -40.00 10.52
CA LEU A 390 13.47 -38.57 10.29
C LEU A 390 13.58 -38.27 8.79
N LYS A 391 12.53 -37.67 8.23
CA LYS A 391 12.48 -37.38 6.81
C LYS A 391 11.52 -36.23 6.57
N GLN A 392 11.32 -35.87 5.31
CA GLN A 392 10.42 -34.79 4.97
C GLN A 392 8.97 -35.17 5.24
N TYR A 393 8.11 -34.15 5.26
CA TYR A 393 6.67 -34.38 5.26
C TYR A 393 6.25 -35.05 3.96
N ASP A 394 5.24 -35.91 4.04
CA ASP A 394 4.76 -36.62 2.87
C ASP A 394 4.23 -35.62 1.86
N SER A 395 4.91 -35.52 0.71
CA SER A 395 4.58 -34.56 -0.34
C SER A 395 4.51 -35.33 -1.66
N ASP A 396 3.31 -35.77 -2.03
CA ASP A 396 3.09 -36.50 -3.27
C ASP A 396 1.70 -36.18 -3.79
N GLU A 397 1.43 -36.63 -5.01
CA GLU A 397 0.13 -36.42 -5.61
C GLU A 397 -0.94 -37.12 -4.77
N PRO A 398 -2.10 -36.49 -4.56
CA PRO A 398 -3.14 -37.13 -3.75
C PRO A 398 -3.54 -38.48 -4.32
N GLU A 399 -4.22 -39.26 -3.49
CA GLU A 399 -4.72 -40.56 -3.92
C GLU A 399 -5.73 -40.39 -5.06
N LEU A 400 -5.69 -41.31 -6.01
CA LEU A 400 -6.62 -41.28 -7.13
C LEU A 400 -7.93 -41.96 -6.75
N ARG A 401 -9.05 -41.35 -7.12
CA ARG A 401 -10.36 -41.89 -6.83
C ARG A 401 -11.28 -41.65 -8.02
N SER A 402 -12.10 -42.65 -8.33
CA SER A 402 -13.02 -42.56 -9.45
C SER A 402 -14.34 -41.96 -9.00
N LEU A 403 -15.05 -41.35 -9.95
CA LEU A 403 -16.32 -40.71 -9.65
C LEU A 403 -17.38 -41.75 -9.29
N ALA A 404 -18.30 -41.36 -8.42
CA ALA A 404 -19.44 -42.18 -8.03
C ALA A 404 -20.72 -41.44 -8.38
N SER A 405 -21.83 -42.18 -8.38
CA SER A 405 -23.11 -41.63 -8.81
C SER A 405 -23.82 -40.83 -7.71
N TRP A 406 -23.28 -40.81 -6.49
CA TRP A 406 -23.98 -40.13 -5.41
C TRP A 406 -23.90 -38.61 -5.53
N ILE A 407 -22.79 -38.08 -6.05
CA ILE A 407 -22.67 -36.63 -6.19
C ILE A 407 -23.66 -36.12 -7.22
N GLN A 408 -23.92 -36.89 -8.27
CA GLN A 408 -24.89 -36.48 -9.28
C GLN A 408 -26.28 -36.35 -8.67
N SER A 409 -26.70 -37.35 -7.88
CA SER A 409 -28.01 -37.28 -7.24
C SER A 409 -28.05 -36.17 -6.20
N GLU A 410 -26.95 -35.95 -5.49
CA GLU A 410 -26.91 -34.87 -4.51
C GLU A 410 -27.10 -33.52 -5.17
N PHE A 411 -26.45 -33.29 -6.30
CA PHE A 411 -26.68 -32.05 -7.04
C PHE A 411 -28.09 -32.00 -7.59
N ASN A 412 -28.62 -33.13 -8.06
CA ASN A 412 -29.98 -33.16 -8.57
C ASN A 412 -30.97 -32.67 -7.52
N LYS A 413 -30.86 -33.22 -6.31
CA LYS A 413 -31.78 -32.82 -5.23
C LYS A 413 -31.38 -31.51 -4.57
N ALA A 414 -30.20 -30.98 -4.87
CA ALA A 414 -29.85 -29.64 -4.40
C ALA A 414 -30.51 -28.54 -5.22
N CYS A 415 -31.07 -28.87 -6.37
CA CYS A 415 -31.77 -27.90 -7.22
C CYS A 415 -33.28 -28.02 -7.13
N GLU A 416 -33.79 -28.82 -6.20
CA GLU A 416 -35.22 -29.07 -6.10
C GLU A 416 -35.87 -28.07 -5.14
N LEU A 417 -37.15 -27.82 -5.36
CA LEU A 417 -37.89 -26.89 -4.52
C LEU A 417 -38.12 -27.50 -3.15
N THR A 418 -38.61 -26.68 -2.22
CA THR A 418 -38.84 -27.08 -0.84
C THR A 418 -40.15 -26.47 -0.36
N ASP A 419 -40.56 -26.86 0.85
CA ASP A 419 -41.78 -26.37 1.47
C ASP A 419 -41.51 -25.24 2.46
N SER A 420 -40.46 -24.45 2.23
CA SER A 420 -40.09 -23.39 3.16
C SER A 420 -39.34 -22.31 2.40
N SER A 421 -39.25 -21.14 3.03
CA SER A 421 -38.48 -20.01 2.50
C SER A 421 -37.25 -19.85 3.37
N TRP A 422 -36.07 -20.06 2.78
CA TRP A 422 -34.82 -20.10 3.51
C TRP A 422 -34.01 -18.81 3.41
N ILE A 423 -34.61 -17.76 2.86
CA ILE A 423 -33.94 -16.45 2.79
C ILE A 423 -34.92 -15.40 3.31
N GLU A 424 -34.48 -14.63 4.30
CA GLU A 424 -35.24 -13.49 4.80
C GLU A 424 -34.36 -12.25 4.60
N LEU A 425 -34.58 -11.56 3.49
CA LEU A 425 -33.69 -10.50 3.08
C LEU A 425 -33.86 -9.26 3.96
N ASP A 426 -32.87 -8.39 3.92
CA ASP A 426 -32.85 -7.18 4.74
C ASP A 426 -33.68 -6.09 4.07
N GLU A 427 -33.55 -4.86 4.58
CA GLU A 427 -34.31 -3.73 4.08
C GLU A 427 -33.45 -2.89 3.15
N ILE A 428 -34.12 -2.18 2.23
CA ILE A 428 -33.46 -1.27 1.32
C ILE A 428 -34.26 0.03 1.29
N GLY A 429 -33.61 1.10 0.85
CA GLY A 429 -34.28 2.38 0.71
C GLY A 429 -35.48 2.26 -0.21
N GLU A 430 -36.58 2.90 0.17
CA GLU A 430 -37.80 2.80 -0.63
C GLU A 430 -37.53 3.25 -2.06
N ASP A 431 -37.98 2.44 -3.02
CA ASP A 431 -37.70 2.71 -4.41
C ASP A 431 -38.36 4.02 -4.84
N VAL A 432 -37.59 4.87 -5.52
CA VAL A 432 -38.10 6.16 -5.96
C VAL A 432 -38.11 6.29 -7.48
N ALA A 433 -37.20 5.58 -8.19
CA ALA A 433 -37.15 5.69 -9.64
C ALA A 433 -37.83 4.49 -10.30
N PRO A 434 -38.42 4.67 -11.49
CA PRO A 434 -39.03 3.52 -12.17
C PRO A 434 -38.07 2.37 -12.38
N ILE A 435 -36.80 2.67 -12.69
CA ILE A 435 -35.81 1.61 -12.84
C ILE A 435 -35.66 0.85 -11.52
N GLU A 436 -35.73 1.57 -10.40
CA GLU A 436 -35.68 0.89 -9.10
C GLU A 436 -36.89 -0.03 -8.92
N HIS A 437 -38.06 0.39 -9.38
CA HIS A 437 -39.23 -0.48 -9.31
C HIS A 437 -39.03 -1.73 -10.16
N ILE A 438 -38.48 -1.58 -11.37
CA ILE A 438 -38.22 -2.74 -12.21
C ILE A 438 -37.24 -3.67 -11.52
N ALA A 439 -36.18 -3.11 -10.94
CA ALA A 439 -35.20 -3.92 -10.23
C ALA A 439 -35.83 -4.66 -9.06
N SER A 440 -36.69 -3.98 -8.30
CA SER A 440 -37.34 -4.61 -7.16
C SER A 440 -38.27 -5.73 -7.61
N MET A 441 -39.00 -5.53 -8.70
CA MET A 441 -39.88 -6.58 -9.19
C MET A 441 -39.07 -7.80 -9.65
N ARG A 442 -37.99 -7.56 -10.39
CA ARG A 442 -37.11 -8.65 -10.79
C ARG A 442 -36.57 -9.38 -9.57
N ARG A 443 -36.12 -8.63 -8.57
CA ARG A 443 -35.54 -9.25 -7.38
C ARG A 443 -36.58 -10.07 -6.63
N ASN A 444 -37.82 -9.56 -6.55
CA ASN A 444 -38.88 -10.33 -5.92
C ASN A 444 -39.15 -11.62 -6.68
N TYR A 445 -39.15 -11.56 -8.00
CA TYR A 445 -39.33 -12.79 -8.78
C TYR A 445 -38.23 -13.80 -8.48
N PHE A 446 -36.97 -13.36 -8.50
CA PHE A 446 -35.90 -14.31 -8.23
C PHE A 446 -35.96 -14.84 -6.81
N THR A 447 -36.30 -13.99 -5.84
CA THR A 447 -36.40 -14.48 -4.47
C THR A 447 -37.51 -15.52 -4.34
N ALA A 448 -38.65 -15.28 -4.99
CA ALA A 448 -39.71 -16.28 -4.99
C ALA A 448 -39.23 -17.58 -5.63
N GLU A 449 -38.37 -17.49 -6.65
CA GLU A 449 -37.90 -18.70 -7.32
C GLU A 449 -36.88 -19.47 -6.50
N VAL A 450 -35.96 -18.76 -5.83
CA VAL A 450 -34.80 -19.43 -5.24
C VAL A 450 -34.96 -19.65 -3.73
N SER A 451 -35.81 -18.90 -3.05
CA SER A 451 -35.97 -19.07 -1.61
C SER A 451 -36.35 -20.50 -1.26
N HIS A 452 -37.30 -21.06 -1.99
CA HIS A 452 -37.69 -22.46 -1.80
C HIS A 452 -36.78 -23.35 -2.64
N CYS A 453 -35.53 -23.43 -2.19
CA CYS A 453 -34.51 -24.24 -2.87
C CYS A 453 -33.54 -24.77 -1.84
N ARG A 454 -33.14 -26.04 -2.01
CA ARG A 454 -32.19 -26.64 -1.08
C ARG A 454 -30.86 -25.93 -1.10
N ALA A 455 -30.52 -25.27 -2.22
CA ALA A 455 -29.28 -24.52 -2.28
C ALA A 455 -29.27 -23.38 -1.27
N THR A 456 -30.38 -22.67 -1.13
CA THR A 456 -30.47 -21.60 -0.15
C THR A 456 -30.36 -22.15 1.27
N GLU A 457 -30.98 -23.30 1.53
CA GLU A 457 -30.86 -23.91 2.85
C GLU A 457 -29.41 -24.28 3.14
N TYR A 458 -28.71 -24.84 2.16
CA TYR A 458 -27.30 -25.14 2.35
C TYR A 458 -26.49 -23.86 2.58
N ILE A 459 -26.82 -22.79 1.87
CA ILE A 459 -26.12 -21.52 2.05
C ILE A 459 -26.28 -21.06 3.49
N MET A 460 -27.51 -21.04 4.00
CA MET A 460 -27.75 -20.60 5.37
C MET A 460 -27.06 -21.52 6.37
N LYS A 461 -27.15 -22.83 6.16
CA LYS A 461 -26.48 -23.77 7.06
C LYS A 461 -24.99 -23.48 7.13
N GLY A 462 -24.34 -23.38 5.98
CA GLY A 462 -22.91 -23.14 5.96
C GLY A 462 -22.53 -21.81 6.58
N VAL A 463 -23.28 -20.75 6.24
CA VAL A 463 -22.98 -19.44 6.78
C VAL A 463 -23.07 -19.46 8.31
N TYR A 464 -24.18 -19.98 8.84
CA TYR A 464 -24.36 -20.00 10.29
C TYR A 464 -23.29 -20.84 10.96
N ILE A 465 -23.03 -22.04 10.42
CA ILE A 465 -22.10 -22.96 11.06
C ILE A 465 -20.69 -22.35 11.08
N ASN A 466 -20.26 -21.81 9.95
CA ASN A 466 -18.92 -21.24 9.87
C ASN A 466 -18.81 -19.97 10.73
N THR A 467 -19.85 -19.14 10.77
CA THR A 467 -19.81 -17.96 11.63
C THR A 467 -19.66 -18.35 13.09
N ALA A 468 -20.50 -19.30 13.54
CA ALA A 468 -20.42 -19.73 14.93
C ALA A 468 -19.06 -20.35 15.23
N LEU A 469 -18.55 -21.17 14.31
CA LEU A 469 -17.27 -21.84 14.54
C LEU A 469 -16.14 -20.82 14.62
N LEU A 470 -16.12 -19.85 13.72
CA LEU A 470 -15.07 -18.83 13.75
C LEU A 470 -15.15 -18.00 15.02
N ASN A 471 -16.36 -17.58 15.41
CA ASN A 471 -16.50 -16.77 16.61
C ASN A 471 -16.06 -17.56 17.85
N ALA A 472 -16.47 -18.83 17.95
CA ALA A 472 -16.05 -19.64 19.07
C ALA A 472 -14.54 -19.86 19.09
N SER A 473 -13.95 -20.09 17.92
CA SER A 473 -12.50 -20.29 17.86
C SER A 473 -11.76 -19.03 18.31
N CYS A 474 -12.25 -17.87 17.89
CA CYS A 474 -11.59 -16.62 18.27
C CYS A 474 -11.81 -16.28 19.74
N ALA A 475 -12.94 -16.70 20.31
CA ALA A 475 -13.25 -16.37 21.70
C ALA A 475 -12.73 -17.44 22.66
N ALA A 476 -13.21 -18.68 22.51
CA ALA A 476 -12.82 -19.78 23.37
C ALA A 476 -11.75 -20.60 22.65
N MET A 477 -10.53 -20.07 22.65
CA MET A 477 -9.44 -20.71 21.93
C MET A 477 -9.05 -22.04 22.57
N ASP A 478 -9.08 -22.10 23.90
CA ASP A 478 -8.55 -23.25 24.62
C ASP A 478 -9.55 -24.37 24.82
N ASP A 479 -10.81 -24.05 25.12
CA ASP A 479 -11.71 -25.01 25.71
C ASP A 479 -12.76 -25.44 24.68
N PHE A 480 -13.07 -26.74 24.69
CA PHE A 480 -13.99 -27.30 23.72
C PHE A 480 -15.39 -26.69 23.92
N GLN A 481 -16.04 -26.37 22.80
CA GLN A 481 -17.32 -25.66 22.86
C GLN A 481 -18.39 -26.38 22.07
N LEU A 482 -19.62 -26.34 22.60
CA LEU A 482 -20.80 -26.94 21.99
C LEU A 482 -21.57 -25.89 21.20
N ILE A 483 -21.94 -26.22 19.96
CA ILE A 483 -22.69 -25.30 19.12
C ILE A 483 -23.78 -26.09 18.38
N PRO A 484 -25.06 -25.87 18.65
CA PRO A 484 -26.10 -26.61 17.91
C PRO A 484 -26.32 -26.01 16.52
N MET A 485 -26.39 -26.88 15.52
CA MET A 485 -26.68 -26.45 14.16
C MET A 485 -28.12 -25.96 14.08
N ILE A 486 -28.31 -24.67 13.87
CA ILE A 486 -29.63 -24.05 13.88
C ILE A 486 -29.85 -23.33 12.54
N SER A 487 -31.06 -23.49 12.01
CA SER A 487 -31.46 -22.74 10.82
C SER A 487 -32.94 -22.44 10.92
N LYS A 488 -33.32 -21.18 10.70
CA LYS A 488 -34.70 -20.76 10.86
C LYS A 488 -35.32 -20.44 9.50
N CYS A 489 -36.48 -21.02 9.24
CA CYS A 489 -37.20 -20.89 7.99
C CYS A 489 -38.61 -20.39 8.26
N ARG A 490 -39.40 -20.26 7.20
CA ARG A 490 -40.78 -19.83 7.28
C ARG A 490 -41.64 -20.76 6.42
N THR A 491 -42.71 -21.27 7.02
CA THR A 491 -43.55 -22.24 6.32
C THR A 491 -44.43 -21.55 5.27
N LYS A 492 -45.11 -22.38 4.48
CA LYS A 492 -46.06 -21.86 3.50
C LYS A 492 -47.18 -21.09 4.20
N GLU A 493 -47.65 -21.60 5.33
CA GLU A 493 -48.68 -20.90 6.10
C GLU A 493 -48.22 -19.55 6.61
N GLY A 494 -46.90 -19.32 6.64
CA GLY A 494 -46.34 -18.08 7.12
C GLY A 494 -45.76 -18.15 8.52
N ARG A 495 -46.01 -19.22 9.25
CA ARG A 495 -45.48 -19.35 10.60
C ARG A 495 -43.98 -19.59 10.55
N ARG A 496 -43.24 -18.83 11.36
CA ARG A 496 -41.79 -19.01 11.44
C ARG A 496 -41.47 -20.30 12.19
N LYS A 497 -40.30 -20.85 11.90
CA LYS A 497 -39.93 -22.15 12.43
C LYS A 497 -38.42 -22.22 12.58
N THR A 498 -37.96 -22.98 13.58
CA THR A 498 -36.56 -23.26 13.78
C THR A 498 -36.29 -24.73 13.46
N ASN A 499 -35.04 -25.03 13.10
CA ASN A 499 -34.65 -26.37 12.72
C ASN A 499 -33.27 -26.67 13.30
N LEU A 500 -33.15 -27.84 13.91
CA LEU A 500 -31.92 -28.28 14.57
C LEU A 500 -31.42 -29.53 13.85
N TYR A 501 -30.37 -29.37 13.04
CA TYR A 501 -29.79 -30.52 12.35
C TYR A 501 -28.96 -31.39 13.28
N GLY A 502 -28.23 -30.78 14.21
CA GLY A 502 -27.38 -31.53 15.11
C GLY A 502 -26.49 -30.65 15.98
N PHE A 503 -25.25 -31.07 16.18
CA PHE A 503 -24.33 -30.36 17.05
C PHE A 503 -22.92 -30.39 16.46
N ILE A 504 -22.14 -29.41 16.86
CA ILE A 504 -20.72 -29.31 16.50
C ILE A 504 -19.95 -29.04 17.78
N ILE A 505 -18.90 -29.83 18.00
CA ILE A 505 -17.99 -29.61 19.12
C ILE A 505 -16.69 -29.08 18.54
N LYS A 506 -16.40 -27.82 18.83
CA LYS A 506 -15.16 -27.20 18.41
C LYS A 506 -14.06 -27.44 19.44
N GLY A 507 -12.87 -27.76 18.95
CA GLY A 507 -11.72 -28.03 19.79
C GLY A 507 -10.75 -26.87 19.85
N ARG A 508 -9.55 -27.16 20.33
CA ARG A 508 -8.52 -26.14 20.43
C ARG A 508 -8.29 -25.48 19.08
N SER A 509 -8.32 -24.15 19.05
CA SER A 509 -8.30 -23.38 17.82
C SER A 509 -7.31 -22.24 17.91
N HIS A 510 -6.10 -22.54 18.38
CA HIS A 510 -5.01 -21.55 18.41
C HIS A 510 -4.46 -21.39 17.00
N LEU A 511 -5.22 -20.69 16.17
CA LEU A 511 -4.94 -20.56 14.75
C LEU A 511 -4.10 -19.31 14.52
N ARG A 512 -2.85 -19.50 14.11
CA ARG A 512 -1.96 -18.39 13.80
C ARG A 512 -1.97 -18.07 12.30
N ASN A 513 -1.60 -19.04 11.48
CA ASN A 513 -1.60 -18.84 10.03
C ASN A 513 -2.99 -19.07 9.46
N ASP A 514 -3.23 -18.51 8.28
CA ASP A 514 -4.50 -18.71 7.60
C ASP A 514 -4.74 -20.15 7.21
N THR A 515 -3.70 -20.99 7.21
CA THR A 515 -3.83 -22.40 6.86
C THR A 515 -3.90 -23.31 8.07
N ASP A 516 -3.64 -22.80 9.28
CA ASP A 516 -3.73 -23.62 10.47
C ASP A 516 -5.14 -24.19 10.61
N VAL A 517 -5.22 -25.42 11.11
CA VAL A 517 -6.46 -26.19 11.10
C VAL A 517 -7.04 -26.25 12.50
N VAL A 518 -8.32 -25.95 12.60
CA VAL A 518 -9.12 -26.17 13.81
C VAL A 518 -9.95 -27.42 13.57
N ASN A 519 -9.84 -28.39 14.47
CA ASN A 519 -10.58 -29.64 14.37
C ASN A 519 -11.83 -29.57 15.22
N PHE A 520 -12.92 -30.12 14.69
CA PHE A 520 -14.17 -30.24 15.43
C PHE A 520 -14.77 -31.60 15.10
N VAL A 521 -15.79 -31.97 15.86
CA VAL A 521 -16.55 -33.19 15.61
C VAL A 521 -18.01 -32.80 15.39
N SER A 522 -18.59 -33.29 14.30
CA SER A 522 -19.94 -32.94 13.89
C SER A 522 -20.85 -34.15 14.02
N MET A 523 -22.04 -33.92 14.58
CA MET A 523 -23.06 -34.94 14.75
C MET A 523 -24.33 -34.41 14.11
N GLU A 524 -24.96 -35.23 13.26
CA GLU A 524 -26.16 -34.79 12.56
C GLU A 524 -27.17 -35.94 12.47
N PHE A 525 -28.43 -35.62 12.76
CA PHE A 525 -29.49 -36.59 12.64
C PHE A 525 -29.80 -36.84 11.16
N SER A 526 -30.29 -38.04 10.86
CA SER A 526 -30.69 -38.36 9.50
C SER A 526 -31.55 -39.60 9.52
N LEU A 527 -32.20 -39.87 8.39
CA LEU A 527 -32.96 -41.11 8.20
C LEU A 527 -32.37 -41.99 7.11
N THR A 528 -31.40 -41.50 6.34
CA THR A 528 -30.84 -42.28 5.25
C THR A 528 -29.95 -43.38 5.80
N ASP A 529 -30.30 -44.62 5.49
CA ASP A 529 -29.50 -45.76 5.96
C ASP A 529 -28.14 -45.75 5.28
N PRO A 530 -27.04 -45.81 6.02
CA PRO A 530 -25.71 -45.82 5.40
C PRO A 530 -25.27 -47.16 4.85
N ARG A 531 -26.14 -48.17 4.86
CA ARG A 531 -25.79 -49.49 4.37
C ARG A 531 -26.01 -49.64 2.87
N LEU A 532 -26.48 -48.59 2.20
CA LEU A 532 -26.75 -48.65 0.77
C LEU A 532 -25.67 -47.99 -0.08
N GLU A 533 -25.01 -46.95 0.43
CA GLU A 533 -23.90 -46.29 -0.28
C GLU A 533 -22.73 -46.11 0.69
N PRO A 534 -22.16 -47.22 1.16
CA PRO A 534 -21.11 -47.09 2.18
C PRO A 534 -19.90 -46.31 1.72
N HIS A 535 -19.53 -46.42 0.44
CA HIS A 535 -18.33 -45.75 -0.04
C HIS A 535 -18.43 -44.24 0.06
N LYS A 536 -19.64 -43.68 0.15
CA LYS A 536 -19.80 -42.25 0.30
C LYS A 536 -19.53 -41.77 1.73
N TRP A 537 -19.50 -42.68 2.69
CA TRP A 537 -19.33 -42.34 4.10
C TRP A 537 -18.05 -42.97 4.68
N GLU A 538 -16.94 -42.85 3.94
CA GLU A 538 -15.70 -43.49 4.36
C GLU A 538 -15.22 -42.92 5.70
N LYS A 539 -15.39 -41.62 5.91
CA LYS A 539 -14.84 -40.94 7.07
C LYS A 539 -15.87 -40.69 8.16
N TYR A 540 -17.06 -41.25 8.04
CA TYR A 540 -18.13 -41.04 9.01
C TYR A 540 -18.29 -42.28 9.90
N CYS A 541 -18.74 -42.05 11.12
CA CYS A 541 -19.22 -43.10 12.01
C CYS A 541 -20.71 -42.87 12.24
N VAL A 542 -21.53 -43.88 11.94
CA VAL A 542 -22.99 -43.72 11.97
C VAL A 542 -23.56 -44.67 13.01
N LEU A 543 -24.31 -44.11 13.95
CA LEU A 543 -24.98 -44.85 15.01
C LEU A 543 -26.50 -44.89 14.74
N GLU A 544 -27.18 -45.72 15.52
CA GLU A 544 -28.64 -45.76 15.55
C GLU A 544 -29.10 -45.14 16.87
N ILE A 545 -29.84 -44.03 16.78
CA ILE A 545 -30.21 -43.29 17.97
C ILE A 545 -31.71 -43.25 18.24
N GLY A 546 -32.55 -43.51 17.24
CA GLY A 546 -33.97 -43.52 17.54
C GLY A 546 -34.83 -44.00 16.40
N ASP A 547 -36.13 -43.74 16.53
CA ASP A 547 -37.11 -44.05 15.49
C ASP A 547 -38.04 -42.86 15.33
N MET A 548 -38.41 -42.59 14.08
CA MET A 548 -39.25 -41.45 13.74
C MET A 548 -40.53 -41.93 13.06
N LEU A 549 -41.63 -41.24 13.32
CA LEU A 549 -42.93 -41.57 12.76
C LEU A 549 -43.46 -40.34 12.00
N LEU A 550 -43.38 -40.39 10.67
CA LEU A 550 -43.91 -39.34 9.82
C LEU A 550 -45.20 -39.83 9.17
N ARG A 551 -46.22 -38.97 9.19
CA ARG A 551 -47.56 -39.36 8.73
C ARG A 551 -47.50 -39.74 7.25
N SER A 552 -47.86 -40.98 6.94
CA SER A 552 -47.95 -41.45 5.57
C SER A 552 -49.17 -42.36 5.43
N ALA A 553 -49.68 -42.46 4.21
CA ALA A 553 -50.85 -43.28 3.95
C ALA A 553 -50.61 -44.76 4.20
N ILE A 554 -49.35 -45.19 4.22
CA ILE A 554 -49.03 -46.61 4.48
C ILE A 554 -48.89 -46.73 5.99
N GLY A 555 -50.04 -46.90 6.66
CA GLY A 555 -50.06 -46.90 8.11
C GLY A 555 -49.25 -45.73 8.64
N GLN A 556 -48.14 -46.02 9.31
CA GLN A 556 -47.14 -45.01 9.59
C GLN A 556 -45.77 -45.69 9.55
N VAL A 557 -44.81 -45.05 8.90
CA VAL A 557 -43.59 -45.72 8.49
C VAL A 557 -42.82 -46.25 9.71
N SER A 558 -42.65 -45.41 10.73
CA SER A 558 -41.81 -45.75 11.87
C SER A 558 -40.39 -46.11 11.42
N ARG A 559 -39.79 -45.18 10.68
CA ARG A 559 -38.46 -45.36 10.12
C ARG A 559 -37.40 -45.31 11.22
N PRO A 560 -36.24 -45.94 10.99
CA PRO A 560 -35.09 -45.70 11.88
C PRO A 560 -34.59 -44.28 11.73
N MET A 561 -33.80 -43.84 12.72
CA MET A 561 -33.29 -42.48 12.74
C MET A 561 -31.88 -42.53 13.30
N PHE A 562 -30.90 -42.31 12.42
CA PHE A 562 -29.49 -42.52 12.68
C PHE A 562 -28.79 -41.21 12.95
N LEU A 563 -27.56 -41.31 13.48
CA LEU A 563 -26.72 -40.17 13.78
C LEU A 563 -25.40 -40.32 13.04
N TYR A 564 -25.15 -39.41 12.09
CA TYR A 564 -23.88 -39.36 11.39
C TYR A 564 -22.90 -38.53 12.21
N VAL A 565 -21.84 -39.18 12.70
CA VAL A 565 -20.83 -38.55 13.55
C VAL A 565 -19.49 -38.65 12.85
N ARG A 566 -18.77 -37.53 12.78
CA ARG A 566 -17.46 -37.55 12.14
C ARG A 566 -16.56 -36.48 12.74
N THR A 567 -15.26 -36.65 12.52
CA THR A 567 -14.26 -35.67 12.86
C THR A 567 -13.88 -34.90 11.59
N ASN A 568 -14.07 -33.59 11.60
CA ASN A 568 -13.77 -32.75 10.47
C ASN A 568 -12.88 -31.60 10.94
N GLY A 569 -12.42 -30.78 9.99
CA GLY A 569 -11.58 -29.66 10.31
C GLY A 569 -11.73 -28.57 9.29
N THR A 570 -11.37 -27.35 9.71
CA THR A 570 -11.42 -26.20 8.81
C THR A 570 -10.25 -25.28 9.15
N SER A 571 -10.22 -24.12 8.52
CA SER A 571 -9.18 -23.13 8.76
C SER A 571 -9.79 -21.75 8.67
N LYS A 572 -9.03 -20.75 9.12
CA LYS A 572 -9.53 -19.37 9.11
C LYS A 572 -10.00 -18.97 7.71
N ILE A 573 -9.20 -19.27 6.69
CA ILE A 573 -9.59 -18.93 5.33
C ILE A 573 -10.86 -19.68 4.93
N LYS A 574 -10.92 -20.98 5.24
CA LYS A 574 -12.10 -21.75 4.88
C LYS A 574 -13.34 -21.24 5.61
N MET A 575 -13.20 -20.91 6.90
CA MET A 575 -14.34 -20.38 7.64
C MET A 575 -14.80 -19.05 7.04
N LYS A 576 -13.85 -18.17 6.74
CA LYS A 576 -14.20 -16.86 6.18
C LYS A 576 -14.92 -17.01 4.85
N TRP A 577 -14.41 -17.91 3.99
CA TRP A 577 -15.02 -18.06 2.67
C TRP A 577 -16.35 -18.81 2.73
N GLY A 578 -16.52 -19.72 3.69
CA GLY A 578 -17.79 -20.37 3.86
C GLY A 578 -18.85 -19.51 4.50
N MET A 579 -18.43 -18.48 5.24
CA MET A 579 -19.38 -17.52 5.78
C MET A 579 -19.76 -16.44 4.78
N GLU A 580 -19.19 -16.46 3.57
CA GLU A 580 -19.61 -15.58 2.48
C GLU A 580 -20.22 -16.39 1.36
N MET A 581 -21.00 -17.42 1.71
CA MET A 581 -21.67 -18.23 0.70
C MET A 581 -22.85 -17.54 0.06
N ARG A 582 -23.29 -16.40 0.60
CA ARG A 582 -24.45 -15.72 0.03
C ARG A 582 -24.16 -15.11 -1.33
N ARG A 583 -22.89 -14.94 -1.70
CA ARG A 583 -22.56 -14.42 -3.02
C ARG A 583 -22.80 -15.44 -4.13
N CYS A 584 -23.08 -16.69 -3.78
CA CYS A 584 -23.55 -17.63 -4.78
C CYS A 584 -24.89 -17.18 -5.36
N LEU A 585 -25.78 -16.68 -4.49
CA LEU A 585 -27.01 -16.06 -4.96
C LEU A 585 -26.70 -14.97 -5.99
N LEU A 586 -25.74 -14.11 -5.67
CA LEU A 586 -25.36 -13.07 -6.61
C LEU A 586 -24.95 -13.71 -7.91
N GLN A 587 -23.84 -14.46 -7.92
CA GLN A 587 -23.36 -15.08 -9.16
C GLN A 587 -24.50 -15.62 -10.01
N SER A 588 -25.33 -16.49 -9.42
CA SER A 588 -26.39 -17.13 -10.20
C SER A 588 -27.35 -16.10 -10.78
N LEU A 589 -27.82 -15.18 -9.93
CA LEU A 589 -28.90 -14.31 -10.38
C LEU A 589 -28.38 -13.20 -11.29
N GLN A 590 -27.10 -12.84 -11.13
CA GLN A 590 -26.46 -11.98 -12.11
C GLN A 590 -26.42 -12.65 -13.47
N GLN A 591 -26.09 -13.95 -13.50
CA GLN A 591 -26.11 -14.65 -14.79
C GLN A 591 -27.52 -14.63 -15.40
N ILE A 592 -28.53 -14.92 -14.59
CA ILE A 592 -29.90 -14.94 -15.12
C ILE A 592 -30.33 -13.55 -15.58
N GLU A 593 -29.98 -12.52 -14.81
CA GLU A 593 -30.36 -11.16 -15.18
C GLU A 593 -29.63 -10.70 -16.43
N SER A 594 -28.39 -11.16 -16.62
CA SER A 594 -27.68 -10.90 -17.86
C SER A 594 -28.40 -11.55 -19.03
N MET A 595 -28.86 -12.79 -18.85
CA MET A 595 -29.66 -13.43 -19.89
C MET A 595 -30.89 -12.60 -20.21
N ILE A 596 -31.61 -12.16 -19.18
CA ILE A 596 -32.86 -11.43 -19.38
C ILE A 596 -32.59 -10.11 -20.10
N GLU A 597 -31.55 -9.39 -19.68
CA GLU A 597 -31.22 -8.11 -20.30
C GLU A 597 -30.79 -8.31 -21.75
N ALA A 598 -29.98 -9.33 -22.02
CA ALA A 598 -29.55 -9.58 -23.38
C ALA A 598 -30.73 -9.89 -24.29
N GLU A 599 -31.68 -10.70 -23.80
CA GLU A 599 -32.86 -10.99 -24.62
C GLU A 599 -33.75 -9.75 -24.77
N SER A 600 -33.84 -8.93 -23.73
CA SER A 600 -34.68 -7.73 -23.78
C SER A 600 -34.07 -6.63 -24.62
N SER A 601 -32.75 -6.66 -24.85
CA SER A 601 -32.17 -5.71 -25.79
C SER A 601 -32.63 -5.98 -27.22
N VAL A 602 -33.13 -7.18 -27.49
CA VAL A 602 -33.66 -7.50 -28.81
C VAL A 602 -35.05 -6.91 -28.98
N LYS A 603 -35.98 -7.30 -28.12
CA LYS A 603 -37.32 -6.74 -28.09
C LYS A 603 -37.33 -5.56 -27.14
N GLU A 604 -37.67 -4.38 -27.64
CA GLU A 604 -37.54 -3.16 -26.86
C GLU A 604 -38.58 -3.11 -25.76
N LYS A 605 -38.40 -3.96 -24.74
CA LYS A 605 -39.34 -4.07 -23.63
C LYS A 605 -38.78 -5.00 -22.58
N ASP A 606 -39.09 -4.78 -21.31
CA ASP A 606 -38.66 -5.69 -20.25
C ASP A 606 -39.38 -7.01 -20.40
N MET A 607 -38.62 -8.10 -20.31
CA MET A 607 -39.10 -9.42 -20.66
C MET A 607 -39.14 -10.36 -19.46
N THR A 608 -39.04 -9.81 -18.25
CA THR A 608 -38.93 -10.65 -17.05
C THR A 608 -40.24 -11.38 -16.77
N LYS A 609 -41.37 -10.65 -16.81
CA LYS A 609 -42.63 -11.22 -16.36
C LYS A 609 -43.04 -12.43 -17.19
N GLU A 610 -42.93 -12.31 -18.51
CA GLU A 610 -43.33 -13.43 -19.37
C GLU A 610 -42.34 -14.58 -19.23
N PHE A 611 -41.05 -14.29 -19.07
CA PHE A 611 -40.10 -15.36 -18.80
C PHE A 611 -40.48 -16.15 -17.57
N PHE A 612 -40.86 -15.47 -16.49
CA PHE A 612 -41.12 -16.17 -15.24
C PHE A 612 -42.51 -16.77 -15.14
N GLU A 613 -43.49 -16.25 -15.89
CA GLU A 613 -44.85 -16.78 -15.83
C GLU A 613 -45.19 -17.70 -17.01
N ASN A 614 -45.02 -17.22 -18.24
CA ASN A 614 -45.39 -18.05 -19.40
C ASN A 614 -44.54 -19.30 -19.48
N LYS A 615 -43.24 -19.20 -19.18
CA LYS A 615 -42.35 -20.36 -19.18
C LYS A 615 -42.28 -21.01 -20.55
N SER A 616 -42.50 -20.23 -21.60
CA SER A 616 -42.44 -20.77 -22.96
C SER A 616 -41.00 -21.14 -23.33
N GLU A 617 -40.08 -20.19 -23.15
CA GLU A 617 -38.69 -20.45 -23.48
C GLU A 617 -38.04 -21.32 -22.41
N THR A 618 -37.17 -22.22 -22.84
CA THR A 618 -36.49 -23.13 -21.94
C THR A 618 -35.05 -23.31 -22.41
N TRP A 619 -34.16 -23.63 -21.45
CA TRP A 619 -32.75 -23.83 -21.74
C TRP A 619 -32.35 -25.27 -21.42
N PRO A 620 -31.40 -25.85 -22.16
CA PRO A 620 -30.92 -27.19 -21.80
C PRO A 620 -30.22 -27.18 -20.44
N ILE A 621 -30.80 -27.86 -19.45
CA ILE A 621 -30.29 -27.80 -18.09
C ILE A 621 -30.10 -29.21 -17.53
N GLY A 622 -29.96 -30.19 -18.41
CA GLY A 622 -29.76 -31.56 -17.99
C GLY A 622 -30.15 -32.52 -19.09
N GLU A 623 -29.69 -33.77 -18.93
CA GLU A 623 -29.93 -34.82 -19.92
C GLU A 623 -30.56 -36.02 -19.22
N SER A 624 -31.62 -36.53 -19.82
CA SER A 624 -32.27 -37.77 -19.40
C SER A 624 -31.98 -38.87 -20.40
N PRO A 625 -32.11 -40.14 -20.01
CA PRO A 625 -31.87 -41.23 -20.96
C PRO A 625 -32.62 -41.06 -22.27
N LYS A 626 -33.80 -40.42 -22.24
CA LYS A 626 -34.49 -40.11 -23.48
C LYS A 626 -33.72 -39.08 -24.30
N GLY A 627 -33.11 -38.10 -23.66
CA GLY A 627 -32.37 -37.09 -24.37
C GLY A 627 -32.14 -35.87 -23.46
N VAL A 628 -31.80 -34.76 -24.11
CA VAL A 628 -31.54 -33.51 -23.39
C VAL A 628 -32.87 -32.93 -22.93
N GLU A 629 -32.93 -32.52 -21.67
CA GLU A 629 -34.13 -31.95 -21.08
C GLU A 629 -33.94 -30.47 -20.83
N GLU A 630 -34.96 -29.68 -21.18
CA GLU A 630 -34.95 -28.24 -21.01
C GLU A 630 -35.94 -27.83 -19.93
N GLY A 631 -35.57 -26.79 -19.17
CA GLY A 631 -36.41 -26.30 -18.09
C GLY A 631 -36.60 -24.80 -18.19
N SER A 632 -37.60 -24.32 -17.45
CA SER A 632 -37.92 -22.90 -17.45
C SER A 632 -36.77 -22.09 -16.85
N ILE A 633 -36.94 -20.77 -16.86
CA ILE A 633 -35.87 -19.89 -16.37
C ILE A 633 -35.65 -20.10 -14.88
N GLY A 634 -36.71 -20.37 -14.13
CA GLY A 634 -36.55 -20.61 -12.71
C GLY A 634 -35.68 -21.82 -12.41
N LYS A 635 -35.86 -22.88 -13.18
CA LYS A 635 -35.01 -24.05 -13.00
C LYS A 635 -33.56 -23.75 -13.33
N VAL A 636 -33.32 -22.91 -14.34
CA VAL A 636 -31.96 -22.47 -14.63
C VAL A 636 -31.39 -21.68 -13.46
N CYS A 637 -32.20 -20.81 -12.87
CA CYS A 637 -31.78 -20.06 -11.69
C CYS A 637 -31.33 -21.02 -10.59
N ARG A 638 -32.17 -22.00 -10.28
CA ARG A 638 -31.86 -22.94 -9.21
C ARG A 638 -30.62 -23.76 -9.55
N THR A 639 -30.48 -24.18 -10.81
CA THR A 639 -29.33 -24.97 -11.20
C THR A 639 -28.03 -24.19 -11.04
N LEU A 640 -28.02 -22.93 -11.50
CA LEU A 640 -26.82 -22.12 -11.36
C LEU A 640 -26.53 -21.83 -9.89
N LEU A 641 -27.57 -21.59 -9.09
CA LEU A 641 -27.35 -21.38 -7.66
C LEU A 641 -26.74 -22.61 -7.00
N ALA A 642 -27.23 -23.80 -7.37
CA ALA A 642 -26.67 -25.03 -6.82
C ALA A 642 -25.23 -25.21 -7.27
N LYS A 643 -24.93 -24.88 -8.53
CA LYS A 643 -23.56 -25.00 -9.01
C LYS A 643 -22.63 -24.08 -8.22
N SER A 644 -23.05 -22.84 -7.98
CA SER A 644 -22.22 -21.93 -7.21
C SER A 644 -22.06 -22.41 -5.76
N VAL A 645 -23.14 -22.93 -5.17
CA VAL A 645 -23.07 -23.42 -3.80
C VAL A 645 -22.09 -24.58 -3.70
N PHE A 646 -22.14 -25.51 -4.65
CA PHE A 646 -21.22 -26.63 -4.63
C PHE A 646 -19.80 -26.20 -4.93
N ASN A 647 -19.62 -25.16 -5.76
CA ASN A 647 -18.29 -24.60 -5.95
C ASN A 647 -17.74 -24.07 -4.63
N SER A 648 -18.59 -23.39 -3.85
CA SER A 648 -18.16 -22.86 -2.57
C SER A 648 -17.95 -23.95 -1.53
N LEU A 649 -18.65 -25.08 -1.67
CA LEU A 649 -18.55 -26.15 -0.68
C LEU A 649 -17.36 -27.06 -0.96
N TYR A 650 -17.20 -27.49 -2.20
CA TYR A 650 -16.12 -28.40 -2.59
C TYR A 650 -14.95 -27.66 -3.24
N ALA A 651 -14.68 -26.44 -2.81
CA ALA A 651 -13.60 -25.68 -3.40
C ALA A 651 -12.26 -26.36 -3.16
N SER A 652 -11.39 -26.29 -4.17
CA SER A 652 -10.07 -26.90 -4.08
C SER A 652 -9.21 -26.45 -5.26
N PRO A 653 -7.89 -26.60 -5.18
CA PRO A 653 -7.03 -26.23 -6.32
C PRO A 653 -7.38 -26.99 -7.58
N GLN A 654 -7.77 -28.26 -7.44
CA GLN A 654 -8.21 -29.04 -8.60
C GLN A 654 -9.33 -28.33 -9.33
N LEU A 655 -10.29 -27.78 -8.58
CA LEU A 655 -11.41 -27.09 -9.22
C LEU A 655 -10.93 -25.90 -10.03
N GLU A 656 -10.03 -25.09 -9.47
CA GLU A 656 -9.54 -23.92 -10.19
C GLU A 656 -8.80 -24.33 -11.46
N GLY A 657 -7.88 -25.29 -11.33
CA GLY A 657 -7.12 -25.71 -12.50
C GLY A 657 -8.00 -26.27 -13.59
N PHE A 658 -8.91 -27.17 -13.22
CA PHE A 658 -9.81 -27.74 -14.20
C PHE A 658 -10.69 -26.66 -14.82
N SER A 659 -11.18 -25.73 -14.02
CA SER A 659 -12.04 -24.67 -14.55
C SER A 659 -11.32 -23.88 -15.61
N ALA A 660 -10.08 -23.46 -15.33
CA ALA A 660 -9.34 -22.68 -16.32
C ALA A 660 -9.05 -23.50 -17.58
N GLU A 661 -8.47 -24.69 -17.41
CA GLU A 661 -8.03 -25.47 -18.56
C GLU A 661 -9.19 -26.06 -19.34
N SER A 662 -10.39 -26.10 -18.75
CA SER A 662 -11.58 -26.53 -19.47
C SER A 662 -12.34 -25.37 -20.06
N ARG A 663 -12.24 -24.18 -19.48
CA ARG A 663 -12.77 -22.99 -20.14
C ARG A 663 -12.03 -22.72 -21.44
N LYS A 664 -10.72 -22.97 -21.46
CA LYS A 664 -9.98 -22.86 -22.71
C LYS A 664 -10.59 -23.75 -23.79
N LEU A 665 -10.77 -25.04 -23.48
CA LEU A 665 -11.33 -25.97 -24.46
C LEU A 665 -12.77 -25.64 -24.80
N LEU A 666 -13.53 -25.13 -23.83
CA LEU A 666 -14.90 -24.71 -24.11
C LEU A 666 -14.93 -23.56 -25.10
N LEU A 667 -14.02 -22.60 -24.95
CA LEU A 667 -13.93 -21.51 -25.92
C LEU A 667 -13.55 -22.04 -27.30
N ILE A 668 -12.61 -22.99 -27.35
CA ILE A 668 -12.25 -23.57 -28.64
C ILE A 668 -13.46 -24.25 -29.28
N VAL A 669 -14.21 -25.02 -28.49
CA VAL A 669 -15.37 -25.73 -29.03
C VAL A 669 -16.43 -24.75 -29.48
N GLN A 670 -16.62 -23.66 -28.73
CA GLN A 670 -17.58 -22.64 -29.13
C GLN A 670 -17.18 -22.00 -30.44
N ALA A 671 -15.88 -21.72 -30.61
CA ALA A 671 -15.40 -21.20 -31.89
C ALA A 671 -15.69 -22.19 -33.01
N LEU A 672 -15.49 -23.48 -32.75
CA LEU A 672 -15.81 -24.49 -33.76
C LEU A 672 -17.29 -24.44 -34.12
N ARG A 673 -18.16 -24.38 -33.12
CA ARG A 673 -19.60 -24.37 -33.37
C ARG A 673 -20.06 -23.09 -34.05
N ASP A 674 -19.27 -22.02 -33.97
CA ASP A 674 -19.60 -20.75 -34.60
C ASP A 674 -19.07 -20.65 -36.01
N ASN A 675 -18.44 -21.71 -36.54
CA ASN A 675 -17.90 -21.71 -37.89
C ASN A 675 -16.82 -20.64 -38.05
N LEU A 676 -15.84 -20.67 -37.15
CA LEU A 676 -14.75 -19.69 -37.14
C LEU A 676 -13.40 -20.35 -37.40
N GLU A 677 -13.39 -21.53 -38.00
CA GLU A 677 -12.19 -22.25 -38.40
C GLU A 677 -11.15 -22.23 -37.27
N PRO A 678 -11.49 -22.75 -36.10
CA PRO A 678 -10.54 -22.76 -34.99
C PRO A 678 -9.36 -23.67 -35.29
N GLY A 679 -8.22 -23.33 -34.69
CA GLY A 679 -7.02 -24.11 -34.85
C GLY A 679 -6.24 -24.14 -33.55
N THR A 680 -5.41 -25.18 -33.42
CA THR A 680 -4.62 -25.37 -32.22
C THR A 680 -3.19 -25.71 -32.60
N PHE A 681 -2.26 -25.34 -31.74
CA PHE A 681 -0.85 -25.65 -31.93
C PHE A 681 -0.44 -26.94 -31.23
N ASP A 682 -0.96 -27.20 -30.03
CA ASP A 682 -0.73 -28.47 -29.34
C ASP A 682 -1.97 -28.76 -28.51
N LEU A 683 -2.90 -29.53 -29.08
CA LEU A 683 -4.12 -29.88 -28.36
C LEU A 683 -3.85 -30.96 -27.32
N GLY A 684 -2.92 -31.88 -27.61
CA GLY A 684 -2.58 -32.89 -26.62
C GLY A 684 -2.05 -32.28 -25.34
N GLY A 685 -1.27 -31.20 -25.46
CA GLY A 685 -0.80 -30.52 -24.27
C GLY A 685 -1.93 -29.95 -23.44
N LEU A 686 -2.91 -29.34 -24.11
CA LEU A 686 -4.06 -28.82 -23.38
C LEU A 686 -4.83 -29.95 -22.70
N TYR A 687 -5.02 -31.06 -23.39
CA TYR A 687 -5.72 -32.19 -22.79
C TYR A 687 -4.98 -32.70 -21.57
N GLU A 688 -3.65 -32.84 -21.67
CA GLU A 688 -2.87 -33.28 -20.51
C GLU A 688 -2.95 -32.27 -19.37
N ALA A 689 -3.02 -30.98 -19.70
CA ALA A 689 -3.18 -29.97 -18.66
C ALA A 689 -4.52 -30.09 -17.96
N ILE A 690 -5.58 -30.40 -18.70
CA ILE A 690 -6.90 -30.57 -18.09
C ILE A 690 -6.93 -31.83 -17.23
N GLU A 691 -6.38 -32.93 -17.75
CA GLU A 691 -6.52 -34.22 -17.10
C GLU A 691 -5.69 -34.34 -15.83
N GLU A 692 -4.70 -33.46 -15.63
CA GLU A 692 -3.89 -33.52 -14.42
C GLU A 692 -4.58 -32.89 -13.21
N CYS A 693 -5.67 -32.14 -13.43
CA CYS A 693 -6.40 -31.54 -12.33
C CYS A 693 -7.42 -32.49 -11.71
N LEU A 694 -7.76 -33.58 -12.39
CA LEU A 694 -8.76 -34.53 -11.91
C LEU A 694 -8.05 -35.61 -11.11
N ILE A 695 -8.15 -35.54 -9.78
CA ILE A 695 -7.44 -36.50 -8.94
C ILE A 695 -8.41 -37.25 -8.03
N ASN A 696 -9.03 -36.55 -7.08
CA ASN A 696 -9.95 -37.21 -6.16
C ASN A 696 -11.14 -36.37 -5.74
N ASP A 697 -11.30 -35.16 -6.23
CA ASP A 697 -12.39 -34.32 -5.73
C ASP A 697 -13.69 -34.72 -6.42
N PRO A 698 -14.75 -35.08 -5.69
CA PRO A 698 -16.00 -35.45 -6.37
C PRO A 698 -16.54 -34.36 -7.27
N TRP A 699 -16.44 -33.10 -6.85
CA TRP A 699 -17.04 -32.01 -7.60
C TRP A 699 -16.35 -31.82 -8.94
N VAL A 700 -15.01 -31.83 -8.95
CA VAL A 700 -14.30 -31.62 -10.20
C VAL A 700 -14.50 -32.80 -11.13
N LEU A 701 -14.56 -34.02 -10.59
CA LEU A 701 -14.82 -35.18 -11.44
C LEU A 701 -16.22 -35.11 -12.04
N LEU A 702 -17.20 -34.67 -11.26
CA LEU A 702 -18.54 -34.49 -11.81
C LEU A 702 -18.55 -33.43 -12.89
N ASN A 703 -17.80 -32.35 -12.68
CA ASN A 703 -17.70 -31.31 -13.71
C ASN A 703 -17.07 -31.86 -14.98
N ALA A 704 -16.05 -32.71 -14.85
CA ALA A 704 -15.42 -33.32 -16.01
C ALA A 704 -16.39 -34.24 -16.73
N SER A 705 -17.17 -35.01 -15.99
CA SER A 705 -18.18 -35.86 -16.62
C SER A 705 -19.22 -35.01 -17.36
N TRP A 706 -19.63 -33.90 -16.75
CA TRP A 706 -20.54 -32.98 -17.41
C TRP A 706 -19.93 -32.44 -18.69
N PHE A 707 -18.64 -32.10 -18.65
CA PHE A 707 -17.96 -31.59 -19.83
C PHE A 707 -17.92 -32.63 -20.94
N ASN A 708 -17.64 -33.88 -20.59
CA ASN A 708 -17.65 -34.95 -21.58
C ASN A 708 -19.04 -35.11 -22.19
N SER A 709 -20.08 -35.06 -21.35
CA SER A 709 -21.44 -35.16 -21.87
C SER A 709 -21.76 -33.99 -22.80
N PHE A 710 -21.31 -32.78 -22.44
CA PHE A 710 -21.54 -31.62 -23.29
C PHE A 710 -20.83 -31.76 -24.63
N LEU A 711 -19.60 -32.27 -24.62
CA LEU A 711 -18.91 -32.53 -25.87
C LEU A 711 -19.66 -33.55 -26.72
N THR A 712 -20.15 -34.62 -26.08
CA THR A 712 -20.88 -35.64 -26.82
C THR A 712 -22.14 -35.06 -27.45
N HIS A 713 -22.89 -34.26 -26.69
CA HIS A 713 -24.10 -33.66 -27.22
C HIS A 713 -23.78 -32.55 -28.22
N ALA A 714 -22.72 -31.79 -27.97
CA ALA A 714 -22.25 -30.80 -28.94
C ALA A 714 -21.51 -31.55 -30.05
N LEU A 715 -20.89 -30.80 -30.96
CA LEU A 715 -20.14 -31.38 -32.08
C LEU A 715 -21.07 -32.24 -32.93
N ARG A 716 -22.16 -31.62 -33.39
CA ARG A 716 -23.14 -32.32 -34.22
C ARG A 716 -23.71 -31.37 -35.28
N MET B 1 -34.23 -37.53 -14.44
CA MET B 1 -33.43 -36.49 -15.16
C MET B 1 -32.27 -36.02 -14.30
N ASP B 2 -31.08 -35.95 -14.90
CA ASP B 2 -29.88 -35.49 -14.22
C ASP B 2 -29.56 -34.07 -14.65
N VAL B 3 -29.40 -33.18 -13.67
CA VAL B 3 -29.13 -31.78 -13.95
C VAL B 3 -27.67 -31.61 -14.34
N ASN B 4 -27.41 -30.78 -15.35
CA ASN B 4 -26.06 -30.54 -15.82
C ASN B 4 -25.94 -29.11 -16.32
N PRO B 5 -25.36 -28.20 -15.53
CA PRO B 5 -25.28 -26.80 -15.96
C PRO B 5 -24.49 -26.60 -17.25
N THR B 6 -23.47 -27.42 -17.51
CA THR B 6 -22.63 -27.21 -18.69
C THR B 6 -23.45 -27.27 -19.96
N LEU B 7 -24.49 -28.11 -20.00
CA LEU B 7 -25.32 -28.20 -21.20
C LEU B 7 -25.97 -26.87 -21.54
N LEU B 8 -26.03 -25.94 -20.58
CA LEU B 8 -26.54 -24.61 -20.87
C LEU B 8 -25.77 -23.95 -21.99
N PHE B 9 -24.51 -24.32 -22.21
CA PHE B 9 -23.74 -23.73 -23.29
C PHE B 9 -24.21 -24.16 -24.67
N LEU B 10 -25.07 -25.18 -24.76
CA LEU B 10 -25.61 -25.58 -26.06
C LEU B 10 -26.59 -24.57 -26.62
N LYS B 11 -27.14 -23.69 -25.80
CA LYS B 11 -28.05 -22.64 -26.24
C LYS B 11 -27.48 -21.25 -26.04
N VAL B 12 -26.79 -21.01 -24.94
CA VAL B 12 -26.14 -19.72 -24.66
C VAL B 12 -24.68 -19.84 -25.09
N PRO B 13 -24.18 -18.97 -25.98
CA PRO B 13 -22.77 -19.04 -26.36
C PRO B 13 -21.85 -19.05 -25.15
N ALA B 14 -20.63 -19.56 -25.33
CA ALA B 14 -19.72 -19.74 -24.20
C ALA B 14 -19.41 -18.41 -23.52
N GLN B 15 -19.13 -17.37 -24.31
CA GLN B 15 -18.75 -16.09 -23.73
C GLN B 15 -19.92 -15.38 -23.07
N ASN B 16 -21.14 -15.57 -23.57
CA ASN B 16 -22.30 -14.95 -22.95
C ASN B 16 -22.64 -15.54 -21.59
N ALA B 17 -22.07 -16.69 -21.23
CA ALA B 17 -22.28 -17.30 -19.93
C ALA B 17 -20.96 -17.75 -19.33
N ILE B 18 -19.86 -17.08 -19.66
CA ILE B 18 -18.55 -17.47 -19.18
C ILE B 18 -18.44 -17.30 -17.68
N SER B 19 -19.26 -16.44 -17.07
CA SER B 19 -19.20 -16.25 -15.63
C SER B 19 -19.43 -17.55 -14.89
N THR B 20 -20.21 -18.47 -15.46
CA THR B 20 -20.46 -19.75 -14.82
C THR B 20 -19.21 -20.60 -14.69
N THR B 21 -18.18 -20.33 -15.50
CA THR B 21 -16.97 -21.13 -15.51
C THR B 21 -15.88 -20.56 -14.60
N PHE B 22 -16.24 -19.70 -13.65
CA PHE B 22 -15.30 -19.07 -12.74
C PHE B 22 -15.70 -19.40 -11.30
N PRO B 23 -15.12 -20.46 -10.71
CA PRO B 23 -15.48 -20.84 -9.33
C PRO B 23 -14.84 -19.93 -8.29
N TYR B 24 -15.21 -18.65 -8.32
CA TYR B 24 -14.66 -17.65 -7.42
C TYR B 24 -15.55 -17.41 -6.20
N THR B 25 -16.32 -18.42 -5.81
CA THR B 25 -17.13 -18.36 -4.60
C THR B 25 -16.57 -19.20 -3.46
N GLY B 26 -15.43 -19.88 -3.68
CA GLY B 26 -14.83 -20.71 -2.67
C GLY B 26 -13.44 -20.18 -2.30
N ASP B 27 -12.85 -20.83 -1.30
CA ASP B 27 -11.54 -20.39 -0.82
C ASP B 27 -10.50 -20.64 -1.91
N PRO B 28 -9.69 -19.64 -2.26
CA PRO B 28 -8.65 -19.85 -3.27
C PRO B 28 -7.51 -20.69 -2.69
N PRO B 29 -6.73 -21.35 -3.55
CA PRO B 29 -5.65 -22.18 -3.03
C PRO B 29 -4.59 -21.35 -2.31
N TYR B 30 -4.06 -21.91 -1.23
CA TYR B 30 -2.98 -21.30 -0.47
C TYR B 30 -1.83 -22.29 -0.29
N SER B 31 -0.62 -21.74 -0.22
CA SER B 31 0.54 -22.52 0.17
C SER B 31 0.59 -22.63 1.69
N HIS B 32 1.11 -23.75 2.18
CA HIS B 32 1.12 -24.05 3.61
C HIS B 32 2.49 -23.92 4.24
N GLY B 33 3.54 -24.37 3.58
CA GLY B 33 4.86 -24.39 4.18
C GLY B 33 5.92 -23.63 3.40
N THR B 34 7.11 -24.21 3.31
CA THR B 34 8.23 -23.53 2.69
C THR B 34 8.03 -23.38 1.19
N GLY B 35 8.66 -22.36 0.63
CA GLY B 35 8.70 -22.17 -0.81
C GLY B 35 10.06 -22.50 -1.38
N THR B 36 10.90 -23.17 -0.58
CA THR B 36 12.25 -23.49 -1.03
C THR B 36 12.22 -24.43 -2.23
N GLY B 37 11.34 -25.43 -2.21
CA GLY B 37 11.26 -26.35 -3.33
C GLY B 37 10.95 -25.64 -4.63
N TYR B 38 9.98 -24.72 -4.60
CA TYR B 38 9.64 -23.97 -5.80
C TYR B 38 10.79 -23.09 -6.25
N THR B 39 11.49 -22.46 -5.31
CA THR B 39 12.62 -21.61 -5.68
C THR B 39 13.71 -22.43 -6.37
N MET B 40 14.05 -23.60 -5.80
CA MET B 40 15.06 -24.45 -6.41
C MET B 40 14.61 -24.92 -7.77
N ASP B 41 13.34 -25.31 -7.90
CA ASP B 41 12.83 -25.77 -9.19
C ASP B 41 12.92 -24.66 -10.23
N THR B 42 12.54 -23.43 -9.84
CA THR B 42 12.61 -22.32 -10.78
C THR B 42 14.05 -22.04 -11.19
N VAL B 43 14.98 -22.07 -10.24
CA VAL B 43 16.38 -21.81 -10.58
C VAL B 43 16.89 -22.86 -11.55
N ASN B 44 16.63 -24.14 -11.26
CA ASN B 44 17.10 -25.20 -12.15
C ASN B 44 16.46 -25.09 -13.52
N ARG B 45 15.16 -24.78 -13.58
CA ARG B 45 14.47 -24.67 -14.85
C ARG B 45 15.03 -23.50 -15.67
N THR B 46 15.27 -22.36 -15.02
CA THR B 46 15.85 -21.23 -15.72
C THR B 46 17.25 -21.55 -16.22
N HIS B 47 18.03 -22.32 -15.47
CA HIS B 47 19.38 -22.64 -15.89
C HIS B 47 19.43 -23.71 -16.97
N GLN B 48 18.43 -24.59 -17.05
CA GLN B 48 18.46 -25.66 -18.04
C GLN B 48 17.78 -25.27 -19.34
N TYR B 49 16.96 -24.22 -19.35
CA TYR B 49 16.48 -23.65 -20.61
C TYR B 49 17.58 -22.92 -21.37
N SER B 50 18.73 -22.68 -20.72
CA SER B 50 19.86 -21.99 -21.33
C SER B 50 21.13 -22.82 -21.18
N GLU B 51 20.99 -24.15 -21.14
CA GLU B 51 22.12 -25.01 -20.85
C GLU B 51 23.23 -24.86 -21.88
N LYS B 52 22.89 -24.59 -23.13
CA LYS B 52 23.87 -24.55 -24.21
C LYS B 52 24.64 -23.24 -24.25
N GLY B 53 24.47 -22.36 -23.27
CA GLY B 53 25.24 -21.13 -23.21
C GLY B 53 26.68 -21.41 -22.83
N ARG B 54 27.37 -20.40 -22.29
CA ARG B 54 28.75 -20.55 -21.84
C ARG B 54 28.86 -20.17 -20.37
N TRP B 55 29.68 -20.92 -19.64
CA TRP B 55 29.82 -20.75 -18.20
C TRP B 55 31.02 -19.86 -17.89
N THR B 56 30.88 -19.07 -16.83
CA THR B 56 31.97 -18.24 -16.34
C THR B 56 31.84 -18.14 -14.82
N THR B 57 32.88 -17.63 -14.19
CA THR B 57 32.87 -17.40 -12.74
C THR B 57 33.19 -15.94 -12.48
N ASN B 58 32.25 -15.24 -11.84
CA ASN B 58 32.46 -13.83 -11.56
C ASN B 58 33.64 -13.65 -10.63
N THR B 59 34.51 -12.69 -10.96
CA THR B 59 35.69 -12.44 -10.16
C THR B 59 35.38 -11.71 -8.86
N GLU B 60 34.23 -11.04 -8.78
CA GLU B 60 33.84 -10.33 -7.57
C GLU B 60 33.04 -11.22 -6.62
N THR B 61 31.92 -11.77 -7.10
CA THR B 61 31.08 -12.62 -6.26
C THR B 61 31.52 -14.07 -6.25
N GLY B 62 32.38 -14.48 -7.18
CA GLY B 62 32.84 -15.86 -7.21
C GLY B 62 31.77 -16.87 -7.52
N ALA B 63 30.63 -16.43 -8.07
CA ALA B 63 29.53 -17.33 -8.36
C ALA B 63 29.54 -17.74 -9.83
N PRO B 64 29.09 -18.96 -10.15
CA PRO B 64 29.03 -19.38 -11.55
C PRO B 64 27.83 -18.74 -12.25
N GLN B 65 28.09 -18.18 -13.43
CA GLN B 65 27.08 -17.51 -14.24
C GLN B 65 27.05 -18.11 -15.64
N LEU B 66 25.86 -18.19 -16.20
CA LEU B 66 25.63 -18.81 -17.51
C LEU B 66 25.14 -17.73 -18.48
N ASN B 67 25.89 -17.54 -19.57
CA ASN B 67 25.53 -16.55 -20.58
C ASN B 67 25.08 -17.27 -21.85
N PRO B 68 23.79 -17.25 -22.19
CA PRO B 68 23.34 -17.93 -23.41
C PRO B 68 23.24 -17.01 -24.61
N ILE B 69 23.42 -15.70 -24.39
CA ILE B 69 23.22 -14.74 -25.47
C ILE B 69 24.15 -15.09 -26.62
N ASP B 70 23.63 -14.93 -27.84
CA ASP B 70 24.34 -15.30 -29.06
C ASP B 70 24.72 -16.78 -29.08
N GLY B 71 24.00 -17.60 -28.34
CA GLY B 71 24.25 -19.02 -28.33
C GLY B 71 23.67 -19.69 -29.55
N PRO B 72 23.81 -21.00 -29.62
CA PRO B 72 23.30 -21.74 -30.79
C PRO B 72 21.80 -21.53 -30.96
N LEU B 73 21.37 -21.41 -32.20
CA LEU B 73 19.96 -21.22 -32.49
C LEU B 73 19.17 -22.46 -32.10
N PRO B 74 17.96 -22.30 -31.58
CA PRO B 74 17.17 -23.47 -31.18
C PRO B 74 16.81 -24.34 -32.37
N GLU B 75 16.78 -25.65 -32.14
CA GLU B 75 16.38 -26.61 -33.16
C GLU B 75 15.12 -27.37 -32.77
N ASP B 76 14.43 -26.94 -31.73
CA ASP B 76 13.19 -27.56 -31.29
C ASP B 76 12.27 -26.47 -30.75
N ASN B 77 11.01 -26.84 -30.55
CA ASN B 77 9.99 -25.91 -30.09
C ASN B 77 9.97 -25.75 -28.57
N GLU B 78 10.91 -26.37 -27.86
CA GLU B 78 10.97 -26.22 -26.42
C GLU B 78 11.41 -24.81 -26.05
N PRO B 79 11.12 -24.36 -24.84
CA PRO B 79 11.53 -23.01 -24.44
C PRO B 79 13.04 -22.85 -24.52
N SER B 80 13.47 -21.67 -24.95
CA SER B 80 14.89 -21.39 -25.13
C SER B 80 15.16 -19.94 -24.79
N GLY B 81 16.25 -19.70 -24.08
CA GLY B 81 16.64 -18.35 -23.69
C GLY B 81 17.84 -17.84 -24.48
N TYR B 82 18.08 -18.42 -25.65
CA TYR B 82 19.23 -18.04 -26.48
C TYR B 82 18.86 -16.87 -27.39
N ALA B 83 18.71 -15.70 -26.76
CA ALA B 83 18.44 -14.48 -27.50
C ALA B 83 19.70 -14.00 -28.21
N GLN B 84 19.51 -13.42 -29.39
CA GLN B 84 20.62 -12.95 -30.22
C GLN B 84 20.71 -11.43 -30.12
N THR B 85 21.90 -10.94 -29.77
CA THR B 85 22.07 -9.50 -29.53
C THR B 85 21.74 -8.69 -30.78
N ASP B 86 22.26 -9.12 -31.93
CA ASP B 86 22.04 -8.35 -33.16
C ASP B 86 20.57 -8.29 -33.53
N CYS B 87 19.85 -9.40 -33.38
CA CYS B 87 18.44 -9.43 -33.72
C CYS B 87 17.64 -8.45 -32.86
N VAL B 88 17.90 -8.43 -31.56
CA VAL B 88 17.15 -7.55 -30.66
C VAL B 88 17.53 -6.09 -30.91
N LEU B 89 18.82 -5.83 -31.17
CA LEU B 89 19.20 -4.46 -31.51
C LEU B 89 18.51 -4.01 -32.78
N GLU B 90 18.41 -4.88 -33.77
CA GLU B 90 17.71 -4.54 -35.00
C GLU B 90 16.21 -4.31 -34.74
N ALA B 91 15.61 -5.13 -33.88
CA ALA B 91 14.21 -4.94 -33.54
C ALA B 91 13.99 -3.57 -32.88
N MET B 92 14.88 -3.20 -31.95
CA MET B 92 14.77 -1.90 -31.32
C MET B 92 14.99 -0.77 -32.33
N ALA B 93 15.92 -0.98 -33.27
CA ALA B 93 16.14 0.03 -34.31
C ALA B 93 14.90 0.23 -35.17
N PHE B 94 14.24 -0.87 -35.55
CA PHE B 94 13.01 -0.75 -36.33
C PHE B 94 11.91 -0.10 -35.49
N LEU B 95 11.85 -0.41 -34.20
CA LEU B 95 10.88 0.25 -33.33
C LEU B 95 11.12 1.76 -33.33
N GLU B 96 12.38 2.17 -33.24
CA GLU B 96 12.69 3.60 -33.30
C GLU B 96 12.31 4.20 -34.64
N GLU B 97 12.61 3.49 -35.73
CA GLU B 97 12.31 4.02 -37.06
C GLU B 97 10.82 4.22 -37.25
N SER B 98 10.01 3.26 -36.81
CA SER B 98 8.57 3.40 -36.93
C SER B 98 8.01 4.47 -35.99
N HIS B 99 8.75 4.80 -34.93
CA HIS B 99 8.32 5.84 -33.97
C HIS B 99 9.51 6.76 -33.71
N PRO B 100 9.85 7.61 -34.68
CA PRO B 100 11.00 8.49 -34.49
C PRO B 100 10.84 9.40 -33.29
N GLY B 101 11.96 9.65 -32.61
CA GLY B 101 11.96 10.54 -31.45
C GLY B 101 11.46 9.92 -30.17
N ILE B 102 11.10 8.64 -30.17
CA ILE B 102 10.57 8.01 -28.96
C ILE B 102 11.65 7.93 -27.89
N PHE B 103 12.80 7.36 -28.23
CA PHE B 103 13.83 7.13 -27.23
C PHE B 103 14.39 8.44 -26.70
N GLU B 104 14.68 9.40 -27.59
CA GLU B 104 15.27 10.65 -27.15
C GLU B 104 14.33 11.38 -26.19
N ASN B 105 13.05 11.51 -26.55
CA ASN B 105 12.11 12.16 -25.67
C ASN B 105 12.03 11.43 -24.33
N SER B 106 11.75 10.13 -24.37
CA SER B 106 11.57 9.39 -23.13
C SER B 106 12.79 9.54 -22.24
N CYS B 107 13.98 9.52 -22.84
CA CYS B 107 15.20 9.73 -22.06
C CYS B 107 15.24 11.14 -21.47
N LEU B 108 14.73 12.14 -22.19
CA LEU B 108 14.73 13.49 -21.65
C LEU B 108 13.85 13.59 -20.40
N GLU B 109 12.61 13.11 -20.48
CA GLU B 109 11.76 13.16 -19.28
C GLU B 109 12.34 12.29 -18.16
N THR B 110 12.90 11.13 -18.50
CA THR B 110 13.50 10.29 -17.47
C THR B 110 14.68 11.00 -16.81
N MET B 111 15.48 11.71 -17.59
CA MET B 111 16.60 12.47 -17.01
C MET B 111 16.10 13.55 -16.08
N GLU B 112 15.06 14.27 -16.48
CA GLU B 112 14.45 15.25 -15.58
C GLU B 112 14.04 14.60 -14.27
N VAL B 113 13.30 13.49 -14.35
CA VAL B 113 12.79 12.85 -13.14
C VAL B 113 13.94 12.35 -12.27
N VAL B 114 14.94 11.72 -12.87
CA VAL B 114 16.05 11.17 -12.10
C VAL B 114 16.80 12.28 -11.37
N GLN B 115 17.02 13.41 -12.05
CA GLN B 115 17.79 14.47 -11.41
C GLN B 115 16.95 15.32 -10.47
N GLN B 116 15.62 15.16 -10.46
CA GLN B 116 14.79 15.85 -9.47
C GLN B 116 14.12 14.90 -8.50
N THR B 117 14.32 13.59 -8.63
CA THR B 117 13.70 12.64 -7.71
C THR B 117 14.34 12.73 -6.33
N ARG B 118 13.56 12.36 -5.31
CA ARG B 118 13.99 12.39 -3.93
C ARG B 118 14.12 10.97 -3.38
N VAL B 119 14.75 10.87 -2.21
CA VAL B 119 14.94 9.56 -1.59
C VAL B 119 13.61 9.01 -1.08
N ASP B 120 12.75 9.87 -0.55
CA ASP B 120 11.52 9.40 0.09
C ASP B 120 10.64 8.62 -0.87
N LYS B 121 10.83 8.79 -2.18
CA LYS B 121 10.04 8.02 -3.14
C LYS B 121 10.22 6.52 -2.96
N LEU B 122 11.34 6.08 -2.36
CA LEU B 122 11.55 4.67 -2.13
C LEU B 122 10.70 4.12 -0.99
N THR B 123 10.18 4.99 -0.11
CA THR B 123 9.33 4.52 0.97
C THR B 123 7.96 4.09 0.46
N GLN B 124 7.54 4.57 -0.71
CA GLN B 124 6.23 4.24 -1.28
C GLN B 124 6.31 2.89 -2.00
N GLY B 125 6.60 1.85 -1.23
CA GLY B 125 6.69 0.51 -1.76
C GLY B 125 6.36 -0.52 -0.71
N ARG B 126 5.96 -1.70 -1.20
CA ARG B 126 5.59 -2.80 -0.30
C ARG B 126 6.83 -3.53 0.17
N GLN B 127 6.66 -4.70 0.77
CA GLN B 127 7.75 -5.41 1.41
C GLN B 127 9.01 -5.43 0.53
N THR B 128 10.16 -5.20 1.17
CA THR B 128 11.45 -5.26 0.52
C THR B 128 12.40 -6.04 1.40
N TYR B 129 13.39 -6.68 0.77
CA TYR B 129 14.33 -7.54 1.48
C TYR B 129 15.41 -6.69 2.12
N ASP B 130 15.28 -6.45 3.43
CA ASP B 130 16.35 -5.78 4.17
C ASP B 130 17.50 -6.74 4.40
N TRP B 131 18.69 -6.34 3.94
CA TRP B 131 19.89 -7.14 4.14
C TRP B 131 20.53 -6.93 5.50
N THR B 132 20.19 -5.84 6.18
CA THR B 132 20.71 -5.62 7.53
C THR B 132 20.25 -6.72 8.48
N LEU B 133 19.06 -7.27 8.24
CA LEU B 133 18.52 -8.35 9.05
C LEU B 133 18.27 -9.62 8.25
N ASN B 134 18.51 -9.60 6.94
CA ASN B 134 18.28 -10.75 6.09
C ASN B 134 16.82 -11.21 6.15
N ARG B 135 15.91 -10.27 5.95
CA ARG B 135 14.49 -10.62 6.01
C ARG B 135 13.67 -9.53 5.35
N ASN B 136 12.44 -9.88 4.99
CA ASN B 136 11.53 -8.93 4.38
C ASN B 136 10.95 -7.99 5.44
N GLN B 137 10.99 -6.69 5.14
CA GLN B 137 10.46 -5.67 6.03
C GLN B 137 9.85 -4.58 5.19
N PRO B 138 9.01 -3.73 5.78
CA PRO B 138 8.41 -2.64 5.00
C PRO B 138 9.48 -1.75 4.38
N ALA B 139 9.15 -1.20 3.21
CA ALA B 139 10.13 -0.43 2.45
C ALA B 139 10.76 0.67 3.28
N ALA B 140 9.94 1.41 4.03
CA ALA B 140 10.47 2.50 4.84
C ALA B 140 11.46 2.00 5.88
N THR B 141 11.12 0.89 6.55
CA THR B 141 12.01 0.36 7.59
C THR B 141 13.34 -0.07 7.00
N ALA B 142 13.31 -0.79 5.87
CA ALA B 142 14.54 -1.23 5.24
C ALA B 142 15.38 -0.04 4.79
N LEU B 143 14.73 0.97 4.19
CA LEU B 143 15.47 2.15 3.77
C LEU B 143 16.11 2.84 4.95
N ALA B 144 15.39 2.98 6.06
CA ALA B 144 15.96 3.63 7.23
C ALA B 144 17.14 2.84 7.77
N ASN B 145 17.02 1.51 7.84
CA ASN B 145 18.12 0.69 8.35
C ASN B 145 19.35 0.82 7.46
N THR B 146 19.15 0.76 6.14
CA THR B 146 20.29 0.88 5.23
C THR B 146 20.94 2.26 5.34
N ILE B 147 20.13 3.31 5.46
CA ILE B 147 20.69 4.65 5.59
C ILE B 147 21.49 4.76 6.89
N GLU B 148 20.97 4.18 7.98
CA GLU B 148 21.68 4.21 9.25
C GLU B 148 23.02 3.49 9.13
N VAL B 149 23.02 2.32 8.49
CA VAL B 149 24.27 1.57 8.34
C VAL B 149 25.26 2.34 7.50
N PHE B 150 24.79 2.94 6.39
CA PHE B 150 25.67 3.72 5.53
C PHE B 150 26.29 4.88 6.30
N ARG B 151 25.46 5.61 7.05
CA ARG B 151 25.97 6.74 7.82
C ARG B 151 26.97 6.28 8.87
N SER B 152 26.72 5.13 9.50
CA SER B 152 27.67 4.58 10.46
C SER B 152 28.97 4.16 9.80
N ASN B 153 28.94 3.76 8.53
CA ASN B 153 30.13 3.33 7.83
C ASN B 153 30.87 4.48 7.16
N GLY B 154 30.27 5.67 7.08
CA GLY B 154 30.91 6.83 6.49
C GLY B 154 30.33 7.28 5.15
N LEU B 155 29.25 6.67 4.67
CA LEU B 155 28.63 7.07 3.41
C LEU B 155 27.45 7.96 3.74
N THR B 156 27.66 9.28 3.66
CA THR B 156 26.68 10.26 4.09
C THR B 156 26.28 11.20 2.96
N ALA B 157 26.52 10.80 1.71
CA ALA B 157 26.08 11.63 0.59
C ALA B 157 24.56 11.66 0.48
N ASN B 158 23.90 10.60 0.96
CA ASN B 158 22.44 10.57 0.92
C ASN B 158 21.82 11.67 1.77
N GLU B 159 22.62 12.30 2.65
CA GLU B 159 22.12 13.44 3.40
C GLU B 159 21.73 14.59 2.49
N SER B 160 22.19 14.58 1.24
CA SER B 160 21.75 15.58 0.28
C SER B 160 20.26 15.45 -0.04
N GLY B 161 19.64 14.33 0.34
CA GLY B 161 18.22 14.16 0.12
C GLY B 161 17.84 13.83 -1.30
N ARG B 162 18.80 13.37 -2.10
CA ARG B 162 18.56 13.06 -3.50
C ARG B 162 18.74 11.56 -3.72
N LEU B 163 17.82 10.95 -4.49
CA LEU B 163 17.93 9.54 -4.78
C LEU B 163 19.18 9.23 -5.58
N ILE B 164 19.59 10.13 -6.47
CA ILE B 164 20.81 9.92 -7.24
C ILE B 164 22.02 9.87 -6.30
N ASP B 165 22.04 10.74 -5.29
CA ASP B 165 23.12 10.69 -4.30
C ASP B 165 23.06 9.40 -3.48
N PHE B 166 21.85 8.93 -3.16
CA PHE B 166 21.75 7.66 -2.45
C PHE B 166 22.32 6.52 -3.28
N LEU B 167 22.06 6.52 -4.59
CA LEU B 167 22.63 5.50 -5.46
C LEU B 167 24.15 5.65 -5.58
N LYS B 168 24.64 6.89 -5.59
CA LYS B 168 26.09 7.10 -5.59
C LYS B 168 26.71 6.48 -4.34
N ASP B 169 26.10 6.69 -3.18
CA ASP B 169 26.58 6.08 -1.95
C ASP B 169 26.49 4.56 -2.03
N VAL B 170 25.41 4.05 -2.61
CA VAL B 170 25.24 2.59 -2.73
C VAL B 170 26.38 2.00 -3.54
N MET B 171 26.69 2.62 -4.69
CA MET B 171 27.78 2.11 -5.50
C MET B 171 29.12 2.25 -4.78
N GLU B 172 29.35 3.38 -4.11
CA GLU B 172 30.59 3.54 -3.37
C GLU B 172 30.74 2.49 -2.29
N SER B 173 29.64 2.02 -1.72
CA SER B 173 29.70 0.96 -0.71
C SER B 173 30.26 -0.32 -1.30
N MET B 174 30.11 -0.52 -2.61
CA MET B 174 30.58 -1.75 -3.25
C MET B 174 32.10 -1.87 -3.20
N ASP B 175 32.82 -0.75 -3.05
CA ASP B 175 34.27 -0.75 -3.08
C ASP B 175 34.89 -0.63 -1.70
N LYS B 176 34.13 -0.94 -0.65
CA LYS B 176 34.62 -0.83 0.71
C LYS B 176 35.17 -2.18 1.19
N GLU B 177 36.24 -2.12 1.98
CA GLU B 177 36.89 -3.34 2.44
C GLU B 177 36.09 -4.05 3.53
N GLU B 178 35.41 -3.29 4.39
CA GLU B 178 34.76 -3.89 5.56
C GLU B 178 33.65 -2.97 6.01
N MET B 179 32.41 -3.44 5.95
CA MET B 179 31.26 -2.72 6.50
C MET B 179 30.87 -3.35 7.83
N GLU B 180 29.99 -2.65 8.57
CA GLU B 180 29.55 -3.11 9.87
C GLU B 180 28.03 -3.07 9.94
N ILE B 181 27.44 -4.12 10.52
CA ILE B 181 26.00 -4.23 10.70
C ILE B 181 25.71 -4.53 12.16
N THR B 182 24.44 -4.38 12.53
CA THR B 182 23.97 -4.58 13.89
C THR B 182 23.01 -5.76 13.93
N THR B 183 23.14 -6.59 14.97
CA THR B 183 22.24 -7.72 15.16
C THR B 183 21.83 -7.82 16.61
N HIS B 184 20.57 -8.16 16.85
CA HIS B 184 20.04 -8.32 18.19
C HIS B 184 19.71 -9.80 18.45
N PHE B 185 19.99 -10.24 19.67
CA PHE B 185 19.73 -11.62 20.06
C PHE B 185 19.41 -11.71 21.55
N LYS B 207 23.15 -5.59 21.79
CA LYS B 207 23.33 -5.66 20.35
C LYS B 207 24.78 -5.97 20.01
N LYS B 208 24.99 -6.69 18.90
CA LYS B 208 26.30 -7.13 18.46
C LYS B 208 26.63 -6.47 17.14
N LYS B 209 27.84 -5.92 17.04
CA LYS B 209 28.35 -5.34 15.80
C LYS B 209 29.13 -6.41 15.05
N GLN B 210 28.71 -6.70 13.81
CA GLN B 210 29.35 -7.71 12.99
C GLN B 210 29.95 -7.05 11.76
N ARG B 211 31.08 -7.60 11.30
CA ARG B 211 31.80 -7.05 10.17
C ARG B 211 31.59 -7.92 8.93
N LEU B 212 31.22 -7.28 7.83
CA LEU B 212 31.00 -7.93 6.55
C LEU B 212 32.12 -7.52 5.60
N ASN B 213 32.79 -8.51 5.02
CA ASN B 213 33.84 -8.25 4.06
C ASN B 213 33.24 -7.82 2.72
N LYS B 214 34.10 -7.62 1.73
CA LYS B 214 33.63 -7.12 0.44
C LYS B 214 32.69 -8.10 -0.23
N ARG B 215 33.12 -9.37 -0.37
CA ARG B 215 32.33 -10.34 -1.11
C ARG B 215 30.99 -10.62 -0.44
N SER B 216 30.99 -10.73 0.90
CA SER B 216 29.75 -11.00 1.60
C SER B 216 28.75 -9.87 1.41
N TYR B 217 29.22 -8.63 1.49
CA TYR B 217 28.32 -7.50 1.27
C TYR B 217 27.85 -7.44 -0.18
N LEU B 218 28.73 -7.77 -1.13
CA LEU B 218 28.31 -7.82 -2.53
C LEU B 218 27.16 -8.80 -2.72
N ILE B 219 27.31 -10.01 -2.16
CA ILE B 219 26.25 -11.01 -2.29
C ILE B 219 25.00 -10.60 -1.55
N ARG B 220 25.13 -9.93 -0.41
CA ARG B 220 23.96 -9.46 0.33
C ARG B 220 23.23 -8.35 -0.40
N ALA B 221 23.95 -7.55 -1.20
CA ALA B 221 23.32 -6.50 -1.98
C ALA B 221 22.78 -6.99 -3.30
N LEU B 222 23.29 -8.12 -3.82
CA LEU B 222 22.84 -8.67 -5.08
C LEU B 222 21.81 -9.79 -4.93
N THR B 223 21.35 -10.06 -3.71
CA THR B 223 20.50 -11.21 -3.46
C THR B 223 19.02 -10.82 -3.46
N LEU B 224 18.17 -11.82 -3.66
CA LEU B 224 16.72 -11.67 -3.66
C LEU B 224 16.12 -12.62 -2.65
N ASN B 225 14.99 -12.24 -2.07
CA ASN B 225 14.27 -13.08 -1.13
C ASN B 225 13.09 -13.74 -1.83
N THR B 226 12.97 -15.06 -1.66
CA THR B 226 11.97 -15.84 -2.36
C THR B 226 10.85 -16.26 -1.41
N MET B 227 9.61 -16.12 -1.85
CA MET B 227 8.45 -16.52 -1.09
C MET B 227 7.48 -17.26 -2.03
N THR B 228 6.42 -17.81 -1.44
CA THR B 228 5.39 -18.52 -2.19
C THR B 228 4.17 -17.63 -2.34
N LYS B 229 3.65 -17.57 -3.56
CA LYS B 229 2.49 -16.70 -3.84
C LYS B 229 1.21 -17.42 -3.46
N ASP B 230 0.42 -16.79 -2.60
CA ASP B 230 -0.85 -17.33 -2.15
C ASP B 230 -2.01 -16.55 -2.79
N ALA B 231 -3.21 -17.11 -2.65
CA ALA B 231 -4.41 -16.51 -3.21
C ALA B 231 -4.29 -16.35 -4.72
N GLU B 232 -3.71 -17.35 -5.37
CA GLU B 232 -3.52 -17.36 -6.83
C GLU B 232 -4.52 -18.34 -7.43
N ARG B 233 -5.53 -17.80 -8.11
CA ARG B 233 -6.61 -18.61 -8.67
C ARG B 233 -6.34 -18.87 -10.14
N GLY B 234 -6.49 -20.12 -10.56
CA GLY B 234 -6.42 -20.46 -11.97
C GLY B 234 -5.33 -21.46 -12.32
N LYS B 235 -4.80 -22.18 -11.34
CA LYS B 235 -3.78 -23.18 -11.61
C LYS B 235 -3.67 -24.12 -10.43
N LEU B 236 -3.34 -25.38 -10.74
CA LEU B 236 -3.26 -26.42 -9.72
C LEU B 236 -2.00 -26.31 -8.87
N LYS B 237 -0.89 -25.88 -9.47
CA LYS B 237 0.40 -25.86 -8.79
C LYS B 237 0.72 -24.44 -8.29
N ARG B 238 1.47 -24.39 -7.19
CA ARG B 238 1.91 -23.13 -6.62
C ARG B 238 3.19 -22.66 -7.30
N ARG B 239 3.43 -21.35 -7.24
CA ARG B 239 4.60 -20.74 -7.84
C ARG B 239 5.38 -19.97 -6.77
N ALA B 240 6.56 -19.51 -7.16
CA ALA B 240 7.43 -18.72 -6.29
C ALA B 240 7.60 -17.32 -6.86
N ILE B 241 7.72 -16.35 -5.96
CA ILE B 241 7.94 -14.96 -6.33
C ILE B 241 9.13 -14.43 -5.54
N ALA B 242 9.67 -13.31 -6.01
CA ALA B 242 10.90 -12.76 -5.47
C ALA B 242 10.71 -11.29 -5.09
N THR B 243 11.51 -10.86 -4.12
CA THR B 243 11.54 -9.49 -3.65
C THR B 243 12.98 -9.03 -3.57
N PRO B 244 13.36 -7.93 -4.22
CA PRO B 244 14.75 -7.48 -4.19
C PRO B 244 15.03 -6.62 -2.96
N GLY B 245 16.30 -6.24 -2.84
CA GLY B 245 16.75 -5.43 -1.74
C GLY B 245 16.48 -3.95 -1.96
N MET B 246 17.14 -3.11 -1.16
CA MET B 246 16.98 -1.68 -1.24
C MET B 246 18.07 -0.99 -2.04
N GLN B 247 19.24 -1.62 -2.19
CA GLN B 247 20.31 -1.01 -2.97
C GLN B 247 19.94 -0.93 -4.45
N ILE B 248 19.15 -1.88 -4.94
CA ILE B 248 18.86 -2.00 -6.36
C ILE B 248 17.50 -1.42 -6.74
N ARG B 249 16.69 -1.00 -5.77
CA ARG B 249 15.34 -0.53 -6.08
C ARG B 249 15.32 0.85 -6.71
N GLY B 250 16.31 1.71 -6.43
CA GLY B 250 16.34 3.01 -7.08
C GLY B 250 16.62 2.90 -8.57
N PHE B 251 17.60 2.08 -8.94
CA PHE B 251 17.88 1.85 -10.35
C PHE B 251 16.67 1.24 -11.04
N VAL B 252 16.01 0.30 -10.38
CA VAL B 252 14.80 -0.30 -10.95
C VAL B 252 13.72 0.76 -11.13
N TYR B 253 13.58 1.67 -10.16
CA TYR B 253 12.60 2.73 -10.28
C TYR B 253 12.88 3.60 -11.50
N PHE B 254 14.14 3.99 -11.69
CA PHE B 254 14.48 4.83 -12.83
C PHE B 254 14.25 4.10 -14.15
N VAL B 255 14.66 2.82 -14.22
CA VAL B 255 14.51 2.05 -15.44
C VAL B 255 13.03 1.89 -15.77
N GLU B 256 12.20 1.60 -14.76
CA GLU B 256 10.78 1.45 -15.00
C GLU B 256 10.13 2.77 -15.35
N THR B 257 10.62 3.89 -14.82
CA THR B 257 10.13 5.19 -15.26
C THR B 257 10.39 5.40 -16.73
N LEU B 258 11.62 5.08 -17.18
CA LEU B 258 11.92 5.20 -18.60
C LEU B 258 11.02 4.29 -19.43
N ALA B 259 10.86 3.04 -18.99
CA ALA B 259 10.05 2.09 -19.76
C ALA B 259 8.59 2.52 -19.82
N ARG B 260 8.06 3.06 -18.72
CA ARG B 260 6.69 3.56 -18.72
C ARG B 260 6.55 4.75 -19.66
N SER B 261 7.50 5.68 -19.62
CA SER B 261 7.45 6.82 -20.54
C SER B 261 7.51 6.35 -21.99
N ILE B 262 8.25 5.27 -22.26
CA ILE B 262 8.33 4.75 -23.62
C ILE B 262 7.00 4.11 -24.02
N CYS B 263 6.49 3.21 -23.17
CA CYS B 263 5.28 2.48 -23.50
C CYS B 263 4.08 3.41 -23.65
N GLU B 264 4.05 4.50 -22.89
CA GLU B 264 2.96 5.45 -23.03
C GLU B 264 2.89 6.03 -24.43
N LYS B 265 3.99 5.98 -25.19
CA LYS B 265 4.01 6.44 -26.56
C LYS B 265 3.74 5.33 -27.56
N LEU B 266 3.50 4.11 -27.09
CA LEU B 266 3.22 2.96 -27.95
C LEU B 266 1.77 2.54 -27.74
N GLU B 267 0.98 2.54 -28.81
CA GLU B 267 -0.40 2.11 -28.73
C GLU B 267 -0.56 0.60 -28.70
N GLN B 268 0.49 -0.14 -29.08
CA GLN B 268 0.42 -1.60 -29.04
C GLN B 268 0.65 -2.17 -27.66
N SER B 269 1.11 -1.36 -26.71
CA SER B 269 1.30 -1.80 -25.34
C SER B 269 0.03 -1.59 -24.53
N GLY B 270 -0.17 -2.43 -23.52
CA GLY B 270 -1.35 -2.35 -22.69
C GLY B 270 -1.06 -2.55 -21.22
N LEU B 271 0.21 -2.50 -20.84
CA LEU B 271 0.62 -2.74 -19.47
C LEU B 271 0.44 -1.49 -18.60
N PRO B 272 0.83 -0.30 -19.05
CA PRO B 272 0.71 0.89 -18.21
C PRO B 272 -0.69 1.51 -18.17
N VAL B 273 -1.71 0.82 -18.67
CA VAL B 273 -3.07 1.34 -18.67
C VAL B 273 -3.95 0.45 -17.79
N GLY B 274 -5.22 0.82 -17.65
CA GLY B 274 -6.17 0.05 -16.89
C GLY B 274 -6.86 -1.00 -17.73
N GLY B 275 -7.97 -1.51 -17.21
CA GLY B 275 -8.70 -2.55 -17.93
C GLY B 275 -9.55 -2.00 -19.05
N ASN B 276 -10.29 -0.93 -18.79
CA ASN B 276 -11.16 -0.37 -19.82
C ASN B 276 -10.35 0.16 -20.99
N GLU B 277 -9.21 0.79 -20.71
CA GLU B 277 -8.33 1.22 -21.80
C GLU B 277 -7.84 0.02 -22.59
N LYS B 278 -7.52 -1.07 -21.90
CA LYS B 278 -7.11 -2.29 -22.57
C LYS B 278 -8.19 -2.77 -23.53
N LYS B 279 -9.44 -2.79 -23.06
CA LYS B 279 -10.54 -3.22 -23.92
C LYS B 279 -10.71 -2.29 -25.11
N ALA B 280 -10.61 -0.98 -24.89
CA ALA B 280 -10.76 -0.02 -25.97
C ALA B 280 -9.68 -0.23 -27.03
N LYS B 281 -8.43 -0.41 -26.59
CA LYS B 281 -7.35 -0.62 -27.56
C LYS B 281 -7.51 -1.94 -28.29
N LEU B 282 -7.97 -2.98 -27.60
CA LEU B 282 -8.21 -4.26 -28.28
C LEU B 282 -9.28 -4.12 -29.35
N ALA B 283 -10.38 -3.44 -29.02
CA ALA B 283 -11.43 -3.22 -30.01
C ALA B 283 -10.91 -2.41 -31.19
N ASN B 284 -10.14 -1.36 -30.91
CA ASN B 284 -9.61 -0.54 -31.99
C ASN B 284 -8.70 -1.36 -32.91
N VAL B 285 -7.82 -2.18 -32.33
CA VAL B 285 -6.88 -2.93 -33.16
C VAL B 285 -7.61 -3.99 -33.98
N VAL B 286 -8.58 -4.68 -33.39
CA VAL B 286 -9.30 -5.68 -34.15
C VAL B 286 -10.07 -5.03 -35.30
N ARG B 287 -10.73 -3.90 -35.02
CA ARG B 287 -11.46 -3.22 -36.09
C ARG B 287 -10.51 -2.74 -37.18
N LYS B 288 -9.36 -2.20 -36.79
CA LYS B 288 -8.39 -1.74 -37.78
C LYS B 288 -7.90 -2.88 -38.66
N MET B 289 -7.59 -4.03 -38.05
CA MET B 289 -7.04 -5.15 -38.81
C MET B 289 -8.09 -5.75 -39.72
N MET B 290 -9.30 -6.00 -39.20
CA MET B 290 -10.32 -6.65 -40.01
C MET B 290 -10.91 -5.70 -41.05
N THR B 291 -11.19 -4.46 -40.65
CA THR B 291 -11.84 -3.53 -41.56
C THR B 291 -10.96 -3.21 -42.76
N ASN B 292 -9.67 -2.94 -42.52
CA ASN B 292 -8.77 -2.65 -43.62
C ASN B 292 -8.60 -3.86 -44.54
N SER B 293 -8.74 -5.07 -43.99
CA SER B 293 -8.65 -6.26 -44.80
C SER B 293 -9.83 -6.33 -45.77
N GLN B 294 -9.52 -6.54 -47.05
CA GLN B 294 -10.57 -6.63 -48.06
C GLN B 294 -11.14 -8.05 -48.10
N ASP B 295 -12.06 -8.29 -49.04
CA ASP B 295 -12.69 -9.60 -49.14
C ASP B 295 -11.66 -10.69 -49.44
N THR B 296 -10.58 -10.36 -50.13
CA THR B 296 -9.62 -11.38 -50.53
C THR B 296 -8.74 -11.82 -49.37
N GLU B 297 -8.43 -10.91 -48.44
CA GLU B 297 -7.56 -11.23 -47.32
C GLU B 297 -8.36 -11.89 -46.21
N LEU B 298 -7.85 -13.01 -45.71
CA LEU B 298 -8.38 -13.68 -44.53
C LEU B 298 -7.68 -13.16 -43.27
N SER B 299 -8.41 -13.21 -42.16
CA SER B 299 -7.95 -12.69 -40.88
C SER B 299 -8.09 -13.77 -39.82
N PHE B 300 -7.07 -13.88 -38.96
CA PHE B 300 -7.09 -14.87 -37.89
C PHE B 300 -6.53 -14.26 -36.61
N THR B 301 -7.18 -14.55 -35.50
CA THR B 301 -6.75 -14.09 -34.18
C THR B 301 -6.15 -15.25 -33.39
N ILE B 302 -4.97 -15.02 -32.84
CA ILE B 302 -4.28 -15.97 -31.97
C ILE B 302 -4.36 -15.42 -30.55
N THR B 303 -4.89 -16.24 -29.64
CA THR B 303 -5.01 -15.87 -28.23
C THR B 303 -3.85 -16.51 -27.48
N GLY B 304 -2.69 -15.85 -27.54
CA GLY B 304 -1.43 -16.47 -27.16
C GLY B 304 -1.02 -16.16 -25.74
N ASP B 305 -0.49 -17.18 -25.07
CA ASP B 305 0.16 -17.05 -23.78
C ASP B 305 1.60 -17.53 -23.92
N ASN B 306 2.51 -16.88 -23.22
CA ASN B 306 3.93 -17.18 -23.30
C ASN B 306 4.34 -18.07 -22.14
N THR B 307 4.89 -19.24 -22.45
CA THR B 307 5.33 -20.16 -21.42
C THR B 307 6.69 -19.75 -20.89
N LYS B 308 6.81 -19.71 -19.56
CA LYS B 308 8.07 -19.36 -18.90
C LYS B 308 8.58 -18.00 -19.39
N TRP B 309 7.70 -17.01 -19.27
CA TRP B 309 8.01 -15.67 -19.77
C TRP B 309 9.22 -15.07 -19.04
N ASN B 310 9.18 -15.09 -17.70
CA ASN B 310 10.22 -14.43 -16.93
C ASN B 310 11.52 -15.22 -16.92
N GLU B 311 11.43 -16.55 -16.98
CA GLU B 311 12.63 -17.37 -16.88
C GLU B 311 13.51 -17.30 -18.12
N ASN B 312 12.99 -16.80 -19.23
CA ASN B 312 13.71 -16.79 -20.50
C ASN B 312 14.13 -15.38 -20.92
N GLN B 313 13.98 -14.39 -20.06
CA GLN B 313 14.36 -13.01 -20.37
C GLN B 313 15.68 -12.71 -19.66
N ASN B 314 16.75 -12.59 -20.44
CA ASN B 314 18.08 -12.41 -19.87
C ASN B 314 18.32 -10.94 -19.56
N PRO B 315 18.79 -10.60 -18.35
CA PRO B 315 19.04 -9.18 -18.03
C PRO B 315 20.06 -8.52 -18.95
N ARG B 316 21.02 -9.28 -19.47
CA ARG B 316 21.99 -8.69 -20.40
C ARG B 316 21.29 -8.11 -21.61
N MET B 317 20.21 -8.75 -22.06
CA MET B 317 19.49 -8.22 -23.21
C MET B 317 18.76 -6.94 -22.87
N PHE B 318 18.24 -6.83 -21.65
CA PHE B 318 17.68 -5.55 -21.21
C PHE B 318 18.75 -4.47 -21.14
N LEU B 319 19.96 -4.84 -20.72
CA LEU B 319 21.08 -3.89 -20.75
C LEU B 319 21.32 -3.40 -22.18
N ALA B 320 21.32 -4.34 -23.13
CA ALA B 320 21.52 -3.95 -24.53
C ALA B 320 20.41 -3.02 -25.01
N MET B 321 19.16 -3.34 -24.68
CA MET B 321 18.05 -2.50 -25.10
C MET B 321 18.16 -1.10 -24.51
N ILE B 322 18.50 -0.99 -23.23
CA ILE B 322 18.57 0.34 -22.63
C ILE B 322 19.76 1.13 -23.17
N THR B 323 20.91 0.47 -23.39
CA THR B 323 22.05 1.21 -23.93
C THR B 323 21.81 1.64 -25.38
N TYR B 324 20.99 0.89 -26.12
CA TYR B 324 20.56 1.38 -27.43
C TYR B 324 19.57 2.53 -27.29
N ILE B 325 18.68 2.45 -26.29
CA ILE B 325 17.72 3.52 -26.09
C ILE B 325 18.42 4.82 -25.69
N THR B 326 19.42 4.73 -24.83
CA THR B 326 20.10 5.89 -24.27
C THR B 326 21.31 6.32 -25.10
N ARG B 327 21.31 6.02 -26.41
CA ARG B 327 22.38 6.50 -27.26
C ARG B 327 22.29 8.01 -27.45
N ASN B 328 23.45 8.64 -27.59
CA ASN B 328 23.53 10.09 -27.76
C ASN B 328 22.86 10.82 -26.60
N GLN B 329 23.19 10.39 -25.39
CA GLN B 329 22.69 10.98 -24.16
C GLN B 329 23.87 11.17 -23.20
N PRO B 330 23.71 12.01 -22.18
CA PRO B 330 24.80 12.21 -21.22
C PRO B 330 25.25 10.89 -20.62
N GLU B 331 26.57 10.72 -20.48
CA GLU B 331 27.11 9.45 -20.04
C GLU B 331 26.64 9.09 -18.64
N TRP B 332 26.42 10.07 -17.78
CA TRP B 332 25.96 9.77 -16.43
C TRP B 332 24.56 9.14 -16.46
N PHE B 333 23.69 9.65 -17.34
CA PHE B 333 22.36 9.07 -17.49
C PHE B 333 22.46 7.61 -17.94
N ARG B 334 23.32 7.36 -18.93
CA ARG B 334 23.49 5.99 -19.40
C ARG B 334 23.99 5.09 -18.29
N ASN B 335 24.96 5.57 -17.51
CA ASN B 335 25.51 4.75 -16.43
C ASN B 335 24.45 4.44 -15.38
N VAL B 336 23.69 5.45 -14.95
CA VAL B 336 22.71 5.24 -13.90
C VAL B 336 21.59 4.32 -14.37
N LEU B 337 21.20 4.43 -15.64
CA LEU B 337 20.19 3.50 -16.17
C LEU B 337 20.76 2.12 -16.46
N SER B 338 22.07 1.98 -16.65
CA SER B 338 22.67 0.68 -16.92
C SER B 338 23.03 -0.08 -15.67
N ILE B 339 23.13 0.61 -14.53
CA ILE B 339 23.52 -0.07 -13.29
C ILE B 339 22.54 -1.20 -12.96
N ALA B 340 21.23 -0.97 -13.19
CA ALA B 340 20.24 -1.97 -12.80
C ALA B 340 20.42 -3.30 -13.50
N PRO B 341 20.36 -3.38 -14.84
CA PRO B 341 20.57 -4.69 -15.48
C PRO B 341 21.93 -5.28 -15.18
N ILE B 342 22.94 -4.46 -14.90
CA ILE B 342 24.24 -5.01 -14.52
C ILE B 342 24.12 -5.81 -13.23
N MET B 343 23.34 -5.31 -12.28
CA MET B 343 23.14 -6.04 -11.02
C MET B 343 22.21 -7.23 -11.20
N PHE B 344 21.18 -7.11 -12.03
CA PHE B 344 20.32 -8.26 -12.29
C PHE B 344 21.09 -9.39 -12.97
N SER B 345 22.03 -9.08 -13.86
CA SER B 345 22.79 -10.12 -14.52
C SER B 345 23.60 -10.93 -13.52
N ASN B 346 23.96 -10.34 -12.38
CA ASN B 346 24.67 -11.02 -11.32
C ASN B 346 23.78 -11.30 -10.12
N LYS B 347 22.47 -11.22 -10.28
CA LYS B 347 21.56 -11.37 -9.16
C LYS B 347 21.67 -12.75 -8.54
N MET B 348 21.51 -12.81 -7.22
CA MET B 348 21.41 -14.05 -6.47
C MET B 348 20.03 -14.15 -5.84
N ALA B 349 19.61 -15.38 -5.58
CA ALA B 349 18.29 -15.64 -5.00
C ALA B 349 18.47 -16.45 -3.74
N ARG B 350 17.85 -16.01 -2.65
CA ARG B 350 17.81 -16.79 -1.42
C ARG B 350 16.85 -17.97 -1.62
N LEU B 351 17.30 -19.16 -1.20
CA LEU B 351 16.53 -20.36 -1.48
C LEU B 351 15.15 -20.29 -0.84
N GLY B 352 15.06 -19.82 0.39
CA GLY B 352 13.78 -19.63 1.03
C GLY B 352 13.78 -19.90 2.52
N LYS B 353 12.58 -20.20 3.06
CA LYS B 353 12.46 -20.42 4.50
C LYS B 353 13.26 -21.63 4.94
N GLY B 354 13.19 -22.72 4.18
CA GLY B 354 13.90 -23.94 4.53
C GLY B 354 13.06 -25.18 4.29
N TYR B 355 13.26 -26.22 5.09
CA TYR B 355 12.49 -27.44 4.98
C TYR B 355 12.17 -27.99 6.36
N MET B 356 10.95 -28.48 6.53
CA MET B 356 10.51 -29.04 7.80
C MET B 356 10.41 -30.56 7.66
N PHE B 357 11.01 -31.27 8.60
CA PHE B 357 11.02 -32.72 8.65
C PHE B 357 10.18 -33.21 9.82
N GLU B 358 9.62 -34.41 9.67
CA GLU B 358 8.84 -35.05 10.73
C GLU B 358 9.35 -36.47 10.93
N SER B 359 9.43 -36.88 12.20
CA SER B 359 9.78 -38.24 12.57
C SER B 359 8.61 -38.82 13.36
N LYS B 360 7.88 -39.75 12.74
CA LYS B 360 6.73 -40.35 13.41
C LYS B 360 7.15 -41.40 14.43
N SER B 361 8.27 -42.08 14.20
CA SER B 361 8.73 -43.08 15.17
C SER B 361 9.02 -42.42 16.51
N MET B 362 9.73 -41.30 16.50
CA MET B 362 10.00 -40.54 17.71
C MET B 362 9.00 -39.41 17.93
N LYS B 363 8.08 -39.18 16.99
CA LYS B 363 6.99 -38.23 17.16
C LYS B 363 7.53 -36.83 17.46
N LEU B 364 8.24 -36.26 16.47
CA LEU B 364 8.79 -34.93 16.60
C LEU B 364 8.86 -34.28 15.23
N ARG B 365 9.12 -32.98 15.22
CA ARG B 365 9.30 -32.23 13.99
C ARG B 365 10.50 -31.29 14.13
N THR B 366 11.05 -30.91 12.99
CA THR B 366 12.26 -30.09 12.94
C THR B 366 12.15 -29.14 11.76
N GLN B 367 12.84 -28.00 11.84
CA GLN B 367 12.85 -27.01 10.79
C GLN B 367 14.29 -26.62 10.51
N ILE B 368 14.80 -27.03 9.35
CA ILE B 368 16.17 -26.72 8.94
C ILE B 368 16.13 -25.51 8.00
N PRO B 369 16.96 -24.49 8.22
CA PRO B 369 16.97 -23.37 7.29
C PRO B 369 17.53 -23.76 5.93
N ALA B 370 17.15 -22.98 4.92
CA ALA B 370 17.57 -23.29 3.56
C ALA B 370 19.09 -23.17 3.39
N GLU B 371 19.74 -22.35 4.21
CA GLU B 371 21.18 -22.15 4.06
C GLU B 371 21.97 -23.42 4.28
N MET B 372 21.37 -24.43 4.92
CA MET B 372 22.06 -25.70 5.13
C MET B 372 21.97 -26.63 3.93
N LEU B 373 21.22 -26.26 2.89
CA LEU B 373 21.06 -27.14 1.74
C LEU B 373 22.40 -27.40 1.04
N ALA B 374 23.38 -26.50 1.19
CA ALA B 374 24.66 -26.69 0.53
C ALA B 374 25.43 -27.85 1.13
N SER B 375 25.35 -28.03 2.44
CA SER B 375 26.15 -29.05 3.14
C SER B 375 25.32 -30.18 3.73
N ILE B 376 24.02 -29.98 3.98
CA ILE B 376 23.22 -31.01 4.61
C ILE B 376 23.20 -32.25 3.72
N ASP B 377 23.28 -33.43 4.37
CA ASP B 377 23.18 -34.68 3.63
C ASP B 377 21.82 -34.79 2.97
N LEU B 378 21.74 -35.67 1.98
CA LEU B 378 20.54 -35.82 1.16
C LEU B 378 19.69 -37.02 1.57
N LYS B 379 19.94 -37.60 2.74
CA LYS B 379 19.16 -38.74 3.19
C LYS B 379 17.74 -38.37 3.60
N TYR B 380 17.52 -37.12 4.00
CA TYR B 380 16.21 -36.69 4.48
C TYR B 380 15.26 -36.30 3.35
N PHE B 381 15.76 -36.08 2.15
CA PHE B 381 14.97 -35.53 1.05
C PHE B 381 14.46 -36.65 0.15
N ASN B 382 13.27 -36.44 -0.41
CA ASN B 382 12.70 -37.40 -1.34
C ASN B 382 13.47 -37.36 -2.66
N ASP B 383 13.08 -38.23 -3.59
CA ASP B 383 13.81 -38.33 -4.86
C ASP B 383 13.78 -37.01 -5.62
N SER B 384 12.60 -36.41 -5.74
CA SER B 384 12.48 -35.17 -6.49
C SER B 384 13.31 -34.05 -5.87
N THR B 385 13.11 -33.82 -4.57
CA THR B 385 13.89 -32.78 -3.89
C THR B 385 15.37 -33.14 -3.85
N ARG B 386 15.70 -34.41 -3.69
CA ARG B 386 17.10 -34.82 -3.73
C ARG B 386 17.74 -34.41 -5.05
N LYS B 387 17.08 -34.72 -6.17
CA LYS B 387 17.64 -34.38 -7.46
C LYS B 387 17.70 -32.86 -7.67
N LYS B 388 16.68 -32.14 -7.21
CA LYS B 388 16.71 -30.69 -7.34
C LYS B 388 17.89 -30.09 -6.59
N ILE B 389 18.12 -30.56 -5.36
CA ILE B 389 19.25 -30.06 -4.58
C ILE B 389 20.56 -30.44 -5.24
N GLU B 390 20.67 -31.67 -5.73
CA GLU B 390 21.90 -32.09 -6.39
C GLU B 390 22.19 -31.21 -7.60
N LYS B 391 21.15 -30.83 -8.34
CA LYS B 391 21.35 -30.01 -9.53
C LYS B 391 21.65 -28.55 -9.20
N ILE B 392 21.08 -28.04 -8.11
CA ILE B 392 21.27 -26.63 -7.77
C ILE B 392 22.49 -26.38 -6.90
N ARG B 393 23.05 -27.41 -6.28
CA ARG B 393 24.19 -27.19 -5.37
C ARG B 393 25.36 -26.47 -6.03
N PRO B 394 25.76 -26.79 -7.26
CA PRO B 394 26.92 -26.11 -7.86
C PRO B 394 26.78 -24.60 -7.90
N LEU B 395 25.54 -24.11 -7.93
CA LEU B 395 25.29 -22.67 -7.99
C LEU B 395 25.13 -22.04 -6.62
N LEU B 396 25.26 -22.80 -5.54
CA LEU B 396 25.08 -22.27 -4.20
C LEU B 396 26.33 -21.55 -3.75
N ILE B 397 26.19 -20.27 -3.40
CA ILE B 397 27.29 -19.45 -2.89
C ILE B 397 26.77 -18.72 -1.66
N ASP B 398 27.23 -19.12 -0.48
CA ASP B 398 26.88 -18.46 0.78
C ASP B 398 25.38 -18.52 1.02
N GLY B 399 24.80 -19.71 0.83
CA GLY B 399 23.40 -19.91 1.13
C GLY B 399 22.43 -19.33 0.11
N THR B 400 22.92 -18.85 -1.02
CA THR B 400 22.07 -18.30 -2.06
C THR B 400 22.57 -18.78 -3.42
N ALA B 401 21.64 -18.92 -4.35
CA ALA B 401 21.93 -19.49 -5.66
C ALA B 401 22.00 -18.39 -6.71
N SER B 402 23.02 -18.45 -7.56
CA SER B 402 23.16 -17.48 -8.63
C SER B 402 22.08 -17.73 -9.69
N LEU B 403 21.41 -16.66 -10.11
CA LEU B 403 20.31 -16.74 -11.07
C LEU B 403 20.54 -15.75 -12.21
N SER B 404 21.75 -15.77 -12.76
CA SER B 404 22.08 -14.88 -13.86
C SER B 404 21.20 -15.07 -15.10
N PRO B 405 20.88 -16.29 -15.53
CA PRO B 405 20.33 -16.46 -16.88
C PRO B 405 19.09 -15.63 -17.18
N GLY B 406 18.18 -15.45 -16.23
CA GLY B 406 16.94 -14.77 -16.55
C GLY B 406 16.27 -14.18 -15.33
N MET B 407 15.27 -13.33 -15.59
CA MET B 407 14.52 -12.68 -14.52
C MET B 407 13.73 -13.72 -13.72
N MET B 408 13.44 -13.37 -12.48
CA MET B 408 12.75 -14.27 -11.56
C MET B 408 11.24 -14.08 -11.60
N MET B 409 10.75 -12.88 -11.29
CA MET B 409 9.32 -12.63 -11.29
C MET B 409 9.09 -11.17 -11.72
N GLY B 410 8.89 -10.98 -13.03
CA GLY B 410 8.38 -9.75 -13.57
C GLY B 410 8.83 -8.46 -12.89
N MET B 411 10.11 -8.35 -12.55
CA MET B 411 10.61 -7.08 -12.05
C MET B 411 10.67 -6.04 -13.17
N PHE B 412 11.15 -6.44 -14.35
CA PHE B 412 11.10 -5.59 -15.53
C PHE B 412 9.89 -5.96 -16.38
N ASN B 413 8.72 -5.63 -15.86
CA ASN B 413 7.49 -5.82 -16.63
C ASN B 413 7.48 -4.91 -17.85
N MET B 414 7.83 -3.64 -17.66
CA MET B 414 7.65 -2.66 -18.72
C MET B 414 8.65 -2.87 -19.85
N LEU B 415 9.89 -3.25 -19.53
CA LEU B 415 10.86 -3.55 -20.57
C LEU B 415 10.47 -4.80 -21.35
N SER B 416 9.92 -5.80 -20.67
CA SER B 416 9.43 -6.98 -21.38
C SER B 416 8.29 -6.60 -22.32
N THR B 417 7.39 -5.72 -21.85
CA THR B 417 6.34 -5.23 -22.73
C THR B 417 6.90 -4.47 -23.92
N VAL B 418 7.99 -3.72 -23.70
CA VAL B 418 8.64 -3.00 -24.80
C VAL B 418 9.17 -3.99 -25.83
N LEU B 419 9.81 -5.06 -25.37
CA LEU B 419 10.33 -6.06 -26.30
C LEU B 419 9.19 -6.72 -27.08
N GLY B 420 8.10 -7.06 -26.39
CA GLY B 420 6.96 -7.65 -27.08
C GLY B 420 6.34 -6.70 -28.09
N VAL B 421 6.27 -5.42 -27.75
CA VAL B 421 5.73 -4.44 -28.68
C VAL B 421 6.65 -4.29 -29.88
N SER B 422 7.96 -4.38 -29.67
CA SER B 422 8.88 -4.36 -30.80
C SER B 422 8.62 -5.54 -31.72
N ILE B 423 8.41 -6.72 -31.14
CA ILE B 423 8.08 -7.89 -31.96
C ILE B 423 6.79 -7.65 -32.73
N LEU B 424 5.77 -7.12 -32.06
CA LEU B 424 4.49 -6.87 -32.72
C LEU B 424 4.65 -5.90 -33.87
N ASN B 425 5.40 -4.83 -33.67
CA ASN B 425 5.58 -3.81 -34.70
C ASN B 425 6.47 -4.30 -35.83
N LEU B 426 7.32 -5.29 -35.58
CA LEU B 426 8.21 -5.80 -36.62
C LEU B 426 7.45 -6.47 -37.77
N GLY B 427 6.12 -6.53 -37.71
CA GLY B 427 5.34 -7.11 -38.79
C GLY B 427 4.34 -6.13 -39.37
N GLN B 428 4.75 -4.88 -39.54
CA GLN B 428 3.88 -3.81 -40.02
C GLN B 428 3.66 -3.85 -41.53
N LYS B 429 4.06 -4.94 -42.19
CA LYS B 429 4.01 -5.15 -43.64
C LYS B 429 5.12 -4.38 -44.35
N ARG B 430 5.88 -3.53 -43.66
CA ARG B 430 7.05 -2.90 -44.25
C ARG B 430 8.31 -3.72 -44.01
N TYR B 431 8.34 -4.51 -42.94
CA TYR B 431 9.45 -5.41 -42.66
C TYR B 431 9.15 -6.85 -43.03
N THR B 432 7.87 -7.23 -43.13
CA THR B 432 7.54 -8.60 -43.52
C THR B 432 7.97 -8.89 -44.95
N LYS B 433 7.83 -7.91 -45.85
CA LYS B 433 8.19 -8.07 -47.25
C LYS B 433 7.40 -9.20 -47.90
N THR B 434 6.14 -9.37 -47.50
CA THR B 434 5.30 -10.43 -48.02
C THR B 434 3.84 -10.00 -47.86
N THR B 435 2.95 -10.71 -48.56
CA THR B 435 1.54 -10.36 -48.53
C THR B 435 0.98 -10.41 -47.11
N TYR B 436 1.38 -11.42 -46.34
CA TYR B 436 0.88 -11.55 -44.98
C TYR B 436 1.45 -10.45 -44.09
N TRP B 437 0.72 -10.15 -43.01
CA TRP B 437 1.17 -9.19 -42.02
C TRP B 437 0.40 -9.45 -40.74
N TRP B 438 0.86 -8.82 -39.66
CA TRP B 438 0.24 -9.05 -38.36
C TRP B 438 0.36 -7.80 -37.49
N ASP B 439 -0.51 -7.74 -36.50
CA ASP B 439 -0.47 -6.72 -35.46
C ASP B 439 -1.09 -7.33 -34.21
N GLY B 440 -1.32 -6.51 -33.19
CA GLY B 440 -2.02 -7.00 -32.02
C GLY B 440 -1.63 -6.21 -30.79
N LEU B 441 -1.87 -6.83 -29.64
CA LEU B 441 -1.61 -6.19 -28.35
C LEU B 441 -0.85 -7.15 -27.45
N GLN B 442 0.15 -6.62 -26.76
CA GLN B 442 1.02 -7.38 -25.87
C GLN B 442 0.93 -6.79 -24.47
N SER B 443 0.66 -7.64 -23.48
CA SER B 443 0.84 -7.28 -22.08
C SER B 443 1.55 -8.46 -21.42
N SER B 444 2.68 -8.18 -20.76
CA SER B 444 3.65 -9.22 -20.41
C SER B 444 2.98 -10.54 -20.06
N ASP B 445 3.44 -11.61 -20.72
CA ASP B 445 3.02 -12.99 -20.53
C ASP B 445 1.70 -13.32 -21.24
N ASP B 446 1.13 -12.38 -21.97
CA ASP B 446 -0.17 -12.54 -22.62
C ASP B 446 -0.21 -11.66 -23.86
N PHE B 447 -0.84 -12.15 -24.93
CA PHE B 447 -0.96 -11.33 -26.12
C PHE B 447 -2.10 -11.81 -26.99
N ALA B 448 -2.62 -10.89 -27.79
CA ALA B 448 -3.56 -11.19 -28.85
C ALA B 448 -2.95 -10.75 -30.16
N LEU B 449 -2.89 -11.65 -31.14
CA LEU B 449 -2.22 -11.40 -32.41
C LEU B 449 -3.20 -11.57 -33.55
N ILE B 450 -3.49 -10.48 -34.26
CA ILE B 450 -4.36 -10.52 -35.42
C ILE B 450 -3.46 -10.53 -36.66
N VAL B 451 -3.53 -11.61 -37.44
CA VAL B 451 -2.69 -11.81 -38.61
C VAL B 451 -3.59 -11.93 -39.82
N ASN B 452 -3.28 -11.16 -40.86
CA ASN B 452 -4.04 -11.18 -42.10
C ASN B 452 -3.15 -11.63 -43.24
N ALA B 453 -3.73 -12.39 -44.16
CA ALA B 453 -2.99 -12.91 -45.31
C ALA B 453 -4.00 -13.35 -46.36
N PRO B 454 -3.63 -13.30 -47.65
CA PRO B 454 -4.60 -13.60 -48.71
C PRO B 454 -5.12 -15.02 -48.68
N ASN B 455 -4.41 -15.97 -48.07
CA ASN B 455 -4.83 -17.36 -48.08
C ASN B 455 -4.34 -18.03 -46.80
N HIS B 456 -4.92 -19.21 -46.52
CA HIS B 456 -4.54 -19.94 -45.33
C HIS B 456 -3.04 -20.20 -45.29
N GLU B 457 -2.43 -20.45 -46.45
CA GLU B 457 -0.99 -20.60 -46.51
C GLU B 457 -0.28 -19.34 -46.04
N GLY B 458 -0.79 -18.18 -46.44
CA GLY B 458 -0.22 -16.93 -45.97
C GLY B 458 -0.32 -16.76 -44.47
N ILE B 459 -1.48 -17.11 -43.90
CA ILE B 459 -1.64 -17.02 -42.44
C ILE B 459 -0.67 -17.95 -41.75
N GLN B 460 -0.54 -19.18 -42.26
CA GLN B 460 0.38 -20.14 -41.66
C GLN B 460 1.81 -19.62 -41.71
N ALA B 461 2.22 -19.08 -42.86
CA ALA B 461 3.58 -18.55 -42.98
C ALA B 461 3.78 -17.37 -42.03
N GLY B 462 2.78 -16.49 -41.92
CA GLY B 462 2.92 -15.35 -41.03
C GLY B 462 3.07 -15.75 -39.58
N VAL B 463 2.22 -16.69 -39.13
CA VAL B 463 2.31 -17.12 -37.74
C VAL B 463 3.63 -17.85 -37.50
N ASP B 464 4.08 -18.66 -38.47
CA ASP B 464 5.34 -19.36 -38.32
C ASP B 464 6.50 -18.38 -38.19
N ARG B 465 6.52 -17.35 -39.03
CA ARG B 465 7.60 -16.37 -38.95
C ARG B 465 7.53 -15.57 -37.66
N PHE B 466 6.33 -15.23 -37.20
CA PHE B 466 6.20 -14.53 -35.93
C PHE B 466 6.74 -15.38 -34.79
N TYR B 467 6.41 -16.67 -34.77
CA TYR B 467 6.92 -17.56 -33.74
C TYR B 467 8.44 -17.66 -33.82
N ARG B 468 8.98 -17.78 -35.03
CA ARG B 468 10.42 -17.90 -35.19
C ARG B 468 11.13 -16.64 -34.69
N THR B 469 10.60 -15.47 -35.06
CA THR B 469 11.19 -14.22 -34.58
C THR B 469 11.11 -14.11 -33.07
N CYS B 470 10.00 -14.55 -32.48
CA CYS B 470 9.89 -14.56 -31.03
C CYS B 470 10.96 -15.43 -30.40
N LYS B 471 11.22 -16.61 -30.99
CA LYS B 471 12.25 -17.48 -30.45
C LYS B 471 13.65 -16.89 -30.58
N LEU B 472 13.86 -15.93 -31.47
CA LEU B 472 15.16 -15.27 -31.59
C LEU B 472 15.36 -14.19 -30.54
N LEU B 473 14.32 -13.82 -29.80
CA LEU B 473 14.40 -12.80 -28.76
C LEU B 473 14.24 -13.39 -27.37
N GLY B 474 14.34 -14.70 -27.23
CA GLY B 474 14.19 -15.33 -25.94
C GLY B 474 12.77 -15.39 -25.44
N ILE B 475 11.79 -15.19 -26.31
CA ILE B 475 10.37 -15.23 -25.96
C ILE B 475 9.77 -16.47 -26.57
N ASN B 476 9.04 -17.23 -25.76
CA ASN B 476 8.43 -18.49 -26.17
C ASN B 476 6.92 -18.37 -26.13
N MET B 477 6.25 -19.01 -27.08
CA MET B 477 4.80 -19.03 -27.15
C MET B 477 4.30 -20.37 -26.62
N SER B 478 3.38 -20.32 -25.65
CA SER B 478 2.84 -21.52 -25.04
C SER B 478 1.83 -22.15 -26.01
N LYS B 479 2.24 -23.23 -26.67
CA LYS B 479 1.36 -23.91 -27.61
C LYS B 479 0.19 -24.59 -26.92
N LYS B 480 0.34 -24.97 -25.65
CA LYS B 480 -0.74 -25.66 -24.95
C LYS B 480 -1.84 -24.71 -24.51
N LYS B 481 -1.51 -23.46 -24.18
CA LYS B 481 -2.48 -22.48 -23.72
C LYS B 481 -2.85 -21.46 -24.80
N SER B 482 -2.59 -21.77 -26.07
CA SER B 482 -2.85 -20.85 -27.16
C SER B 482 -3.66 -21.53 -28.25
N TYR B 483 -4.50 -20.74 -28.92
CA TYR B 483 -5.29 -21.24 -30.03
C TYR B 483 -5.60 -20.10 -30.99
N ILE B 484 -5.86 -20.46 -32.24
CA ILE B 484 -6.09 -19.50 -33.31
C ILE B 484 -7.45 -19.79 -33.93
N ASN B 485 -8.23 -18.74 -34.14
CA ASN B 485 -9.54 -18.85 -34.80
C ASN B 485 -9.69 -17.67 -35.76
N ARG B 486 -10.86 -17.53 -36.36
CA ARG B 486 -11.14 -16.34 -37.15
C ARG B 486 -11.39 -15.14 -36.25
N THR B 487 -11.04 -13.97 -36.74
CA THR B 487 -11.17 -12.75 -35.95
C THR B 487 -12.64 -12.48 -35.65
N GLY B 488 -12.89 -11.93 -34.47
CA GLY B 488 -14.25 -11.68 -34.01
C GLY B 488 -14.50 -12.32 -32.66
N THR B 489 -13.66 -13.29 -32.29
CA THR B 489 -13.77 -14.00 -31.02
C THR B 489 -12.38 -14.28 -30.51
N PHE B 490 -12.08 -13.85 -29.29
CA PHE B 490 -10.77 -14.10 -28.68
C PHE B 490 -10.84 -13.77 -27.20
N GLU B 491 -9.70 -13.90 -26.53
CA GLU B 491 -9.57 -13.64 -25.11
C GLU B 491 -8.30 -12.87 -24.85
N PHE B 492 -8.30 -12.08 -23.78
CA PHE B 492 -7.11 -11.34 -23.37
C PHE B 492 -7.25 -10.98 -21.89
N THR B 493 -6.42 -11.59 -21.06
CA THR B 493 -6.39 -11.29 -19.62
C THR B 493 -7.80 -11.35 -19.03
N SER B 494 -8.43 -12.50 -19.20
CA SER B 494 -9.76 -12.78 -18.66
C SER B 494 -10.83 -11.84 -19.22
N PHE B 495 -10.53 -11.15 -20.32
CA PHE B 495 -11.50 -10.34 -21.04
C PHE B 495 -11.85 -11.09 -22.31
N PHE B 496 -13.11 -11.52 -22.44
CA PHE B 496 -13.55 -12.33 -23.56
C PHE B 496 -14.25 -11.42 -24.56
N TYR B 497 -13.68 -11.31 -25.75
CA TYR B 497 -14.23 -10.48 -26.82
C TYR B 497 -14.97 -11.39 -27.79
N ARG B 498 -16.26 -11.10 -28.00
CA ARG B 498 -17.10 -11.82 -28.97
C ARG B 498 -17.93 -10.76 -29.69
N TYR B 499 -17.40 -10.22 -30.79
CA TYR B 499 -18.03 -9.11 -31.48
C TYR B 499 -18.33 -7.97 -30.53
N GLY B 500 -17.43 -7.76 -29.57
CA GLY B 500 -17.66 -6.82 -28.49
C GLY B 500 -17.42 -7.47 -27.14
N PHE B 501 -16.75 -6.75 -26.23
CA PHE B 501 -16.41 -7.34 -24.95
C PHE B 501 -17.67 -7.68 -24.15
N VAL B 502 -17.61 -8.81 -23.45
CA VAL B 502 -18.73 -9.30 -22.65
C VAL B 502 -18.34 -9.23 -21.18
N ALA B 503 -19.25 -8.76 -20.35
CA ALA B 503 -19.00 -8.66 -18.92
C ALA B 503 -18.88 -10.05 -18.31
N ASN B 504 -18.05 -10.14 -17.26
CA ASN B 504 -17.83 -11.40 -16.55
C ASN B 504 -18.42 -11.36 -15.15
N PHE B 505 -18.02 -10.38 -14.33
CA PHE B 505 -18.58 -10.18 -12.99
C PHE B 505 -18.15 -11.26 -12.01
N SER B 506 -17.51 -12.33 -12.50
CA SER B 506 -16.99 -13.36 -11.61
C SER B 506 -15.59 -13.07 -11.13
N MET B 507 -14.88 -12.16 -11.79
CA MET B 507 -13.57 -11.73 -11.32
C MET B 507 -13.67 -10.77 -10.16
N GLU B 508 -14.76 -10.01 -10.06
CA GLU B 508 -14.95 -9.02 -9.00
C GLU B 508 -15.81 -9.53 -7.86
N LEU B 509 -16.28 -10.78 -7.94
CA LEU B 509 -17.13 -11.34 -6.90
C LEU B 509 -16.44 -11.32 -5.54
N PRO B 510 -15.15 -11.68 -5.46
CA PRO B 510 -14.47 -11.68 -4.16
C PRO B 510 -14.43 -10.32 -3.49
N SER B 511 -14.68 -9.24 -4.22
CA SER B 511 -14.59 -7.89 -3.69
C SER B 511 -15.95 -7.35 -3.22
N PHE B 512 -16.95 -8.22 -3.07
CA PHE B 512 -18.29 -7.81 -2.69
C PHE B 512 -18.54 -7.91 -1.19
N GLY B 513 -17.56 -8.33 -0.41
CA GLY B 513 -17.69 -8.43 1.02
C GLY B 513 -17.15 -7.21 1.75
N VAL B 514 -17.09 -7.32 3.07
CA VAL B 514 -16.52 -6.26 3.88
C VAL B 514 -15.01 -6.23 3.62
N SER B 515 -14.51 -5.07 3.20
CA SER B 515 -13.10 -4.96 2.83
C SER B 515 -12.20 -5.29 4.02
N GLY B 516 -12.50 -4.73 5.19
CA GLY B 516 -11.72 -5.01 6.38
C GLY B 516 -10.85 -3.84 6.80
N ILE B 517 -11.23 -2.62 6.42
CA ILE B 517 -10.50 -1.43 6.79
C ILE B 517 -11.06 -0.90 8.11
N ASN B 518 -12.33 -0.53 8.10
CA ASN B 518 -13.05 -0.11 9.29
C ASN B 518 -14.53 0.00 8.90
N GLU B 519 -15.36 0.45 9.84
CA GLU B 519 -16.81 0.43 9.61
C GLU B 519 -17.19 1.38 8.47
N SER B 520 -16.90 2.66 8.64
CA SER B 520 -17.24 3.63 7.60
C SER B 520 -16.53 3.30 6.29
N ALA B 521 -15.25 2.97 6.37
CA ALA B 521 -14.50 2.64 5.17
C ALA B 521 -15.09 1.42 4.48
N ASP B 522 -15.45 0.38 5.24
CA ASP B 522 -16.03 -0.81 4.64
C ASP B 522 -17.36 -0.50 3.97
N MET B 523 -18.21 0.28 4.63
CA MET B 523 -19.50 0.64 4.05
C MET B 523 -19.30 1.38 2.72
N SER B 524 -18.46 2.42 2.74
CA SER B 524 -18.24 3.21 1.54
C SER B 524 -17.62 2.36 0.44
N ILE B 525 -16.66 1.51 0.78
CA ILE B 525 -16.00 0.69 -0.23
C ILE B 525 -16.98 -0.29 -0.84
N GLY B 526 -17.83 -0.90 -0.02
CA GLY B 526 -18.81 -1.83 -0.56
C GLY B 526 -19.77 -1.18 -1.52
N VAL B 527 -20.33 -0.03 -1.11
CA VAL B 527 -21.29 0.65 -2.00
C VAL B 527 -20.59 1.12 -3.26
N THR B 528 -19.37 1.63 -3.14
CA THR B 528 -18.64 2.10 -4.32
C THR B 528 -18.28 0.95 -5.25
N VAL B 529 -17.94 -0.22 -4.70
CA VAL B 529 -17.64 -1.37 -5.54
C VAL B 529 -18.89 -1.82 -6.28
N ILE B 530 -20.03 -1.84 -5.60
CA ILE B 530 -21.28 -2.17 -6.28
C ILE B 530 -21.52 -1.19 -7.42
N LYS B 531 -21.34 0.10 -7.15
CA LYS B 531 -21.55 1.12 -8.17
C LYS B 531 -20.62 0.90 -9.37
N ASN B 532 -19.34 0.70 -9.10
CA ASN B 532 -18.36 0.56 -10.18
C ASN B 532 -18.66 -0.67 -11.03
N ASN B 533 -18.92 -1.81 -10.37
CA ASN B 533 -19.24 -3.01 -11.11
C ASN B 533 -20.55 -2.89 -11.86
N MET B 534 -21.46 -2.02 -11.42
CA MET B 534 -22.62 -1.68 -12.23
C MET B 534 -22.23 -0.86 -13.46
N ILE B 535 -21.26 0.05 -13.31
CA ILE B 535 -20.86 0.90 -14.43
C ILE B 535 -20.03 0.11 -15.44
N ASN B 536 -19.06 -0.66 -14.97
CA ASN B 536 -18.09 -1.31 -15.86
C ASN B 536 -18.51 -2.73 -16.22
N ASN B 537 -18.70 -3.59 -15.22
CA ASN B 537 -18.94 -5.00 -15.43
C ASN B 537 -20.42 -5.33 -15.68
N ASP B 538 -21.22 -4.34 -16.06
CA ASP B 538 -22.59 -4.57 -16.52
C ASP B 538 -23.39 -5.36 -15.49
N LEU B 539 -23.26 -4.98 -14.23
CA LEU B 539 -24.05 -5.59 -13.17
C LEU B 539 -25.48 -5.08 -13.24
N GLY B 540 -26.44 -6.00 -13.14
CA GLY B 540 -27.83 -5.67 -13.32
C GLY B 540 -28.41 -4.90 -12.14
N PRO B 541 -29.51 -4.18 -12.36
CA PRO B 541 -30.14 -3.45 -11.25
C PRO B 541 -30.60 -4.35 -10.11
N ALA B 542 -31.40 -5.38 -10.43
CA ALA B 542 -31.88 -6.27 -9.38
C ALA B 542 -30.72 -7.00 -8.72
N THR B 543 -29.72 -7.41 -9.51
CA THR B 543 -28.54 -8.03 -8.94
C THR B 543 -27.81 -7.07 -8.01
N ALA B 544 -27.74 -5.80 -8.39
CA ALA B 544 -27.10 -4.81 -7.53
C ALA B 544 -27.86 -4.63 -6.23
N GLN B 545 -29.20 -4.62 -6.30
CA GLN B 545 -29.99 -4.52 -5.07
C GLN B 545 -29.76 -5.73 -4.17
N MET B 546 -29.73 -6.93 -4.77
CA MET B 546 -29.44 -8.13 -3.98
C MET B 546 -28.05 -8.04 -3.35
N ALA B 547 -27.06 -7.55 -4.10
CA ALA B 547 -25.72 -7.39 -3.57
C ALA B 547 -25.71 -6.42 -2.41
N LEU B 548 -26.45 -5.32 -2.52
CA LEU B 548 -26.54 -4.37 -1.42
C LEU B 548 -27.15 -5.01 -0.19
N GLN B 549 -28.23 -5.77 -0.37
CA GLN B 549 -28.86 -6.43 0.76
C GLN B 549 -27.90 -7.41 1.44
N LEU B 550 -27.24 -8.26 0.64
CA LEU B 550 -26.34 -9.24 1.22
C LEU B 550 -25.15 -8.57 1.89
N PHE B 551 -24.62 -7.51 1.28
CA PHE B 551 -23.50 -6.80 1.89
C PHE B 551 -23.91 -6.18 3.21
N ILE B 552 -25.12 -5.60 3.28
CA ILE B 552 -25.58 -5.02 4.53
C ILE B 552 -25.73 -6.09 5.59
N LYS B 553 -26.29 -7.25 5.21
CA LYS B 553 -26.42 -8.34 6.16
C LYS B 553 -25.06 -8.77 6.71
N ASP B 554 -24.11 -9.00 5.82
CA ASP B 554 -22.77 -9.43 6.24
C ASP B 554 -22.08 -8.35 7.07
N TYR B 555 -22.27 -7.08 6.71
CA TYR B 555 -21.69 -5.98 7.45
C TYR B 555 -22.23 -5.93 8.87
N ARG B 556 -23.54 -6.06 9.02
CA ARG B 556 -24.13 -6.04 10.36
C ARG B 556 -23.68 -7.26 11.17
N TYR B 557 -23.58 -8.43 10.52
CA TYR B 557 -23.18 -9.63 11.23
C TYR B 557 -21.69 -9.65 11.55
N THR B 558 -20.89 -8.84 10.86
CA THR B 558 -19.44 -8.80 11.09
C THR B 558 -19.07 -7.81 12.18
N TYR B 559 -19.68 -6.63 12.17
CA TYR B 559 -19.39 -5.58 13.14
C TYR B 559 -20.34 -5.59 14.32
N ARG B 560 -21.19 -6.61 14.44
CA ARG B 560 -22.07 -6.76 15.59
C ARG B 560 -22.99 -5.54 15.74
N CYS B 561 -23.36 -4.95 14.62
CA CYS B 561 -24.22 -3.76 14.58
C CYS B 561 -25.52 -4.15 13.88
N HIS B 562 -26.47 -4.67 14.65
CA HIS B 562 -27.75 -5.10 14.12
C HIS B 562 -28.76 -3.95 14.20
N ARG B 563 -29.91 -4.16 13.55
CA ARG B 563 -30.86 -3.07 13.33
C ARG B 563 -31.24 -2.35 14.62
N GLY B 564 -31.07 -2.98 15.77
CA GLY B 564 -31.38 -2.37 17.05
C GLY B 564 -32.77 -2.66 17.56
N ASP B 565 -33.74 -2.79 16.65
CA ASP B 565 -35.09 -3.17 17.01
C ASP B 565 -35.26 -4.68 17.12
N THR B 566 -34.20 -5.44 16.88
CA THR B 566 -34.22 -6.89 16.99
C THR B 566 -33.74 -7.32 18.37
N GLN B 567 -33.91 -8.60 18.66
CA GLN B 567 -33.48 -9.20 19.92
C GLN B 567 -32.30 -10.14 19.71
N ILE B 568 -31.38 -9.75 18.84
CA ILE B 568 -30.17 -10.53 18.57
C ILE B 568 -29.14 -10.09 19.61
N GLN B 569 -28.93 -10.93 20.62
CA GLN B 569 -27.97 -10.62 21.67
C GLN B 569 -26.55 -10.80 21.16
N THR B 570 -25.74 -9.75 21.27
CA THR B 570 -24.33 -9.78 20.90
C THR B 570 -23.54 -9.06 21.98
N ARG B 571 -22.24 -8.95 21.76
CA ARG B 571 -21.39 -8.19 22.67
C ARG B 571 -21.61 -6.68 22.56
N ARG B 572 -22.36 -6.24 21.55
CA ARG B 572 -22.58 -4.82 21.30
C ARG B 572 -24.07 -4.48 21.18
N SER B 573 -24.95 -5.41 21.52
CA SER B 573 -26.38 -5.21 21.33
C SER B 573 -27.02 -4.38 22.43
N PHE B 574 -26.32 -4.15 23.54
CA PHE B 574 -26.92 -3.39 24.65
C PHE B 574 -26.77 -1.89 24.42
N GLU B 575 -25.53 -1.44 24.21
CA GLU B 575 -25.31 -0.02 23.94
C GLU B 575 -26.07 0.42 22.70
N ILE B 576 -26.09 -0.43 21.67
CA ILE B 576 -26.83 -0.10 20.46
C ILE B 576 -28.30 0.07 20.77
N LYS B 577 -28.86 -0.82 21.59
CA LYS B 577 -30.28 -0.73 21.91
C LYS B 577 -30.61 0.52 22.73
N LYS B 578 -29.74 0.89 23.68
CA LYS B 578 -30.00 2.11 24.44
C LYS B 578 -29.87 3.34 23.55
N LEU B 579 -28.90 3.35 22.63
CA LEU B 579 -28.82 4.45 21.68
C LEU B 579 -30.07 4.51 20.81
N TRP B 580 -30.59 3.35 20.42
CA TRP B 580 -31.82 3.29 19.64
C TRP B 580 -32.99 3.89 20.41
N GLU B 581 -33.18 3.46 21.65
CA GLU B 581 -34.29 3.97 22.46
C GLU B 581 -34.10 5.42 22.84
N GLN B 582 -32.87 5.91 22.89
CA GLN B 582 -32.61 7.31 23.22
C GLN B 582 -32.93 8.22 22.05
N THR B 583 -32.63 7.78 20.83
CA THR B 583 -32.82 8.62 19.66
C THR B 583 -34.31 8.77 19.35
N ARG B 584 -34.68 9.97 18.90
CA ARG B 584 -36.05 10.26 18.50
C ARG B 584 -36.29 9.97 17.02
N SER B 585 -35.46 10.54 16.15
CA SER B 585 -35.52 10.26 14.72
C SER B 585 -34.55 9.11 14.43
N LYS B 586 -35.05 7.89 14.60
CA LYS B 586 -34.20 6.70 14.47
C LYS B 586 -33.81 6.42 13.02
N ALA B 587 -34.42 7.08 12.05
CA ALA B 587 -34.05 6.87 10.65
C ALA B 587 -32.70 7.48 10.30
N GLY B 588 -32.12 8.30 11.18
CA GLY B 588 -30.86 8.94 10.89
C GLY B 588 -29.66 8.19 11.44
N LEU B 589 -29.92 7.15 12.23
CA LEU B 589 -28.84 6.35 12.79
C LEU B 589 -28.11 5.59 11.68
N LEU B 590 -26.78 5.55 11.79
CA LEU B 590 -25.98 4.82 10.83
C LEU B 590 -26.11 3.32 11.05
N VAL B 591 -25.91 2.56 9.98
CA VAL B 591 -25.97 1.10 10.09
C VAL B 591 -24.93 0.61 11.08
N SER B 592 -23.81 1.33 11.21
CA SER B 592 -22.80 0.98 12.20
C SER B 592 -23.32 1.11 13.63
N ASP B 593 -24.29 1.98 13.85
CA ASP B 593 -24.87 2.20 15.18
C ASP B 593 -26.23 1.54 15.33
N GLY B 594 -26.59 0.63 14.42
CA GLY B 594 -27.84 -0.07 14.50
C GLY B 594 -29.03 0.74 14.00
N GLY B 595 -28.91 1.28 12.78
CA GLY B 595 -29.97 2.03 12.18
C GLY B 595 -30.41 1.42 10.86
N PRO B 596 -31.54 1.89 10.34
CA PRO B 596 -32.03 1.36 9.06
C PRO B 596 -31.12 1.76 7.91
N ASN B 597 -31.18 0.95 6.85
CA ASN B 597 -30.38 1.17 5.65
C ASN B 597 -31.24 1.87 4.61
N LEU B 598 -30.83 3.06 4.20
CA LEU B 598 -31.54 3.84 3.20
C LEU B 598 -30.90 3.77 1.83
N TYR B 599 -29.90 2.92 1.65
CA TYR B 599 -29.19 2.83 0.38
C TYR B 599 -30.07 2.19 -0.69
N ASN B 600 -29.81 2.57 -1.93
CA ASN B 600 -30.50 2.00 -3.09
C ASN B 600 -29.68 2.31 -4.32
N ILE B 601 -30.16 1.86 -5.49
CA ILE B 601 -29.39 2.04 -6.71
C ILE B 601 -29.11 3.52 -6.97
N ARG B 602 -30.01 4.40 -6.53
CA ARG B 602 -29.81 5.83 -6.72
C ARG B 602 -28.85 6.44 -5.70
N ASN B 603 -28.60 5.77 -4.59
CA ASN B 603 -27.81 6.33 -3.49
C ASN B 603 -26.46 5.65 -3.33
N LEU B 604 -25.99 4.91 -4.34
CA LEU B 604 -24.74 4.18 -4.22
C LEU B 604 -23.51 5.07 -4.30
N HIS B 605 -23.67 6.34 -4.68
CA HIS B 605 -22.54 7.25 -4.84
C HIS B 605 -22.51 8.32 -3.75
N ILE B 606 -23.20 8.10 -2.64
CA ILE B 606 -23.30 9.07 -1.55
C ILE B 606 -22.76 8.40 -0.29
N PRO B 607 -21.90 9.06 0.49
CA PRO B 607 -21.50 8.49 1.77
C PRO B 607 -22.67 8.36 2.72
N GLU B 608 -22.58 7.37 3.60
CA GLU B 608 -23.69 7.10 4.53
C GLU B 608 -23.95 8.29 5.44
N VAL B 609 -22.90 8.96 5.91
CA VAL B 609 -23.09 10.06 6.85
C VAL B 609 -23.89 11.18 6.20
N CYS B 610 -23.56 11.53 4.96
CA CYS B 610 -24.24 12.62 4.27
C CYS B 610 -25.65 12.24 3.83
N LEU B 611 -25.90 10.96 3.55
CA LEU B 611 -27.23 10.53 3.18
C LEU B 611 -28.19 10.60 4.35
N LYS B 612 -27.70 10.41 5.57
CA LYS B 612 -28.51 10.44 6.78
C LYS B 612 -28.31 11.72 7.59
N TRP B 613 -27.67 12.73 7.00
CA TRP B 613 -27.33 13.92 7.78
C TRP B 613 -28.58 14.65 8.26
N GLU B 614 -29.55 14.84 7.37
CA GLU B 614 -30.75 15.60 7.73
C GLU B 614 -31.69 14.85 8.66
N LEU B 615 -31.51 13.54 8.82
CA LEU B 615 -32.36 12.75 9.69
C LEU B 615 -31.78 12.55 11.08
N MET B 616 -30.50 12.81 11.27
CA MET B 616 -29.87 12.61 12.57
C MET B 616 -30.33 13.67 13.57
N ASP B 617 -30.43 13.27 14.83
CA ASP B 617 -30.65 14.21 15.92
C ASP B 617 -29.35 14.97 16.19
N GLU B 618 -29.48 16.25 16.53
CA GLU B 618 -28.30 17.09 16.69
C GLU B 618 -27.37 16.54 17.76
N ASP B 619 -27.91 15.96 18.83
CA ASP B 619 -27.07 15.38 19.86
C ASP B 619 -26.25 14.21 19.32
N TYR B 620 -26.90 13.27 18.66
CA TYR B 620 -26.20 12.14 18.08
C TYR B 620 -25.27 12.58 16.97
N GLN B 621 -25.70 13.56 16.17
CA GLN B 621 -24.85 14.07 15.10
C GLN B 621 -23.56 14.67 15.66
N GLY B 622 -23.68 15.48 16.72
CA GLY B 622 -22.50 16.06 17.33
C GLY B 622 -21.61 15.04 17.98
N ARG B 623 -22.19 14.06 18.68
CA ARG B 623 -21.39 13.02 19.30
C ARG B 623 -20.65 12.20 18.25
N LEU B 624 -21.30 11.92 17.13
CA LEU B 624 -20.68 11.10 16.08
C LEU B 624 -19.50 11.84 15.46
N CYS B 625 -19.74 13.00 14.88
CA CYS B 625 -18.71 13.74 14.13
C CYS B 625 -18.08 14.78 15.04
N ASN B 626 -17.35 14.30 16.04
CA ASN B 626 -16.66 15.17 16.99
C ASN B 626 -15.16 15.11 16.72
N PRO B 627 -14.51 16.24 16.37
CA PRO B 627 -13.07 16.16 16.10
C PRO B 627 -12.26 15.62 17.26
N LEU B 628 -12.66 15.92 18.49
CA LEU B 628 -11.92 15.46 19.68
C LEU B 628 -12.09 13.98 19.95
N ASN B 629 -12.74 13.20 19.08
CA ASN B 629 -12.91 11.79 19.35
C ASN B 629 -11.55 11.10 19.44
N PRO B 630 -11.35 10.17 20.38
CA PRO B 630 -10.05 9.50 20.51
C PRO B 630 -9.83 8.36 19.53
N PHE B 631 -10.76 8.13 18.60
CA PHE B 631 -10.67 7.00 17.68
C PHE B 631 -10.07 7.38 16.33
N VAL B 632 -10.46 8.52 15.78
CA VAL B 632 -9.97 8.92 14.46
C VAL B 632 -8.48 9.24 14.55
N SER B 633 -7.70 8.68 13.62
CA SER B 633 -6.28 8.96 13.52
C SER B 633 -5.90 9.07 12.06
N HIS B 634 -5.30 10.21 11.70
CA HIS B 634 -4.85 10.47 10.34
C HIS B 634 -3.35 10.70 10.35
N LYS B 635 -2.63 9.98 9.49
CA LYS B 635 -1.18 10.00 9.46
C LYS B 635 -0.64 10.91 8.37
N GLU B 636 -1.04 10.68 7.12
CA GLU B 636 -0.51 11.43 5.98
C GLU B 636 -1.62 11.65 4.95
N ILE B 637 -1.35 12.57 4.03
CA ILE B 637 -2.31 12.85 2.96
C ILE B 637 -2.52 11.63 2.10
N GLU B 638 -1.51 10.76 1.98
CA GLU B 638 -1.64 9.59 1.13
C GLU B 638 -2.60 8.56 1.71
N SER B 639 -2.65 8.44 3.04
CA SER B 639 -3.45 7.41 3.70
C SER B 639 -4.74 7.97 4.30
N VAL B 640 -5.31 9.01 3.71
CA VAL B 640 -6.54 9.59 4.25
C VAL B 640 -7.74 8.73 3.89
N ASN B 641 -8.01 8.57 2.60
CA ASN B 641 -9.16 7.80 2.12
C ASN B 641 -8.72 6.90 0.97
N ASN B 642 -7.56 6.26 1.14
CA ASN B 642 -7.05 5.31 0.17
C ASN B 642 -6.97 3.94 0.83
N ALA B 643 -7.58 2.94 0.20
CA ALA B 643 -7.58 1.59 0.72
C ALA B 643 -6.94 0.65 -0.30
N VAL B 644 -6.01 -0.18 0.17
CA VAL B 644 -5.26 -1.10 -0.69
C VAL B 644 -6.01 -2.42 -0.68
N MET B 645 -6.72 -2.72 -1.77
CA MET B 645 -7.43 -3.98 -1.93
C MET B 645 -6.74 -4.78 -3.03
N MET B 646 -6.15 -5.90 -2.67
CA MET B 646 -5.51 -6.76 -3.64
C MET B 646 -6.59 -7.47 -4.46
N PRO B 647 -6.82 -7.08 -5.71
CA PRO B 647 -7.89 -7.72 -6.49
C PRO B 647 -7.54 -9.15 -6.86
N ALA B 648 -8.58 -9.96 -7.00
CA ALA B 648 -8.39 -11.34 -7.45
C ALA B 648 -7.89 -11.35 -8.88
N HIS B 649 -6.89 -12.18 -9.14
CA HIS B 649 -6.32 -12.32 -10.48
C HIS B 649 -5.73 -10.99 -10.97
N GLY B 650 -4.92 -10.35 -10.13
CA GLY B 650 -4.28 -9.12 -10.50
C GLY B 650 -3.34 -8.61 -9.42
N PRO B 651 -2.55 -7.60 -9.75
CA PRO B 651 -1.63 -7.01 -8.77
C PRO B 651 -2.36 -6.12 -7.78
N ALA B 652 -1.69 -5.88 -6.65
CA ALA B 652 -2.27 -5.05 -5.59
C ALA B 652 -2.65 -3.68 -6.14
N LYS B 653 -3.83 -3.20 -5.78
CA LYS B 653 -4.35 -1.94 -6.28
C LYS B 653 -4.90 -1.12 -5.12
N ASN B 654 -4.94 0.20 -5.34
CA ASN B 654 -5.44 1.16 -4.35
C ASN B 654 -6.70 1.81 -4.88
N MET B 655 -7.63 2.11 -3.99
CA MET B 655 -8.90 2.73 -4.35
C MET B 655 -9.17 3.94 -3.47
N GLU B 656 -9.65 5.00 -4.09
CA GLU B 656 -10.19 6.16 -3.40
C GLU B 656 -11.64 5.85 -3.01
N TYR B 657 -11.94 5.92 -1.72
CA TYR B 657 -13.29 5.70 -1.23
C TYR B 657 -13.77 6.96 -0.52
N ASP B 658 -15.01 7.37 -0.84
CA ASP B 658 -15.58 8.56 -0.25
C ASP B 658 -16.12 8.23 1.14
N ALA B 659 -15.64 8.94 2.15
CA ALA B 659 -16.09 8.71 3.52
C ALA B 659 -15.90 9.97 4.33
N VAL B 660 -16.76 10.14 5.33
CA VAL B 660 -16.69 11.27 6.26
C VAL B 660 -16.02 10.79 7.54
N ALA B 661 -15.09 11.59 8.04
CA ALA B 661 -14.34 11.23 9.24
C ALA B 661 -15.29 11.24 10.43
N THR B 662 -15.71 10.05 10.86
CA THR B 662 -16.59 9.89 12.01
C THR B 662 -15.86 9.12 13.11
N THR B 663 -16.56 8.93 14.22
CA THR B 663 -16.01 8.13 15.31
C THR B 663 -15.83 6.68 14.92
N HIS B 664 -16.42 6.24 13.80
CA HIS B 664 -16.29 4.88 13.31
C HIS B 664 -15.07 4.68 12.43
N SER B 665 -14.26 5.71 12.21
CA SER B 665 -13.09 5.63 11.34
C SER B 665 -11.85 5.15 12.08
N TRP B 666 -12.03 4.44 13.20
CA TRP B 666 -10.91 3.91 13.94
C TRP B 666 -10.04 3.02 13.06
N ILE B 667 -8.81 2.79 13.51
CA ILE B 667 -7.90 1.86 12.85
C ILE B 667 -7.77 0.64 13.74
N PRO B 668 -7.70 -0.57 13.17
CA PRO B 668 -7.74 -1.79 13.98
C PRO B 668 -6.44 -2.05 14.71
N LYS B 669 -6.47 -3.07 15.56
CA LYS B 669 -5.30 -3.46 16.35
C LYS B 669 -4.20 -4.00 15.44
N ARG B 670 -2.95 -3.85 15.90
CA ARG B 670 -1.81 -4.35 15.17
C ARG B 670 -1.48 -5.77 15.62
N ASN B 671 -0.43 -6.35 15.02
CA ASN B 671 -0.17 -7.77 15.20
C ASN B 671 0.14 -8.10 16.66
N ARG B 672 1.09 -7.38 17.26
CA ARG B 672 1.48 -7.51 18.67
C ARG B 672 2.34 -8.74 18.94
N SER B 673 2.75 -9.50 17.92
CA SER B 673 3.59 -10.66 18.15
C SER B 673 5.07 -10.34 18.23
N ILE B 674 5.46 -9.08 17.97
CA ILE B 674 6.86 -8.70 18.07
C ILE B 674 7.39 -8.82 19.49
N LEU B 675 6.51 -8.86 20.49
CA LEU B 675 6.94 -8.86 21.87
C LEU B 675 7.68 -10.13 22.26
N ASN B 676 7.50 -11.22 21.52
CA ASN B 676 8.13 -12.50 21.82
C ASN B 676 9.38 -12.76 21.00
N THR B 677 9.84 -11.78 20.22
CA THR B 677 10.98 -11.93 19.34
C THR B 677 12.15 -11.09 19.82
N SER B 678 13.36 -11.50 19.44
CA SER B 678 14.54 -10.71 19.77
C SER B 678 14.49 -9.33 19.13
N GLN B 679 13.72 -9.17 18.07
CA GLN B 679 13.54 -7.85 17.47
C GLN B 679 12.45 -7.08 18.21
N ARG B 680 12.60 -6.98 19.54
CA ARG B 680 11.62 -6.29 20.37
C ARG B 680 11.93 -4.81 20.50
N GLY B 681 13.19 -4.41 20.36
CA GLY B 681 13.55 -3.00 20.44
C GLY B 681 13.01 -2.17 19.29
N ILE B 682 12.56 -2.81 18.21
CA ILE B 682 12.00 -2.05 17.10
C ILE B 682 10.74 -1.30 17.54
N LEU B 683 10.00 -1.86 18.50
CA LEU B 683 8.79 -1.19 18.97
C LEU B 683 9.13 0.07 19.78
N GLU B 684 10.18 0.01 20.60
CA GLU B 684 10.60 1.20 21.33
C GLU B 684 11.06 2.29 20.37
N ASP B 685 11.83 1.91 19.34
CA ASP B 685 12.24 2.88 18.33
C ASP B 685 11.03 3.45 17.61
N GLU B 686 10.05 2.60 17.30
CA GLU B 686 8.81 3.08 16.69
C GLU B 686 8.15 4.13 17.56
N GLN B 687 8.00 3.84 18.85
CA GLN B 687 7.33 4.77 19.76
C GLN B 687 8.09 6.08 19.84
N MET B 688 9.42 6.03 19.97
CA MET B 688 10.19 7.25 20.09
C MET B 688 10.13 8.07 18.80
N TYR B 689 10.25 7.40 17.65
CA TYR B 689 10.15 8.09 16.37
C TYR B 689 8.79 8.75 16.21
N GLN B 690 7.72 8.05 16.62
CA GLN B 690 6.38 8.62 16.50
C GLN B 690 6.20 9.79 17.44
N LYS B 691 6.75 9.72 18.65
CA LYS B 691 6.68 10.86 19.55
C LYS B 691 7.38 12.07 18.96
N CYS B 692 8.59 11.87 18.42
CA CYS B 692 9.31 12.98 17.81
C CYS B 692 8.56 13.53 16.60
N CYS B 693 7.97 12.64 15.79
CA CYS B 693 7.23 13.09 14.62
C CYS B 693 5.99 13.88 15.01
N ASN B 694 5.28 13.44 16.05
CA ASN B 694 4.13 14.18 16.53
C ASN B 694 4.54 15.55 17.05
N LEU B 695 5.66 15.62 17.79
CA LEU B 695 6.14 16.90 18.26
C LEU B 695 6.48 17.82 17.09
N PHE B 696 7.16 17.28 16.07
CA PHE B 696 7.50 18.09 14.91
C PHE B 696 6.25 18.58 14.20
N GLU B 697 5.26 17.70 14.05
CA GLU B 697 4.00 18.09 13.40
C GLU B 697 3.31 19.20 14.16
N LYS B 698 3.27 19.10 15.49
CA LYS B 698 2.73 20.20 16.28
C LYS B 698 3.57 21.45 16.12
N PHE B 699 4.86 21.30 15.86
CA PHE B 699 5.70 22.45 15.56
C PHE B 699 5.57 22.87 14.10
N PHE B 700 5.44 21.91 13.19
CA PHE B 700 5.31 22.16 11.76
C PHE B 700 4.01 21.51 11.28
N PRO B 701 2.90 22.24 11.30
CA PRO B 701 1.62 21.61 10.95
C PRO B 701 1.57 21.01 9.56
N SER B 702 2.34 21.53 8.61
CA SER B 702 2.32 21.02 7.24
C SER B 702 3.19 19.78 7.06
N SER B 703 3.66 19.18 8.15
CA SER B 703 4.56 18.04 8.02
C SER B 703 3.89 16.89 7.26
N SER B 704 2.60 16.67 7.51
CA SER B 704 1.91 15.54 6.87
C SER B 704 1.57 15.85 5.42
N TYR B 705 0.91 16.98 5.17
CA TYR B 705 0.42 17.25 3.82
C TYR B 705 1.56 17.37 2.83
N ARG B 706 2.54 18.22 3.13
CA ARG B 706 3.76 18.35 2.34
C ARG B 706 4.93 17.92 3.22
N ARG B 707 5.63 16.88 2.80
CA ARG B 707 6.77 16.38 3.54
C ARG B 707 7.85 17.45 3.62
N PRO B 708 8.33 17.83 4.82
CA PRO B 708 9.33 18.89 4.90
C PRO B 708 10.62 18.51 4.21
N VAL B 709 11.33 19.53 3.72
CA VAL B 709 12.61 19.35 3.06
C VAL B 709 13.62 20.31 3.68
N GLY B 710 14.89 19.96 3.56
CA GLY B 710 15.95 20.76 4.12
C GLY B 710 17.12 19.89 4.51
N ILE B 711 18.13 20.53 5.11
CA ILE B 711 19.33 19.85 5.57
C ILE B 711 19.64 20.14 7.03
N SER B 712 18.79 20.89 7.73
CA SER B 712 18.99 21.13 9.15
C SER B 712 18.45 19.94 9.95
N SER B 713 18.70 19.98 11.25
CA SER B 713 18.25 18.94 12.17
C SER B 713 16.98 19.37 12.89
N MET B 714 16.34 18.40 13.56
CA MET B 714 15.04 18.64 14.18
C MET B 714 15.09 19.82 15.14
N VAL B 715 15.91 19.69 16.19
CA VAL B 715 15.82 20.58 17.32
C VAL B 715 16.09 22.02 16.90
N GLU B 716 16.94 22.23 15.89
CA GLU B 716 17.17 23.59 15.40
C GLU B 716 15.87 24.23 14.95
N ALA B 717 15.16 23.55 14.04
CA ALA B 717 13.91 24.08 13.53
C ALA B 717 12.89 24.25 14.64
N MET B 718 12.75 23.24 15.50
CA MET B 718 11.73 23.30 16.54
C MET B 718 12.00 24.45 17.51
N VAL B 719 13.24 24.60 17.98
CA VAL B 719 13.55 25.66 18.95
C VAL B 719 13.41 27.03 18.29
N SER B 720 13.87 27.18 17.05
CA SER B 720 13.82 28.48 16.40
C SER B 720 12.38 28.89 16.15
N ARG B 721 11.55 27.94 15.69
CA ARG B 721 10.14 28.25 15.51
C ARG B 721 9.46 28.52 16.85
N ALA B 722 9.91 27.88 17.93
CA ALA B 722 9.38 28.24 19.24
C ALA B 722 9.68 29.70 19.56
N ARG B 723 10.93 30.12 19.36
CA ARG B 723 11.29 31.53 19.49
C ARG B 723 10.26 32.40 18.78
N ILE B 724 10.16 32.20 17.46
CA ILE B 724 9.41 33.14 16.64
C ILE B 724 7.92 33.08 16.98
N ASP B 725 7.37 31.89 17.18
CA ASP B 725 5.94 31.78 17.42
C ASP B 725 5.56 32.39 18.75
N ALA B 726 6.38 32.18 19.79
CA ALA B 726 6.13 32.86 21.06
C ALA B 726 6.14 34.37 20.84
N ARG B 727 7.16 34.88 20.17
CA ARG B 727 7.21 36.30 19.86
C ARG B 727 5.90 36.78 19.26
N ILE B 728 5.53 36.23 18.11
CA ILE B 728 4.44 36.81 17.32
C ILE B 728 3.11 36.57 18.00
N ASP B 729 2.93 35.42 18.65
CA ASP B 729 1.69 35.14 19.33
C ASP B 729 1.53 36.01 20.56
N PHE B 730 2.62 36.53 21.12
CA PHE B 730 2.47 37.72 21.96
C PHE B 730 2.07 38.96 21.19
N GLU B 731 2.78 39.29 20.12
CA GLU B 731 2.45 40.53 19.43
C GLU B 731 0.95 40.61 19.14
N SER B 732 0.27 39.45 19.13
CA SER B 732 -1.18 39.40 19.33
C SER B 732 -1.56 37.97 19.70
N GLY B 733 -2.02 37.77 20.93
CA GLY B 733 -2.49 36.46 21.34
C GLY B 733 -2.33 36.23 22.84
N ARG B 734 -2.50 34.96 23.21
CA ARG B 734 -2.58 34.57 24.62
C ARG B 734 -1.27 34.80 25.37
N ILE B 735 -0.13 34.63 24.71
CA ILE B 735 1.17 34.69 25.40
C ILE B 735 1.23 35.97 26.23
N LYS B 736 2.09 35.97 27.27
CA LYS B 736 2.40 37.18 28.01
C LYS B 736 3.91 37.30 28.16
N LYS B 737 4.38 38.53 28.47
CA LYS B 737 5.82 38.75 28.66
C LYS B 737 6.43 37.68 29.55
N GLU B 738 5.78 37.37 30.68
CA GLU B 738 6.28 36.33 31.56
C GLU B 738 6.47 35.03 30.80
N GLU B 739 5.42 34.59 30.11
CA GLU B 739 5.49 33.36 29.34
C GLU B 739 6.45 33.47 28.15
N PHE B 740 6.50 34.61 27.47
CA PHE B 740 7.40 34.74 26.33
C PHE B 740 8.85 34.62 26.76
N ALA B 741 9.23 35.30 27.84
CA ALA B 741 10.58 35.20 28.36
C ALA B 741 10.87 33.79 28.87
N GLU B 742 9.87 33.17 29.51
CA GLU B 742 10.04 31.79 29.95
C GLU B 742 10.36 30.87 28.78
N ILE B 743 9.62 31.04 27.67
CA ILE B 743 9.90 30.25 26.47
C ILE B 743 11.28 30.57 25.91
N MET B 744 11.67 31.84 25.89
CA MET B 744 12.97 32.19 25.33
C MET B 744 14.09 31.51 26.12
N LYS B 745 14.02 31.58 27.45
CA LYS B 745 15.08 30.99 28.25
C LYS B 745 14.97 29.47 28.30
N ILE B 746 13.78 28.90 28.10
CA ILE B 746 13.66 27.45 27.96
C ILE B 746 14.30 27.00 26.64
N CYS B 747 14.14 27.80 25.59
CA CYS B 747 14.82 27.52 24.33
C CYS B 747 16.33 27.55 24.54
N SER B 748 16.82 28.54 25.29
CA SER B 748 18.25 28.57 25.61
C SER B 748 18.66 27.34 26.41
N THR B 749 17.79 26.89 27.32
CA THR B 749 18.10 25.71 28.12
C THR B 749 18.24 24.46 27.25
N ILE B 750 17.30 24.27 26.32
CA ILE B 750 17.40 23.11 25.44
C ILE B 750 18.59 23.25 24.50
N GLU B 751 18.94 24.49 24.15
CA GLU B 751 20.13 24.72 23.36
C GLU B 751 21.38 24.22 24.09
N GLU B 752 21.56 24.65 25.34
CA GLU B 752 22.73 24.22 26.09
C GLU B 752 22.67 22.73 26.42
N LEU B 753 21.46 22.16 26.49
CA LEU B 753 21.34 20.72 26.66
C LEU B 753 21.83 19.97 25.43
N ARG B 754 21.45 20.45 24.24
CA ARG B 754 21.94 19.84 23.01
C ARG B 754 23.44 20.03 22.86
N ARG B 755 23.98 21.15 23.35
CA ARG B 755 25.43 21.30 23.44
C ARG B 755 26.05 20.13 24.20
N GLN B 756 25.43 19.71 25.29
CA GLN B 756 25.93 18.61 26.09
C GLN B 756 24.85 17.58 26.36
N MET C 1 3.45 27.14 25.14
CA MET C 1 4.06 26.70 26.43
C MET C 1 4.29 25.19 26.43
N GLU C 2 3.19 24.44 26.37
CA GLU C 2 3.27 22.98 26.45
C GLU C 2 4.26 22.41 25.43
N ARG C 3 4.11 22.83 24.16
CA ARG C 3 4.83 22.17 23.08
C ARG C 3 6.33 22.11 23.36
N ILE C 4 6.93 23.26 23.65
CA ILE C 4 8.35 23.29 23.97
C ILE C 4 8.62 22.51 25.24
N LYS C 5 7.61 22.34 26.10
CA LYS C 5 7.85 21.61 27.33
C LYS C 5 8.01 20.11 27.08
N GLU C 6 7.14 19.51 26.26
CA GLU C 6 7.41 18.11 25.95
C GLU C 6 8.64 17.99 25.06
N LEU C 7 8.96 19.04 24.30
CA LEU C 7 10.24 19.04 23.58
C LEU C 7 11.41 18.89 24.55
N ARG C 8 11.42 19.70 25.61
CA ARG C 8 12.49 19.62 26.60
C ARG C 8 12.47 18.28 27.32
N ASP C 9 11.28 17.76 27.63
CA ASP C 9 11.19 16.45 28.27
C ASP C 9 11.76 15.36 27.37
N LEU C 10 11.48 15.42 26.08
CA LEU C 10 12.05 14.47 25.13
C LEU C 10 13.57 14.58 25.11
N MET C 11 14.08 15.81 24.98
CA MET C 11 15.52 16.00 24.96
C MET C 11 16.18 15.62 26.27
N SER C 12 15.41 15.51 27.36
CA SER C 12 15.99 15.10 28.64
C SER C 12 16.54 13.68 28.55
N GLN C 13 15.80 12.77 27.92
CA GLN C 13 16.24 11.39 27.81
C GLN C 13 17.19 11.23 26.63
N SER C 14 18.24 10.44 26.84
CA SER C 14 19.37 10.43 25.91
C SER C 14 18.96 9.92 24.52
N ARG C 15 18.17 8.86 24.46
CA ARG C 15 17.86 8.24 23.16
C ARG C 15 17.07 9.20 22.27
N THR C 16 16.00 9.79 22.82
CA THR C 16 15.22 10.74 22.04
C THR C 16 16.04 11.98 21.71
N ARG C 17 16.95 12.38 22.61
CA ARG C 17 17.83 13.51 22.31
C ARG C 17 18.70 13.20 21.09
N GLU C 18 19.27 12.00 21.05
CA GLU C 18 20.08 11.62 19.89
C GLU C 18 19.24 11.56 18.63
N ILE C 19 18.03 11.02 18.73
CA ILE C 19 17.16 10.95 17.55
C ILE C 19 16.87 12.36 17.04
N LEU C 20 16.61 13.29 17.95
CA LEU C 20 16.31 14.66 17.55
C LEU C 20 17.54 15.36 16.98
N THR C 21 18.73 15.04 17.50
CA THR C 21 19.92 15.75 17.06
C THR C 21 20.44 15.25 15.73
N LYS C 22 20.63 13.94 15.59
CA LYS C 22 21.28 13.42 14.38
C LYS C 22 20.33 13.36 13.19
N THR C 23 19.03 13.25 13.42
CA THR C 23 18.07 13.12 12.34
C THR C 23 17.83 14.48 11.68
N THR C 24 17.99 14.55 10.37
CA THR C 24 17.75 15.78 9.62
C THR C 24 16.29 15.87 9.20
N VAL C 25 15.89 17.08 8.80
CA VAL C 25 14.49 17.32 8.45
C VAL C 25 14.06 16.48 7.26
N ASP C 26 14.96 16.29 6.30
CA ASP C 26 14.58 15.55 5.09
C ASP C 26 14.15 14.13 5.44
N HIS C 27 14.86 13.49 6.36
CA HIS C 27 14.54 12.11 6.76
C HIS C 27 13.23 12.04 7.55
N MET C 28 12.61 13.19 7.88
CA MET C 28 11.33 13.19 8.58
C MET C 28 10.40 12.09 8.11
N ALA C 29 10.12 12.04 6.81
CA ALA C 29 9.14 11.09 6.31
C ALA C 29 9.59 9.67 6.62
N ILE C 30 10.84 9.35 6.34
CA ILE C 30 11.32 7.98 6.48
C ILE C 30 11.03 7.46 7.89
N ILE C 31 11.60 8.12 8.90
CA ILE C 31 11.41 7.67 10.27
C ILE C 31 9.94 7.70 10.67
N LYS C 32 9.14 8.58 10.06
CA LYS C 32 7.72 8.60 10.40
C LYS C 32 7.02 7.36 9.88
N LYS C 33 7.45 6.86 8.74
CA LYS C 33 6.92 5.60 8.19
C LYS C 33 7.67 4.39 8.71
N TYR C 34 8.75 4.58 9.48
CA TYR C 34 9.48 3.47 10.06
C TYR C 34 8.57 2.69 11.00
N THR C 35 8.20 1.48 10.61
CA THR C 35 7.32 0.66 11.42
C THR C 35 7.59 -0.81 11.16
N SER C 36 7.31 -1.64 12.17
CA SER C 36 7.40 -3.08 12.03
C SER C 36 6.09 -3.69 11.52
N GLY C 37 5.04 -2.90 11.42
CA GLY C 37 3.75 -3.43 11.01
C GLY C 37 3.69 -3.65 9.52
N ARG C 38 3.56 -4.90 9.09
CA ARG C 38 3.38 -5.20 7.68
C ARG C 38 1.99 -4.78 7.22
N GLN C 39 1.89 -4.42 5.94
CA GLN C 39 0.59 -4.11 5.36
C GLN C 39 -0.18 -5.40 5.13
N GLU C 40 -1.42 -5.43 5.60
CA GLU C 40 -2.18 -6.68 5.57
C GLU C 40 -2.45 -7.13 4.15
N LYS C 41 -2.29 -8.45 3.93
CA LYS C 41 -2.57 -9.03 2.62
C LYS C 41 -4.05 -9.38 2.45
N ASN C 42 -4.70 -9.83 3.52
CA ASN C 42 -6.11 -10.21 3.50
C ASN C 42 -6.83 -9.46 4.59
N PRO C 43 -7.21 -8.19 4.34
CA PRO C 43 -7.85 -7.41 5.42
C PRO C 43 -9.18 -7.97 5.86
N ALA C 44 -9.99 -8.49 4.94
CA ALA C 44 -11.33 -8.96 5.30
C ALA C 44 -11.26 -10.11 6.29
N LEU C 45 -10.35 -11.06 6.05
CA LEU C 45 -10.27 -12.24 6.91
C LEU C 45 -9.97 -11.84 8.35
N ARG C 46 -9.02 -10.93 8.55
CA ARG C 46 -8.65 -10.54 9.89
C ARG C 46 -9.66 -9.58 10.53
N MET C 47 -10.30 -8.72 9.73
CA MET C 47 -11.36 -7.91 10.29
C MET C 47 -12.52 -8.76 10.78
N LYS C 48 -12.82 -9.85 10.06
CA LYS C 48 -13.83 -10.78 10.55
C LYS C 48 -13.32 -11.63 11.70
N TRP C 49 -12.00 -11.73 11.87
CA TRP C 49 -11.40 -12.50 12.93
C TRP C 49 -11.09 -11.66 14.17
N MET C 50 -10.68 -10.41 13.97
CA MET C 50 -10.35 -9.56 15.11
C MET C 50 -11.60 -9.08 15.84
N MET C 51 -12.68 -8.80 15.11
CA MET C 51 -13.89 -8.28 15.74
C MET C 51 -14.52 -9.27 16.70
N ALA C 52 -14.12 -10.54 16.65
CA ALA C 52 -14.58 -11.52 17.62
C ALA C 52 -13.78 -11.48 18.91
N MET C 53 -12.76 -10.65 18.99
CA MET C 53 -11.97 -10.47 20.21
C MET C 53 -12.53 -9.34 21.04
N LYS C 54 -12.11 -9.30 22.30
CA LYS C 54 -12.38 -8.16 23.16
C LYS C 54 -11.24 -7.15 23.02
N TYR C 55 -11.60 -5.88 22.92
CA TYR C 55 -10.64 -4.81 22.66
C TYR C 55 -10.00 -5.02 21.29
N PRO C 56 -10.78 -4.96 20.19
CA PRO C 56 -10.20 -5.14 18.86
C PRO C 56 -9.76 -3.85 18.17
N ILE C 57 -10.16 -2.67 18.65
CA ILE C 57 -9.80 -1.44 17.97
C ILE C 57 -8.80 -0.68 18.82
N THR C 58 -8.29 0.44 18.32
CA THR C 58 -7.30 1.24 19.03
C THR C 58 -7.77 2.68 19.13
N ALA C 59 -7.40 3.33 20.22
CA ALA C 59 -7.79 4.72 20.45
C ALA C 59 -6.72 5.41 21.26
N ASP C 60 -6.72 6.75 21.19
CA ASP C 60 -5.73 7.54 21.90
C ASP C 60 -5.87 7.32 23.41
N LYS C 61 -4.79 7.64 24.13
CA LYS C 61 -4.80 7.47 25.58
C LYS C 61 -5.89 8.30 26.23
N ARG C 62 -6.26 9.42 25.61
CA ARG C 62 -7.22 10.33 26.24
C ARG C 62 -8.55 9.64 26.51
N ILE C 63 -8.85 8.56 25.78
CA ILE C 63 -10.10 7.84 25.99
C ILE C 63 -10.21 7.37 27.43
N MET C 64 -9.09 7.09 28.08
CA MET C 64 -9.10 6.62 29.46
C MET C 64 -9.65 7.67 30.42
N GLU C 65 -9.75 8.93 30.00
CA GLU C 65 -10.23 10.00 30.87
C GLU C 65 -11.48 10.68 30.32
N MET C 66 -12.17 10.05 29.37
CA MET C 66 -13.46 10.59 28.91
C MET C 66 -14.54 9.52 29.00
N ILE C 67 -14.18 8.26 28.85
CA ILE C 67 -15.12 7.15 28.83
C ILE C 67 -14.81 6.25 30.02
N PRO C 68 -15.80 5.85 30.80
CA PRO C 68 -15.51 4.96 31.94
C PRO C 68 -15.01 3.60 31.48
N GLU C 69 -14.23 2.96 32.35
CA GLU C 69 -13.65 1.66 32.00
C GLU C 69 -14.71 0.60 31.75
N ARG C 70 -15.90 0.76 32.31
CA ARG C 70 -16.97 -0.22 32.13
C ARG C 70 -18.31 0.50 32.05
N ASN C 71 -19.27 -0.16 31.40
CA ASN C 71 -20.61 0.36 31.23
C ASN C 71 -21.49 -0.14 32.37
N GLU C 72 -22.81 0.01 32.20
CA GLU C 72 -23.73 -0.22 33.31
C GLU C 72 -23.62 -1.65 33.84
N GLN C 73 -23.62 -2.64 32.95
CA GLN C 73 -23.57 -4.04 33.40
C GLN C 73 -22.16 -4.50 33.69
N GLY C 74 -21.15 -3.69 33.39
CA GLY C 74 -19.77 -4.08 33.61
C GLY C 74 -19.03 -4.53 32.38
N GLN C 75 -19.60 -4.42 31.18
CA GLN C 75 -18.86 -4.71 29.98
C GLN C 75 -17.75 -3.68 29.81
N THR C 76 -16.51 -4.15 29.70
CA THR C 76 -15.38 -3.24 29.61
C THR C 76 -15.40 -2.49 28.28
N LEU C 77 -15.10 -1.20 28.32
CA LEU C 77 -15.09 -0.36 27.15
C LEU C 77 -13.68 -0.10 26.61
N TRP C 78 -12.69 -0.01 27.49
CA TRP C 78 -11.31 0.22 27.06
C TRP C 78 -10.38 -0.50 28.01
N SER C 79 -9.17 -0.78 27.51
CA SER C 79 -8.11 -1.39 28.30
C SER C 79 -6.92 -0.43 28.34
N LYS C 80 -6.12 -0.57 29.40
CA LYS C 80 -4.94 0.28 29.59
C LYS C 80 -3.70 -0.27 28.93
N THR C 81 -3.76 -1.45 28.32
CA THR C 81 -2.62 -2.03 27.63
C THR C 81 -2.44 -1.35 26.28
N ASN C 82 -1.27 -0.77 26.06
CA ASN C 82 -1.02 0.01 24.85
C ASN C 82 -0.83 -0.90 23.64
N ASP C 83 -0.93 -0.30 22.46
CA ASP C 83 -0.73 -1.03 21.22
C ASP C 83 0.73 -1.48 21.11
N ALA C 84 1.04 -2.20 20.04
CA ALA C 84 2.37 -2.74 19.84
C ALA C 84 3.42 -1.63 19.76
N GLY C 85 3.33 -0.80 18.73
CA GLY C 85 4.33 0.23 18.49
C GLY C 85 3.78 1.64 18.59
N SER C 86 2.91 1.88 19.55
CA SER C 86 2.32 3.19 19.74
C SER C 86 1.87 3.35 21.19
N ASP C 87 1.65 4.59 21.59
CA ASP C 87 1.14 4.88 22.92
C ASP C 87 -0.37 4.72 23.03
N ARG C 88 -1.06 4.46 21.92
CA ARG C 88 -2.49 4.29 21.94
C ARG C 88 -2.85 2.98 22.66
N VAL C 89 -4.07 2.94 23.20
CA VAL C 89 -4.56 1.80 23.97
C VAL C 89 -5.63 1.09 23.17
N MET C 90 -5.66 -0.23 23.31
CA MET C 90 -6.66 -1.05 22.66
C MET C 90 -7.98 -0.97 23.42
N VAL C 91 -9.06 -0.76 22.69
CA VAL C 91 -10.39 -0.59 23.27
C VAL C 91 -11.41 -1.39 22.48
N SER C 92 -12.55 -1.62 23.13
CA SER C 92 -13.63 -2.42 22.59
C SER C 92 -14.51 -1.57 21.67
N PRO C 93 -15.25 -2.19 20.74
CA PRO C 93 -16.10 -1.40 19.85
C PRO C 93 -17.24 -0.71 20.57
N LEU C 94 -17.65 -1.19 21.74
CA LEU C 94 -18.70 -0.52 22.49
C LEU C 94 -18.30 0.91 22.84
N ALA C 95 -17.02 1.14 23.11
CA ALA C 95 -16.56 2.49 23.40
C ALA C 95 -16.88 3.44 22.26
N VAL C 96 -17.03 2.94 21.04
CA VAL C 96 -17.52 3.76 19.95
C VAL C 96 -18.99 4.11 20.16
N THR C 97 -19.83 3.09 20.29
CA THR C 97 -21.26 3.34 20.43
C THR C 97 -21.55 4.14 21.69
N TRP C 98 -20.83 3.86 22.78
CA TRP C 98 -20.99 4.66 23.98
C TRP C 98 -20.73 6.13 23.68
N TRP C 99 -19.65 6.43 22.94
CA TRP C 99 -19.35 7.81 22.60
C TRP C 99 -20.48 8.45 21.80
N ASN C 100 -21.30 7.66 21.12
CA ASN C 100 -22.40 8.18 20.32
C ASN C 100 -23.70 8.31 21.10
N ARG C 101 -23.73 7.92 22.37
CA ARG C 101 -24.94 8.03 23.17
C ARG C 101 -24.76 8.84 24.45
N ASN C 102 -23.54 8.91 24.99
CA ASN C 102 -23.28 9.78 26.14
C ASN C 102 -21.97 10.53 26.03
N GLY C 103 -21.24 10.43 24.92
CA GLY C 103 -20.00 11.15 24.77
C GLY C 103 -20.22 12.63 24.61
N PRO C 104 -19.13 13.41 24.66
CA PRO C 104 -19.27 14.86 24.50
C PRO C 104 -19.87 15.21 23.15
N THR C 105 -20.67 16.28 23.14
CA THR C 105 -21.32 16.78 21.93
C THR C 105 -20.73 18.12 21.55
N THR C 106 -20.79 18.43 20.26
CA THR C 106 -20.24 19.65 19.71
C THR C 106 -21.24 20.20 18.69
N SER C 107 -20.81 21.24 17.97
CA SER C 107 -21.62 21.86 16.92
C SER C 107 -21.07 21.41 15.57
N ALA C 108 -21.77 20.48 14.93
CA ALA C 108 -21.37 19.94 13.63
C ALA C 108 -21.94 20.75 12.46
N VAL C 109 -22.28 22.02 12.69
CA VAL C 109 -22.87 22.82 11.62
C VAL C 109 -21.90 23.07 10.49
N HIS C 110 -20.59 23.04 10.77
CA HIS C 110 -19.60 23.38 9.77
C HIS C 110 -19.12 22.19 8.94
N TYR C 111 -19.45 20.96 9.34
CA TYR C 111 -19.12 19.81 8.51
C TYR C 111 -19.73 19.91 7.11
N PRO C 112 -20.98 20.32 6.94
CA PRO C 112 -21.47 20.57 5.57
C PRO C 112 -20.60 21.53 4.79
N LYS C 113 -20.07 22.57 5.45
CA LYS C 113 -19.19 23.50 4.77
C LYS C 113 -17.86 22.86 4.40
N ILE C 114 -17.35 21.95 5.23
CA ILE C 114 -16.08 21.29 4.92
C ILE C 114 -16.29 20.27 3.80
N TYR C 115 -17.11 19.25 4.04
CA TYR C 115 -17.35 18.18 3.07
C TYR C 115 -18.29 18.70 2.00
N LYS C 116 -17.78 19.67 1.23
CA LYS C 116 -18.60 20.33 0.22
C LYS C 116 -19.03 19.35 -0.87
N THR C 117 -18.11 18.48 -1.31
CA THR C 117 -18.41 17.60 -2.44
C THR C 117 -19.58 16.67 -2.13
N TYR C 118 -19.52 16.00 -0.99
CA TYR C 118 -20.55 15.02 -0.67
C TYR C 118 -21.92 15.67 -0.46
N PHE C 119 -21.95 16.80 0.25
CA PHE C 119 -23.22 17.47 0.46
C PHE C 119 -23.76 18.04 -0.84
N GLU C 120 -22.89 18.51 -1.73
CA GLU C 120 -23.35 18.93 -3.05
C GLU C 120 -23.94 17.77 -3.83
N LYS C 121 -23.33 16.59 -3.73
CA LYS C 121 -23.92 15.40 -4.36
C LYS C 121 -25.30 15.13 -3.80
N VAL C 122 -25.45 15.19 -2.47
CA VAL C 122 -26.74 14.93 -1.85
C VAL C 122 -27.78 15.94 -2.32
N GLU C 123 -27.41 17.21 -2.34
CA GLU C 123 -28.34 18.25 -2.77
C GLU C 123 -28.73 18.06 -4.23
N ARG C 124 -27.77 17.72 -5.08
CA ARG C 124 -28.06 17.51 -6.50
C ARG C 124 -29.03 16.35 -6.68
N LEU C 125 -28.83 15.26 -5.94
CA LEU C 125 -29.72 14.11 -6.09
C LEU C 125 -31.10 14.35 -5.49
N LYS C 126 -31.17 15.09 -4.39
CA LYS C 126 -32.46 15.27 -3.71
C LYS C 126 -33.47 15.97 -4.60
N HIS C 127 -33.01 16.89 -5.44
CA HIS C 127 -33.88 17.67 -6.32
C HIS C 127 -33.93 17.11 -7.73
N GLY C 128 -33.36 15.93 -7.97
CA GLY C 128 -33.43 15.33 -9.29
C GLY C 128 -34.82 14.87 -9.64
N THR C 129 -35.07 14.76 -10.94
CA THR C 129 -36.36 14.33 -11.46
C THR C 129 -36.11 13.16 -12.42
N PHE C 130 -36.71 12.01 -12.11
CA PHE C 130 -36.56 10.83 -12.95
C PHE C 130 -37.55 10.86 -14.10
N GLY C 131 -37.39 9.90 -15.00
CA GLY C 131 -38.25 9.78 -16.16
C GLY C 131 -38.50 8.33 -16.52
N PRO C 132 -39.20 8.10 -17.62
CA PRO C 132 -39.49 6.71 -18.03
C PRO C 132 -38.23 5.96 -18.40
N VAL C 133 -38.26 4.65 -18.18
CA VAL C 133 -37.17 3.77 -18.55
C VAL C 133 -37.42 3.25 -19.96
N HIS C 134 -36.46 3.44 -20.85
CA HIS C 134 -36.57 3.02 -22.23
C HIS C 134 -35.65 1.83 -22.46
N PHE C 135 -36.21 0.73 -22.96
CA PHE C 135 -35.47 -0.51 -23.16
C PHE C 135 -35.04 -0.60 -24.61
N ARG C 136 -33.73 -0.44 -24.84
CA ARG C 136 -33.15 -0.60 -26.16
C ARG C 136 -31.66 -0.79 -26.00
N ASN C 137 -31.05 -1.49 -26.96
CA ASN C 137 -29.62 -1.77 -26.87
C ASN C 137 -28.83 -0.47 -26.79
N GLN C 138 -27.92 -0.40 -25.83
CA GLN C 138 -27.08 0.77 -25.62
C GLN C 138 -25.68 0.48 -26.15
N VAL C 139 -25.20 1.36 -27.04
CA VAL C 139 -23.86 1.21 -27.61
C VAL C 139 -22.91 1.96 -26.67
N LYS C 140 -22.44 1.25 -25.66
CA LYS C 140 -21.49 1.82 -24.71
C LYS C 140 -20.12 1.92 -25.36
N ILE C 141 -19.62 3.13 -25.52
CA ILE C 141 -18.30 3.35 -26.07
C ILE C 141 -17.45 3.98 -24.98
N ARG C 142 -16.18 3.59 -24.93
CA ARG C 142 -15.29 3.96 -23.85
C ARG C 142 -14.63 5.30 -24.15
N ARG C 143 -14.69 6.21 -23.18
CA ARG C 143 -14.22 7.57 -23.34
C ARG C 143 -13.58 8.06 -22.05
N ARG C 144 -12.68 9.03 -22.18
CA ARG C 144 -12.06 9.69 -21.04
C ARG C 144 -12.95 10.85 -20.60
N VAL C 145 -13.39 10.83 -19.33
CA VAL C 145 -14.30 11.83 -18.81
C VAL C 145 -13.84 12.26 -17.42
N ASP C 146 -14.24 13.46 -17.02
CA ASP C 146 -13.92 13.99 -15.71
C ASP C 146 -15.01 13.59 -14.73
N ILE C 147 -14.62 12.99 -13.59
CA ILE C 147 -15.60 12.52 -12.63
C ILE C 147 -15.94 13.60 -11.62
N ASN C 148 -14.96 14.39 -11.22
CA ASN C 148 -15.19 15.40 -10.18
C ASN C 148 -16.01 16.53 -10.75
N PRO C 149 -17.21 16.82 -10.23
CA PRO C 149 -18.04 17.87 -10.81
C PRO C 149 -17.80 19.25 -10.24
N GLY C 150 -16.86 19.41 -9.31
CA GLY C 150 -16.61 20.69 -8.70
C GLY C 150 -15.18 21.18 -8.91
N HIS C 151 -14.44 20.51 -9.78
CA HIS C 151 -13.05 20.91 -10.04
C HIS C 151 -13.01 22.36 -10.52
N ALA C 152 -12.13 23.15 -9.92
CA ALA C 152 -12.02 24.56 -10.21
C ALA C 152 -11.03 24.87 -11.34
N ASP C 153 -10.80 23.91 -12.23
CA ASP C 153 -9.87 24.08 -13.35
C ASP C 153 -8.43 24.20 -12.84
N LEU C 154 -8.08 23.37 -11.86
CA LEU C 154 -6.74 23.35 -11.30
C LEU C 154 -6.22 21.91 -11.27
N SER C 155 -4.91 21.77 -11.45
CA SER C 155 -4.26 20.48 -11.33
C SER C 155 -3.91 20.20 -9.88
N ALA C 156 -3.28 19.05 -9.64
CA ALA C 156 -2.89 18.69 -8.28
C ALA C 156 -1.90 19.69 -7.70
N LYS C 157 -0.74 19.83 -8.34
CA LYS C 157 0.26 20.79 -7.86
C LYS C 157 -0.27 22.22 -7.92
N GLU C 158 -1.02 22.55 -8.97
CA GLU C 158 -1.51 23.90 -9.13
C GLU C 158 -2.38 24.33 -7.96
N ALA C 159 -3.23 23.43 -7.46
CA ALA C 159 -4.09 23.74 -6.32
C ALA C 159 -3.45 23.41 -4.99
N GLN C 160 -2.33 22.70 -4.98
CA GLN C 160 -1.69 22.35 -3.71
C GLN C 160 -1.18 23.60 -3.01
N ASP C 161 -0.60 24.55 -3.76
CA ASP C 161 -0.17 25.81 -3.15
C ASP C 161 -1.35 26.58 -2.61
N VAL C 162 -2.46 26.61 -3.36
CA VAL C 162 -3.67 27.26 -2.88
C VAL C 162 -4.12 26.64 -1.57
N ILE C 163 -4.11 25.30 -1.50
CA ILE C 163 -4.55 24.61 -0.30
C ILE C 163 -3.65 24.95 0.88
N MET C 164 -2.33 24.96 0.68
CA MET C 164 -1.44 25.31 1.77
C MET C 164 -1.72 26.73 2.25
N GLU C 165 -1.77 27.69 1.32
CA GLU C 165 -2.01 29.07 1.72
C GLU C 165 -3.36 29.24 2.39
N VAL C 166 -4.33 28.38 2.09
CA VAL C 166 -5.63 28.46 2.76
C VAL C 166 -5.55 27.87 4.16
N VAL C 167 -4.83 26.77 4.33
CA VAL C 167 -4.76 26.07 5.61
C VAL C 167 -3.47 26.38 6.34
N PHE C 168 -2.32 26.26 5.66
CA PHE C 168 -1.02 26.50 6.27
C PHE C 168 -0.40 27.75 5.66
N PRO C 169 -0.86 28.95 6.05
CA PRO C 169 -0.37 30.16 5.37
C PRO C 169 1.11 30.43 5.58
N ASN C 170 1.73 29.88 6.62
CA ASN C 170 3.10 30.21 6.95
C ASN C 170 4.13 29.31 6.27
N GLU C 171 3.75 28.09 5.90
CA GLU C 171 4.65 27.14 5.27
C GLU C 171 4.63 27.22 3.74
N VAL C 172 3.99 28.26 3.19
CA VAL C 172 3.91 28.39 1.73
C VAL C 172 5.31 28.50 1.13
N GLY C 173 6.21 29.25 1.78
CA GLY C 173 7.55 29.43 1.27
C GLY C 173 7.65 30.51 0.20
N ALA C 174 8.35 30.21 -0.89
CA ALA C 174 8.53 31.21 -1.94
C ALA C 174 7.22 31.53 -2.64
N ARG C 175 6.38 30.53 -2.85
CA ARG C 175 5.23 30.70 -3.73
C ARG C 175 4.28 31.76 -3.20
N ILE C 176 3.92 32.69 -4.08
CA ILE C 176 2.79 33.59 -3.87
C ILE C 176 1.94 33.52 -5.13
N LEU C 177 0.69 33.11 -4.97
CA LEU C 177 -0.09 32.66 -6.12
C LEU C 177 -0.39 33.83 -7.04
N THR C 178 -0.15 33.65 -8.33
CA THR C 178 -0.30 34.74 -9.30
C THR C 178 -1.71 34.79 -9.87
N SER C 179 -2.23 33.66 -10.33
CA SER C 179 -3.55 33.63 -10.97
C SER C 179 -4.60 34.17 -10.01
N GLU C 180 -5.45 35.07 -10.53
CA GLU C 180 -6.48 35.71 -9.71
C GLU C 180 -7.61 34.77 -9.35
N SER C 181 -7.87 33.75 -10.17
CA SER C 181 -8.83 32.72 -9.77
C SER C 181 -8.39 32.09 -8.46
N GLN C 182 -7.10 31.78 -8.35
CA GLN C 182 -6.57 31.25 -7.10
C GLN C 182 -6.73 32.27 -5.98
N LEU C 183 -6.57 33.56 -6.29
CA LEU C 183 -6.77 34.59 -5.26
C LEU C 183 -8.18 34.52 -4.69
N THR C 184 -9.19 34.49 -5.57
CA THR C 184 -10.57 34.47 -5.09
C THR C 184 -10.89 33.18 -4.35
N ILE C 185 -10.36 32.05 -4.84
CA ILE C 185 -10.59 30.78 -4.15
C ILE C 185 -9.98 30.83 -2.75
N THR C 186 -8.76 31.35 -2.64
CA THR C 186 -8.13 31.48 -1.33
C THR C 186 -8.97 32.36 -0.41
N LYS C 187 -9.42 33.51 -0.92
CA LYS C 187 -10.22 34.40 -0.08
C LYS C 187 -11.48 33.71 0.41
N GLU C 188 -12.21 33.06 -0.50
CA GLU C 188 -13.48 32.44 -0.13
C GLU C 188 -13.27 31.31 0.87
N LYS C 189 -12.36 30.38 0.57
CA LYS C 189 -12.15 29.25 1.45
C LYS C 189 -11.40 29.63 2.72
N LYS C 190 -10.83 30.82 2.77
CA LYS C 190 -10.22 31.31 4.00
C LYS C 190 -11.28 31.88 4.93
N GLU C 191 -12.12 32.78 4.40
CA GLU C 191 -13.16 33.37 5.23
C GLU C 191 -14.23 32.34 5.61
N GLU C 192 -14.40 31.30 4.79
CA GLU C 192 -15.44 30.32 5.08
C GLU C 192 -15.01 29.37 6.20
N LEU C 193 -13.74 28.95 6.20
CA LEU C 193 -13.24 27.97 7.14
C LEU C 193 -12.31 28.59 8.18
N GLN C 194 -12.64 29.79 8.65
CA GLN C 194 -11.68 30.58 9.42
C GLN C 194 -11.44 29.97 10.80
N ASP C 195 -12.46 29.38 11.41
CA ASP C 195 -12.33 28.78 12.74
C ASP C 195 -12.69 27.30 12.78
N CYS C 196 -12.88 26.66 11.63
CA CYS C 196 -13.22 25.24 11.63
C CYS C 196 -12.10 24.43 12.27
N LYS C 197 -12.47 23.52 13.16
CA LYS C 197 -11.52 22.78 13.99
C LYS C 197 -11.62 21.28 13.78
N ILE C 198 -11.87 20.86 12.55
CA ILE C 198 -11.98 19.43 12.26
C ILE C 198 -10.59 18.83 12.28
N SER C 199 -9.77 19.21 11.31
CA SER C 199 -8.35 18.89 11.30
C SER C 199 -7.71 19.60 10.11
N PRO C 200 -6.49 20.12 10.24
CA PRO C 200 -5.84 20.71 9.06
C PRO C 200 -5.67 19.72 7.93
N LEU C 201 -5.33 18.46 8.25
CA LEU C 201 -5.05 17.48 7.21
C LEU C 201 -6.30 17.11 6.42
N MET C 202 -7.41 16.86 7.12
CA MET C 202 -8.64 16.53 6.41
C MET C 202 -9.17 17.71 5.62
N VAL C 203 -9.04 18.92 6.16
CA VAL C 203 -9.46 20.11 5.41
C VAL C 203 -8.66 20.22 4.13
N ALA C 204 -7.33 20.03 4.22
CA ALA C 204 -6.49 20.10 3.04
C ALA C 204 -6.86 18.99 2.05
N TYR C 205 -7.11 17.78 2.53
CA TYR C 205 -7.45 16.68 1.64
C TYR C 205 -8.75 16.96 0.89
N MET C 206 -9.76 17.44 1.60
CA MET C 206 -11.04 17.70 0.94
C MET C 206 -10.95 18.91 0.00
N LEU C 207 -10.16 19.92 0.34
CA LEU C 207 -9.95 21.01 -0.60
C LEU C 207 -9.25 20.50 -1.87
N GLU C 208 -8.26 19.61 -1.70
CA GLU C 208 -7.62 19.01 -2.86
C GLU C 208 -8.62 18.26 -3.72
N ARG C 209 -9.49 17.48 -3.07
CA ARG C 209 -10.47 16.72 -3.82
C ARG C 209 -11.43 17.64 -4.57
N GLU C 210 -11.88 18.71 -3.91
CA GLU C 210 -12.87 19.60 -4.52
C GLU C 210 -12.28 20.39 -5.68
N LEU C 211 -11.11 21.01 -5.47
CA LEU C 211 -10.58 21.92 -6.46
C LEU C 211 -9.82 21.22 -7.57
N VAL C 212 -9.09 20.15 -7.27
CA VAL C 212 -8.25 19.49 -8.26
C VAL C 212 -9.12 18.72 -9.24
N ARG C 213 -8.83 18.89 -10.53
CA ARG C 213 -9.50 18.13 -11.57
C ARG C 213 -8.93 16.71 -11.66
N LYS C 214 -9.83 15.74 -11.81
CA LYS C 214 -9.43 14.35 -11.93
C LYS C 214 -10.24 13.73 -13.06
N THR C 215 -9.62 12.81 -13.78
CA THR C 215 -10.19 12.25 -15.00
C THR C 215 -9.97 10.74 -15.02
N ARG C 216 -10.94 10.01 -15.55
CA ARG C 216 -10.83 8.56 -15.66
C ARG C 216 -11.54 8.10 -16.92
N PHE C 217 -11.17 6.92 -17.37
CA PHE C 217 -11.66 6.35 -18.60
C PHE C 217 -12.80 5.40 -18.26
N LEU C 218 -13.98 5.61 -18.87
CA LEU C 218 -15.17 4.85 -18.50
C LEU C 218 -15.99 4.55 -19.74
N PRO C 219 -16.78 3.46 -19.73
CA PRO C 219 -17.71 3.19 -20.82
C PRO C 219 -18.98 3.99 -20.66
N VAL C 220 -19.21 4.93 -21.58
CA VAL C 220 -20.34 5.85 -21.50
C VAL C 220 -21.18 5.70 -22.77
N ALA C 221 -22.45 6.11 -22.64
CA ALA C 221 -23.37 6.20 -23.77
C ALA C 221 -24.25 7.42 -23.54
N GLY C 222 -23.96 8.50 -24.25
CA GLY C 222 -24.62 9.76 -23.99
C GLY C 222 -23.98 10.50 -22.82
N GLY C 223 -24.76 11.40 -22.22
CA GLY C 223 -24.29 12.13 -21.06
C GLY C 223 -23.03 12.92 -21.35
N THR C 224 -21.90 12.45 -20.81
CA THR C 224 -20.56 13.02 -20.97
C THR C 224 -20.36 14.24 -20.08
N SER C 225 -21.40 14.72 -19.39
CA SER C 225 -21.26 15.85 -18.49
C SER C 225 -20.81 15.37 -17.11
N SER C 226 -20.15 16.28 -16.38
CA SER C 226 -19.63 15.93 -15.07
C SER C 226 -20.75 15.51 -14.12
N VAL C 227 -21.84 16.28 -14.10
CA VAL C 227 -22.97 15.94 -13.24
C VAL C 227 -23.66 14.66 -13.69
N TYR C 228 -23.63 14.35 -14.98
CA TYR C 228 -24.28 13.15 -15.50
C TYR C 228 -23.40 11.91 -15.41
N ILE C 229 -22.13 12.05 -15.03
CA ILE C 229 -21.25 10.90 -14.93
C ILE C 229 -21.26 10.30 -13.52
N GLU C 230 -21.49 11.12 -12.49
CA GLU C 230 -21.54 10.57 -11.14
C GLU C 230 -22.72 9.61 -10.97
N VAL C 231 -23.80 9.81 -11.72
CA VAL C 231 -24.95 8.93 -11.70
C VAL C 231 -24.96 8.00 -12.91
N LEU C 232 -23.79 7.79 -13.52
CA LEU C 232 -23.72 6.92 -14.70
C LEU C 232 -24.21 5.51 -14.40
N HIS C 233 -24.10 5.06 -13.15
CA HIS C 233 -24.61 3.75 -12.78
C HIS C 233 -26.13 3.69 -12.78
N LEU C 234 -26.80 4.82 -12.60
CA LEU C 234 -28.25 4.84 -12.47
C LEU C 234 -28.96 5.21 -13.78
N THR C 235 -28.28 5.89 -14.70
CA THR C 235 -28.90 6.35 -15.92
C THR C 235 -28.66 5.44 -17.12
N GLN C 236 -27.54 4.71 -17.15
CA GLN C 236 -27.17 3.87 -18.28
C GLN C 236 -26.96 2.44 -17.82
N GLY C 237 -27.48 1.50 -18.62
CA GLY C 237 -27.33 0.09 -18.33
C GLY C 237 -27.01 -0.71 -19.58
N THR C 238 -27.16 -2.04 -19.49
CA THR C 238 -26.86 -2.90 -20.62
C THR C 238 -27.94 -2.81 -21.70
N CYS C 239 -29.21 -2.77 -21.29
CA CYS C 239 -30.31 -2.74 -22.23
C CYS C 239 -31.41 -1.76 -21.81
N TRP C 240 -31.11 -0.82 -20.92
CA TRP C 240 -32.10 0.13 -20.44
C TRP C 240 -31.46 1.48 -20.21
N GLU C 241 -32.20 2.54 -20.50
CA GLU C 241 -31.78 3.91 -20.25
C GLU C 241 -32.82 4.59 -19.37
N GLN C 242 -32.33 5.25 -18.32
CA GLN C 242 -33.17 5.94 -17.35
C GLN C 242 -32.89 7.43 -17.44
N MET C 243 -33.81 8.17 -18.05
CA MET C 243 -33.64 9.61 -18.18
C MET C 243 -33.61 10.25 -16.80
N TYR C 244 -32.64 11.14 -16.58
CA TYR C 244 -32.43 11.76 -15.29
C TYR C 244 -31.92 13.19 -15.50
N THR C 245 -32.32 14.07 -14.59
CA THR C 245 -31.89 15.47 -14.64
C THR C 245 -31.53 15.91 -13.21
N PRO C 246 -30.24 15.98 -12.88
CA PRO C 246 -29.86 16.37 -11.51
C PRO C 246 -30.49 17.68 -11.07
N GLY C 247 -30.46 17.94 -9.76
CA GLY C 247 -31.10 19.13 -9.25
C GLY C 247 -30.44 20.42 -9.69
N GLY C 248 -29.15 20.35 -10.04
CA GLY C 248 -28.46 21.56 -10.47
C GLY C 248 -29.08 22.20 -11.69
N GLU C 249 -29.48 21.38 -12.66
CA GLU C 249 -30.09 21.88 -13.89
C GLU C 249 -31.61 22.04 -13.71
N GLN F 1 49.78 45.94 12.66
CA GLN F 1 50.58 46.69 13.68
C GLN F 1 49.98 48.04 13.99
N VAL F 2 49.75 48.30 15.28
CA VAL F 2 49.43 49.58 15.87
C VAL F 2 50.10 49.35 17.21
N GLN F 3 50.73 50.35 17.83
CA GLN F 3 51.54 50.09 18.99
C GLN F 3 51.26 51.17 20.02
N LEU F 4 51.56 50.87 21.29
CA LEU F 4 51.21 51.70 22.42
C LEU F 4 52.45 52.13 23.16
N GLN F 5 52.48 53.40 23.61
CA GLN F 5 53.55 53.90 24.44
C GLN F 5 52.97 54.35 25.77
N GLU F 6 53.26 53.61 26.86
CA GLU F 6 53.08 54.08 28.21
C GLU F 6 53.96 55.28 28.56
N SER F 7 53.44 56.21 29.36
CA SER F 7 54.19 57.30 29.96
C SER F 7 53.69 57.47 31.38
N GLY F 8 54.45 58.17 32.23
CA GLY F 8 54.21 58.19 33.67
C GLY F 8 54.88 57.02 34.34
N GLY F 9 54.71 56.89 35.67
CA GLY F 9 55.38 55.89 36.49
C GLY F 9 56.45 56.53 37.34
N GLY F 10 57.35 55.72 37.92
CA GLY F 10 58.40 56.18 38.80
C GLY F 10 58.17 55.83 40.24
N LEU F 11 58.96 56.45 41.14
CA LEU F 11 58.87 56.26 42.57
C LEU F 11 57.91 57.28 43.17
N VAL F 12 57.05 56.85 44.09
CA VAL F 12 55.98 57.69 44.63
C VAL F 12 55.74 57.30 46.08
N GLN F 13 55.27 58.24 46.92
CA GLN F 13 55.08 58.04 48.35
C GLN F 13 53.79 57.27 48.67
N ALA F 14 53.70 56.66 49.87
CA ALA F 14 52.47 56.06 50.32
C ALA F 14 51.37 57.09 50.62
N GLY F 15 50.19 56.94 49.99
CA GLY F 15 49.08 57.88 50.08
C GLY F 15 49.12 58.95 49.00
N ASP F 16 50.19 58.99 48.20
CA ASP F 16 50.40 59.95 47.15
C ASP F 16 49.76 59.48 45.84
N SER F 17 49.91 60.27 44.77
CA SER F 17 49.21 60.13 43.52
C SER F 17 50.13 60.04 42.32
N LEU F 18 49.66 59.41 41.23
CA LEU F 18 50.41 59.37 39.98
C LEU F 18 49.46 59.48 38.81
N ARG F 19 50.01 59.94 37.68
CA ARG F 19 49.30 60.02 36.42
C ARG F 19 50.04 59.13 35.46
N LEU F 20 49.35 58.14 34.88
CA LEU F 20 49.90 57.35 33.79
C LEU F 20 49.18 57.79 32.54
N SER F 21 49.83 57.65 31.38
CA SER F 21 49.16 57.86 30.11
C SER F 21 49.62 56.83 29.11
N CYS F 22 48.79 56.54 28.11
CA CYS F 22 49.04 55.55 27.09
C CYS F 22 48.66 56.14 25.76
N ALA F 23 49.62 56.30 24.83
CA ALA F 23 49.36 56.89 23.53
C ALA F 23 49.39 55.82 22.45
N ALA F 24 48.39 55.81 21.54
CA ALA F 24 48.25 54.77 20.53
C ALA F 24 48.47 55.29 19.12
N SER F 25 49.64 54.99 18.52
CA SER F 25 50.14 55.66 17.32
C SER F 25 49.30 55.54 16.06
N ILE F 33 38.05 48.86 22.41
CA ILE F 33 38.09 48.93 23.87
C ILE F 33 39.57 49.07 24.22
N MET F 34 39.89 49.85 25.28
CA MET F 34 41.23 50.21 25.69
C MET F 34 41.37 49.97 27.20
N ALA F 35 42.59 50.13 27.78
CA ALA F 35 42.90 49.45 29.02
C ALA F 35 44.01 50.00 29.90
N TRP F 36 44.04 49.50 31.17
CA TRP F 36 45.25 49.36 31.96
C TRP F 36 45.27 48.03 32.70
N PHE F 37 46.48 47.48 32.87
CA PHE F 37 46.77 46.24 33.54
C PHE F 37 48.03 46.44 34.37
N ARG F 38 48.33 45.55 35.35
CA ARG F 38 49.59 45.60 36.05
C ARG F 38 50.15 44.20 36.33
N GLN F 39 51.44 44.09 36.70
CA GLN F 39 52.03 42.82 37.06
C GLN F 39 53.15 42.98 38.08
N THR F 40 53.28 42.03 39.02
CA THR F 40 54.21 42.05 40.14
C THR F 40 55.01 40.75 40.11
N PRO F 41 56.16 40.57 40.76
CA PRO F 41 56.63 39.23 41.09
C PRO F 41 55.70 38.56 42.09
N GLY F 42 55.68 37.22 42.13
CA GLY F 42 54.96 36.46 43.16
C GLY F 42 53.51 36.22 42.88
N LYS F 43 52.95 36.87 41.82
CA LYS F 43 51.59 36.63 41.38
C LYS F 43 51.53 36.67 39.86
N GLU F 44 50.45 37.26 39.31
CA GLU F 44 50.03 37.13 37.95
C GLU F 44 49.78 38.49 37.31
N ARG F 45 49.47 38.48 35.99
CA ARG F 45 48.92 39.63 35.30
C ARG F 45 47.59 40.13 35.91
N GLU F 46 47.55 41.33 36.50
CA GLU F 46 46.46 41.74 37.36
C GLU F 46 45.64 42.88 36.76
N LEU F 47 44.31 42.66 36.67
CA LEU F 47 43.36 43.60 36.10
C LEU F 47 43.18 44.88 36.89
N VAL F 48 43.33 46.02 36.19
CA VAL F 48 43.12 47.35 36.75
C VAL F 48 41.84 47.93 36.18
N ALA F 49 41.80 48.31 34.88
CA ALA F 49 40.66 49.04 34.36
C ALA F 49 40.46 48.90 32.86
N ARG F 50 39.20 49.12 32.41
CA ARG F 50 38.74 49.02 31.04
C ARG F 50 37.94 50.25 30.67
N LEU F 51 38.00 50.68 29.39
CA LEU F 51 37.03 51.62 28.86
C LEU F 51 36.76 51.43 27.38
N GLN F 58 33.14 52.84 31.93
CA GLN F 58 34.35 52.59 32.70
C GLN F 58 34.16 51.38 33.60
N TYR F 59 35.05 50.36 33.51
CA TYR F 59 34.94 49.16 34.34
C TYR F 59 36.27 48.91 35.05
N TYR F 60 36.23 48.55 36.35
CA TYR F 60 37.42 48.45 37.21
C TYR F 60 37.40 47.13 37.96
N ARG F 61 38.54 46.70 38.55
CA ARG F 61 38.58 45.61 39.52
C ARG F 61 38.33 46.16 40.94
N ASP F 62 37.71 45.35 41.81
CA ASP F 62 37.23 45.67 43.14
C ASP F 62 38.24 46.26 44.10
N SER F 63 39.49 45.74 44.09
CA SER F 63 40.62 46.18 44.90
C SER F 63 41.10 47.60 44.58
N VAL F 64 40.66 48.14 43.43
CA VAL F 64 41.15 49.37 42.87
C VAL F 64 40.06 50.44 42.80
N LYS F 65 38.78 50.09 43.08
CA LYS F 65 37.66 51.02 42.96
C LYS F 65 37.78 52.28 43.82
N GLY F 66 37.43 53.45 43.24
CA GLY F 66 37.46 54.75 43.92
C GLY F 66 38.82 55.38 43.99
N ARG F 67 39.89 54.57 44.12
CA ARG F 67 41.26 55.04 44.11
C ARG F 67 41.78 55.44 42.74
N PHE F 68 41.49 54.65 41.69
CA PHE F 68 42.05 54.92 40.37
C PHE F 68 40.94 55.26 39.39
N THR F 69 41.11 56.36 38.64
CA THR F 69 40.17 56.80 37.62
C THR F 69 40.84 56.73 36.28
N LEU F 70 40.40 55.77 35.44
CA LEU F 70 40.74 55.69 34.04
C LEU F 70 39.89 56.67 33.24
N SER F 71 40.45 57.30 32.20
CA SER F 71 39.71 58.15 31.28
C SER F 71 40.41 58.18 29.94
N ARG F 72 39.78 58.75 28.90
CA ARG F 72 40.40 58.82 27.58
C ARG F 72 40.27 60.18 26.95
N ASP F 73 41.17 60.46 26.00
CA ASP F 73 40.93 61.38 24.93
C ASP F 73 40.97 60.56 23.63
N ASN F 74 40.05 60.90 22.70
CA ASN F 74 40.00 60.28 21.40
C ASN F 74 40.65 61.18 20.35
N ALA F 75 40.84 62.48 20.67
CA ALA F 75 41.32 63.50 19.76
C ALA F 75 42.82 63.41 19.48
N LYS F 76 43.63 63.21 20.55
CA LYS F 76 45.05 62.99 20.50
C LYS F 76 45.41 61.61 21.02
N ASN F 77 44.49 60.63 20.87
CA ASN F 77 44.82 59.22 20.78
C ASN F 77 45.39 58.64 22.08
N THR F 78 45.00 59.21 23.23
CA THR F 78 45.73 59.06 24.48
C THR F 78 44.79 58.77 25.63
N LEU F 79 45.06 57.67 26.36
CA LEU F 79 44.33 57.31 27.56
C LEU F 79 45.11 57.70 28.79
N TYR F 80 44.41 57.83 29.93
CA TYR F 80 45.00 58.31 31.16
C TYR F 80 44.54 57.44 32.30
N LEU F 81 45.46 57.07 33.22
CA LEU F 81 45.08 56.50 34.49
C LEU F 81 45.47 57.52 35.54
N GLN F 82 44.49 58.03 36.30
CA GLN F 82 44.74 58.78 37.51
C GLN F 82 44.78 57.76 38.63
N MET F 83 45.86 57.75 39.43
CA MET F 83 45.95 56.86 40.56
C MET F 83 46.09 57.71 41.80
N ASN F 84 45.10 57.68 42.71
CA ASN F 84 45.14 58.46 43.93
C ASN F 84 45.18 57.52 45.12
N SER F 85 45.82 57.94 46.23
CA SER F 85 45.91 57.16 47.47
C SER F 85 46.62 55.84 47.28
N LEU F 86 47.80 55.90 46.65
CA LEU F 86 48.65 54.75 46.37
C LEU F 86 49.17 54.04 47.60
N LYS F 87 49.37 52.72 47.48
CA LYS F 87 49.70 51.89 48.61
C LYS F 87 50.87 50.98 48.25
N PRO F 88 51.68 50.44 49.16
CA PRO F 88 52.82 49.57 48.85
C PRO F 88 52.49 48.40 47.93
N GLU F 89 51.33 47.76 48.13
CA GLU F 89 50.80 46.68 47.31
C GLU F 89 50.42 47.07 45.88
N ASP F 90 50.54 48.35 45.49
CA ASP F 90 50.39 48.78 44.11
C ASP F 90 51.73 48.91 43.38
N THR F 91 52.87 48.53 44.01
CA THR F 91 54.17 48.46 43.35
C THR F 91 54.22 47.42 42.24
N ALA F 92 54.29 47.86 40.96
CA ALA F 92 54.14 46.96 39.84
C ALA F 92 54.63 47.57 38.54
N VAL F 93 54.75 46.76 37.47
CA VAL F 93 54.82 47.28 36.12
C VAL F 93 53.40 47.45 35.63
N TYR F 94 53.05 48.62 35.06
CA TYR F 94 51.72 48.94 34.58
C TYR F 94 51.77 49.02 33.06
N TYR F 95 50.82 48.31 32.39
CA TYR F 95 50.78 48.14 30.96
C TYR F 95 49.44 48.62 30.44
N CYS F 96 49.37 49.14 29.20
CA CYS F 96 48.12 49.36 28.50
C CYS F 96 47.96 48.39 27.34
N ALA F 97 46.73 48.27 26.82
CA ALA F 97 46.38 47.27 25.81
C ALA F 97 45.14 47.70 25.05
N PHE F 98 44.81 47.05 23.91
CA PHE F 98 43.57 47.33 23.19
C PHE F 98 43.05 46.15 22.37
N THR F 99 41.73 46.15 22.09
CA THR F 99 41.05 45.15 21.25
C THR F 99 40.90 45.59 19.80
N ASP F 113 44.43 42.25 21.58
CA ASP F 113 45.26 42.04 20.42
C ASP F 113 46.67 42.65 20.53
N TYR F 114 46.77 43.85 21.14
CA TYR F 114 48.03 44.56 21.25
C TYR F 114 48.19 45.13 22.64
N TRP F 115 49.46 45.31 23.05
CA TRP F 115 49.89 45.75 24.36
C TRP F 115 51.00 46.76 24.17
N GLY F 116 51.30 47.56 25.21
CA GLY F 116 52.51 48.38 25.28
C GLY F 116 53.69 47.67 25.87
N GLN F 117 54.78 48.41 26.16
CA GLN F 117 55.97 47.86 26.78
C GLN F 117 55.91 47.94 28.30
N GLY F 118 55.05 48.81 28.84
CA GLY F 118 54.88 48.99 30.27
C GLY F 118 55.83 49.97 30.92
N THR F 119 55.37 50.58 32.03
CA THR F 119 56.17 51.46 32.85
C THR F 119 56.07 51.02 34.30
N GLN F 120 57.11 51.22 35.12
CA GLN F 120 57.11 50.75 36.49
C GLN F 120 56.66 51.83 37.45
N VAL F 121 55.75 51.45 38.36
CA VAL F 121 55.22 52.29 39.41
C VAL F 121 55.69 51.68 40.70
N THR F 122 56.48 52.41 41.50
CA THR F 122 57.00 51.90 42.76
C THR F 122 56.49 52.76 43.88
N VAL F 123 55.60 52.18 44.72
CA VAL F 123 54.99 52.90 45.82
C VAL F 123 55.73 52.53 47.08
#